data_4GGP
#
_entry.id   4GGP
#
_cell.length_a   62.580
_cell.length_b   87.680
_cell.length_c   91.990
_cell.angle_alpha   106.248
_cell.angle_beta   109.854
_cell.angle_gamma   98.335
#
_symmetry.space_group_name_H-M   'P 1'
#
loop_
_entity.id
_entity.type
_entity.pdbx_description
1 polymer 'Trans-2-enoyl-CoA reductase'
2 water water
#
_entity_poly.entity_id   1
_entity_poly.type   'polypeptide(L)'
_entity_poly.pdbx_seq_one_letter_code
;GTGA(MSE)IVKP(MSE)VRNNICLNAHPQGCKKGVEDQIEYTKKRITAEVKAGAKAPKNVLVLGCSNGYGLASRITAAF
GYGAATIGVSFEKAGSETKYGTPGWYNNLAFDEAAKREGLYSVTIDGDAFSDEIKAQVIEEAKKKGIKFDLIVYSLASPV
RTDPDTGI(MSE)HKSVLKPFGKTFTGKTVDPFTGELKEISAEPANDEEAAATVKV(MSE)GGEDWERWIKQLSKEGLLE
EGCITLAYSYIGPEATQALYRKGTIGKAKEHLEATAHRLNKENPSIRAFVSVNKGLVTRASAVIPVIPLYLASLFKV
(MSE)KEKGNHEGCIEQITRLYAERLYRKDGTIPVDEENRIRIDDWELEEDVQKAVSAL(MSE)EKVTGENAESLTDLAG
YRHDFLASNGFDVEGINYEAEVERFDRI
;
_entity_poly.pdbx_strand_id   A,B,C,D
#
# COMPACT_ATOMS: atom_id res chain seq x y z
N MSE A 5 35.66 -16.53 5.17
CA MSE A 5 34.50 -17.39 4.98
C MSE A 5 33.25 -16.59 4.60
O MSE A 5 32.67 -15.90 5.43
CB MSE A 5 34.24 -18.21 6.23
CG MSE A 5 35.34 -19.20 6.55
SE MSE A 5 35.09 -20.04 8.30
CE MSE A 5 35.20 -18.45 9.40
N ILE A 6 32.85 -16.71 3.34
CA ILE A 6 31.63 -16.07 2.88
C ILE A 6 30.46 -17.05 3.06
N VAL A 7 29.45 -16.62 3.79
CA VAL A 7 28.29 -17.48 4.04
C VAL A 7 27.06 -17.09 3.22
N LYS A 8 26.75 -17.93 2.25
CA LYS A 8 25.59 -17.79 1.41
C LYS A 8 24.66 -18.96 1.73
N PRO A 9 23.35 -18.81 1.47
CA PRO A 9 22.42 -19.89 1.80
C PRO A 9 22.66 -21.18 1.01
N MSE A 10 22.71 -22.29 1.73
CA MSE A 10 22.86 -23.61 1.11
C MSE A 10 21.59 -24.41 1.38
O MSE A 10 21.35 -24.86 2.50
CB MSE A 10 24.06 -24.34 1.71
CG MSE A 10 24.23 -25.77 1.21
SE MSE A 10 24.79 -25.87 -0.66
CE MSE A 10 26.38 -24.75 -0.52
N VAL A 11 20.77 -24.57 0.34
CA VAL A 11 19.50 -25.27 0.49
C VAL A 11 19.51 -26.62 -0.24
N ARG A 12 19.23 -27.69 0.51
CA ARG A 12 19.12 -29.03 -0.04
C ARG A 12 18.02 -29.78 0.69
N ASN A 13 17.28 -30.62 -0.03
CA ASN A 13 16.12 -31.32 0.52
C ASN A 13 15.13 -30.33 1.16
N ASN A 14 14.95 -29.19 0.49
CA ASN A 14 14.05 -28.13 0.96
C ASN A 14 14.37 -27.63 2.37
N ILE A 15 15.63 -27.71 2.75
CA ILE A 15 16.07 -27.22 4.05
C ILE A 15 17.29 -26.34 3.90
N CYS A 16 17.27 -25.17 4.53
CA CYS A 16 18.44 -24.30 4.57
C CYS A 16 19.42 -24.82 5.62
N LEU A 17 20.59 -25.24 5.15
CA LEU A 17 21.53 -26.00 5.97
C LEU A 17 22.38 -25.12 6.89
N ASN A 18 22.61 -23.87 6.48
CA ASN A 18 23.44 -22.96 7.29
C ASN A 18 22.69 -21.73 7.80
N ALA A 19 23.42 -20.82 8.45
CA ALA A 19 22.82 -19.62 8.99
C ALA A 19 23.84 -18.47 9.01
N HIS A 20 23.33 -17.24 8.94
CA HIS A 20 24.18 -16.06 8.97
C HIS A 20 24.03 -15.35 10.31
N PRO A 21 25.12 -15.29 11.11
CA PRO A 21 25.07 -14.76 12.48
C PRO A 21 24.60 -13.30 12.58
N GLN A 22 25.16 -12.41 11.78
CA GLN A 22 24.78 -11.01 11.84
C GLN A 22 23.39 -10.80 11.25
N GLY A 23 23.03 -11.62 10.27
CA GLY A 23 21.70 -11.57 9.69
C GLY A 23 20.63 -11.95 10.70
N CYS A 24 20.87 -13.03 11.43
CA CYS A 24 19.95 -13.47 12.48
C CYS A 24 19.77 -12.36 13.52
N LYS A 25 20.86 -11.66 13.81
CA LYS A 25 20.89 -10.57 14.77
C LYS A 25 20.09 -9.37 14.29
N LYS A 26 20.30 -8.98 13.04
CA LYS A 26 19.55 -7.87 12.44
C LYS A 26 18.06 -8.20 12.47
N GLY A 27 17.75 -9.48 12.23
CA GLY A 27 16.37 -9.94 12.24
C GLY A 27 15.72 -9.73 13.59
N VAL A 28 16.41 -10.11 14.67
CA VAL A 28 15.90 -9.90 16.01
C VAL A 28 15.76 -8.41 16.33
N GLU A 29 16.78 -7.63 16.00
CA GLU A 29 16.73 -6.19 16.23
C GLU A 29 15.59 -5.50 15.49
N ASP A 30 15.29 -5.98 14.28
CA ASP A 30 14.17 -5.42 13.52
C ASP A 30 12.84 -5.68 14.21
N GLN A 31 12.69 -6.88 14.79
CA GLN A 31 11.48 -7.22 15.51
C GLN A 31 11.36 -6.38 16.78
N ILE A 32 12.49 -6.15 17.45
CA ILE A 32 12.52 -5.32 18.65
C ILE A 32 12.11 -3.90 18.32
N GLU A 33 12.65 -3.36 17.23
CA GLU A 33 12.31 -2.00 16.83
C GLU A 33 10.83 -1.86 16.49
N TYR A 34 10.29 -2.82 15.74
CA TYR A 34 8.85 -2.81 15.45
C TYR A 34 8.04 -2.84 16.72
N THR A 35 8.45 -3.68 17.66
CA THR A 35 7.73 -3.85 18.91
C THR A 35 7.66 -2.52 19.69
N LYS A 36 8.77 -1.81 19.74
CA LYS A 36 8.84 -0.53 20.42
C LYS A 36 7.89 0.51 19.80
N LYS A 37 7.70 0.43 18.49
CA LYS A 37 6.82 1.37 17.80
C LYS A 37 5.36 0.93 17.89
N ARG A 38 5.15 -0.38 17.98
CA ARG A 38 3.80 -0.93 18.00
C ARG A 38 3.17 -0.89 19.39
N ILE A 39 3.95 -1.25 20.40
CA ILE A 39 3.48 -1.30 21.77
C ILE A 39 3.89 -0.03 22.51
N THR A 40 3.11 1.04 22.32
CA THR A 40 3.44 2.34 22.87
C THR A 40 2.79 2.55 24.23
N ALA A 41 3.03 3.72 24.82
CA ALA A 41 2.46 4.08 26.12
C ALA A 41 0.93 4.07 26.06
N GLU A 42 0.37 4.56 24.95
CA GLU A 42 -1.08 4.59 24.78
C GLU A 42 -1.64 3.19 24.68
N VAL A 43 -0.95 2.32 23.94
CA VAL A 43 -1.38 0.94 23.79
C VAL A 43 -1.40 0.20 25.13
N LYS A 44 -0.44 0.52 26.00
CA LYS A 44 -0.34 -0.13 27.31
C LYS A 44 -1.19 0.54 28.40
N ALA A 45 -1.39 1.84 28.30
CA ALA A 45 -2.10 2.61 29.34
C ALA A 45 -3.54 2.15 29.52
N GLY A 46 -3.85 1.64 30.71
CA GLY A 46 -5.21 1.27 31.05
C GLY A 46 -5.44 -0.22 30.93
N ALA A 47 -4.42 -0.93 30.45
CA ALA A 47 -4.47 -2.37 30.36
C ALA A 47 -3.53 -3.01 31.38
N LYS A 48 -3.75 -4.28 31.68
CA LYS A 48 -2.80 -5.06 32.46
C LYS A 48 -1.55 -5.37 31.61
N ALA A 49 -0.50 -5.87 32.26
CA ALA A 49 0.73 -6.20 31.56
C ALA A 49 1.34 -7.46 32.15
N PRO A 50 2.01 -8.27 31.32
CA PRO A 50 2.74 -9.43 31.86
C PRO A 50 3.99 -8.99 32.60
N LYS A 51 4.34 -9.67 33.68
CA LYS A 51 5.49 -9.27 34.48
C LYS A 51 6.64 -10.29 34.41
N ASN A 52 6.30 -11.56 34.60
CA ASN A 52 7.27 -12.64 34.44
C ASN A 52 6.76 -13.67 33.46
N VAL A 53 7.50 -13.87 32.38
CA VAL A 53 7.02 -14.70 31.29
C VAL A 53 7.94 -15.88 31.00
N LEU A 54 7.34 -17.06 30.86
CA LEU A 54 8.08 -18.24 30.42
C LEU A 54 7.68 -18.57 28.98
N VAL A 55 8.67 -18.69 28.10
CA VAL A 55 8.40 -19.04 26.70
C VAL A 55 9.12 -20.32 26.33
N LEU A 56 8.35 -21.39 26.14
CA LEU A 56 8.89 -22.66 25.68
C LEU A 56 8.96 -22.68 24.16
N GLY A 57 10.18 -22.72 23.62
CA GLY A 57 10.40 -22.60 22.18
C GLY A 57 10.64 -21.16 21.80
N CYS A 58 11.59 -20.53 22.48
CA CYS A 58 11.79 -19.10 22.41
C CYS A 58 12.73 -18.59 21.30
N SER A 59 13.31 -19.48 20.51
CA SER A 59 14.41 -19.08 19.62
C SER A 59 14.02 -18.73 18.17
N ASN A 60 12.80 -19.07 17.76
CA ASN A 60 12.38 -18.79 16.38
C ASN A 60 10.88 -18.52 16.28
N GLY A 61 10.45 -18.02 15.13
CA GLY A 61 9.04 -17.86 14.82
C GLY A 61 8.19 -17.15 15.87
N TYR A 62 7.06 -17.77 16.21
CA TYR A 62 6.07 -17.22 17.14
C TYR A 62 6.59 -17.16 18.57
N GLY A 63 7.40 -18.14 18.96
CA GLY A 63 8.00 -18.16 20.30
C GLY A 63 8.92 -16.97 20.50
N LEU A 64 9.82 -16.75 19.55
CA LEU A 64 10.74 -15.61 19.60
C LEU A 64 10.00 -14.27 19.64
N ALA A 65 8.96 -14.16 18.83
CA ALA A 65 8.17 -12.94 18.77
C ALA A 65 7.44 -12.73 20.10
N SER A 66 6.99 -13.83 20.71
CA SER A 66 6.30 -13.73 21.99
C SER A 66 7.23 -13.22 23.08
N ARG A 67 8.48 -13.65 23.02
CA ARG A 67 9.47 -13.22 24.01
C ARG A 67 9.86 -11.76 23.82
N ILE A 68 10.00 -11.35 22.57
CA ILE A 68 10.34 -9.97 22.22
C ILE A 68 9.20 -9.00 22.59
N THR A 69 7.96 -9.42 22.34
CA THR A 69 6.80 -8.60 22.67
C THR A 69 6.68 -8.42 24.18
N ALA A 70 6.85 -9.51 24.93
CA ALA A 70 6.79 -9.43 26.39
C ALA A 70 7.86 -8.51 26.96
N ALA A 71 9.10 -8.72 26.51
CA ALA A 71 10.24 -8.01 27.07
C ALA A 71 10.35 -6.56 26.59
N PHE A 72 10.36 -6.35 25.29
CA PHE A 72 10.60 -5.03 24.73
C PHE A 72 9.32 -4.22 24.50
N GLY A 73 8.19 -4.90 24.48
CA GLY A 73 6.90 -4.22 24.47
C GLY A 73 6.46 -3.81 25.87
N TYR A 74 6.43 -4.78 26.79
CA TYR A 74 5.83 -4.58 28.11
C TYR A 74 6.82 -4.53 29.29
N GLY A 75 8.10 -4.69 28.99
CA GLY A 75 9.13 -4.61 30.03
C GLY A 75 9.16 -5.79 30.98
N ALA A 76 8.67 -6.94 30.52
CA ALA A 76 8.59 -8.12 31.37
C ALA A 76 9.90 -8.89 31.46
N ALA A 77 10.15 -9.51 32.61
CA ALA A 77 11.24 -10.45 32.76
C ALA A 77 10.86 -11.74 32.05
N THR A 78 11.82 -12.37 31.37
CA THR A 78 11.54 -13.58 30.61
C THR A 78 12.56 -14.69 30.80
N ILE A 79 12.06 -15.92 30.93
CA ILE A 79 12.89 -17.10 30.82
C ILE A 79 12.49 -17.84 29.54
N GLY A 80 13.45 -18.04 28.66
CA GLY A 80 13.21 -18.76 27.42
C GLY A 80 13.86 -20.13 27.40
N VAL A 81 13.15 -21.11 26.87
CA VAL A 81 13.69 -22.46 26.70
C VAL A 81 13.72 -22.82 25.22
N SER A 82 14.85 -23.33 24.75
CA SER A 82 14.95 -23.84 23.38
C SER A 82 16.13 -24.80 23.25
N PHE A 83 16.01 -25.73 22.30
CA PHE A 83 17.05 -26.72 22.07
C PHE A 83 17.82 -26.36 20.81
N GLU A 84 18.99 -25.74 20.99
CA GLU A 84 19.78 -25.28 19.85
C GLU A 84 21.11 -26.01 19.74
N LYS A 85 21.83 -25.76 18.66
CA LYS A 85 23.20 -26.23 18.54
C LYS A 85 24.13 -25.02 18.57
N ALA A 86 25.06 -25.01 19.52
CA ALA A 86 26.00 -23.91 19.62
C ALA A 86 26.91 -23.89 18.40
N GLY A 87 27.44 -22.72 18.10
CA GLY A 87 28.40 -22.59 17.02
C GLY A 87 29.81 -22.57 17.56
N SER A 88 30.76 -23.02 16.74
CA SER A 88 32.16 -22.92 17.11
C SER A 88 32.81 -21.89 16.19
N GLU A 89 34.14 -21.84 16.21
CA GLU A 89 34.88 -20.89 15.39
C GLU A 89 34.65 -21.11 13.90
N THR A 90 34.44 -22.36 13.51
CA THR A 90 34.33 -22.70 12.08
C THR A 90 33.07 -23.48 11.73
N LYS A 91 32.23 -23.75 12.72
CA LYS A 91 31.00 -24.51 12.48
C LYS A 91 29.76 -23.69 12.81
N TYR A 92 28.75 -23.77 11.95
CA TYR A 92 27.50 -23.06 12.14
C TYR A 92 26.73 -23.56 13.34
N GLY A 93 26.23 -22.63 14.14
CA GLY A 93 25.17 -22.95 15.08
C GLY A 93 23.85 -22.98 14.34
N THR A 94 22.78 -23.40 15.00
CA THR A 94 21.46 -23.27 14.44
C THR A 94 21.07 -21.79 14.48
N PRO A 95 20.15 -21.36 13.59
CA PRO A 95 19.71 -19.96 13.61
C PRO A 95 19.20 -19.52 14.99
N GLY A 96 18.46 -20.41 15.66
CA GLY A 96 17.91 -20.10 16.97
C GLY A 96 18.96 -19.78 18.01
N TRP A 97 20.15 -20.33 17.84
CA TRP A 97 21.26 -20.06 18.76
C TRP A 97 21.71 -18.62 18.63
N TYR A 98 21.85 -18.14 17.40
CA TYR A 98 22.19 -16.74 17.17
C TYR A 98 21.05 -15.81 17.59
N ASN A 99 19.81 -16.24 17.39
CA ASN A 99 18.65 -15.47 17.84
C ASN A 99 18.64 -15.25 19.36
N ASN A 100 18.85 -16.33 20.11
CA ASN A 100 18.96 -16.24 21.56
C ASN A 100 20.08 -15.30 22.02
N LEU A 101 21.24 -15.40 21.38
CA LEU A 101 22.35 -14.52 21.72
C LEU A 101 22.00 -13.05 21.49
N ALA A 102 21.41 -12.77 20.33
CA ALA A 102 20.97 -11.41 20.01
C ALA A 102 19.92 -10.92 21.00
N PHE A 103 19.01 -11.80 21.40
CA PHE A 103 17.98 -11.42 22.35
C PHE A 103 18.56 -11.08 23.72
N ASP A 104 19.37 -12.00 24.25
CA ASP A 104 19.95 -11.80 25.57
C ASP A 104 20.82 -10.55 25.61
N GLU A 105 21.53 -10.29 24.52
CA GLU A 105 22.38 -9.11 24.44
C GLU A 105 21.58 -7.81 24.45
N ALA A 106 20.50 -7.76 23.67
CA ALA A 106 19.64 -6.58 23.65
C ALA A 106 18.94 -6.40 24.99
N ALA A 107 18.49 -7.51 25.57
CA ALA A 107 17.82 -7.48 26.87
C ALA A 107 18.74 -6.87 27.93
N LYS A 108 19.99 -7.32 27.93
CA LYS A 108 20.98 -6.84 28.88
C LYS A 108 21.27 -5.36 28.65
N ARG A 109 21.32 -4.98 27.38
CA ARG A 109 21.61 -3.60 27.01
C ARG A 109 20.48 -2.68 27.48
N GLU A 110 19.30 -3.26 27.67
CA GLU A 110 18.12 -2.49 28.09
C GLU A 110 17.87 -2.59 29.59
N GLY A 111 18.61 -3.47 30.27
CA GLY A 111 18.44 -3.65 31.69
C GLY A 111 17.22 -4.49 32.03
N LEU A 112 16.90 -5.43 31.16
CA LEU A 112 15.79 -6.35 31.40
C LEU A 112 16.35 -7.68 31.85
N TYR A 113 15.72 -8.29 32.85
CA TYR A 113 16.09 -9.63 33.25
C TYR A 113 15.71 -10.62 32.16
N SER A 114 16.70 -11.39 31.70
CA SER A 114 16.46 -12.40 30.69
C SER A 114 17.41 -13.57 30.88
N VAL A 115 16.86 -14.79 30.92
CA VAL A 115 17.67 -15.98 31.06
C VAL A 115 17.23 -17.05 30.06
N THR A 116 18.17 -17.53 29.26
CA THR A 116 17.89 -18.53 28.25
C THR A 116 18.42 -19.88 28.69
N ILE A 117 17.56 -20.90 28.68
CA ILE A 117 17.97 -22.25 29.02
C ILE A 117 17.94 -23.13 27.78
N ASP A 118 19.11 -23.61 27.41
CA ASP A 118 19.30 -24.41 26.20
C ASP A 118 19.24 -25.90 26.54
N GLY A 119 18.27 -26.60 25.95
CA GLY A 119 18.14 -28.03 26.17
C GLY A 119 16.81 -28.59 25.70
N ASP A 120 16.66 -29.90 25.82
CA ASP A 120 15.42 -30.58 25.45
C ASP A 120 14.27 -30.17 26.39
N ALA A 121 13.33 -29.39 25.86
CA ALA A 121 12.22 -28.90 26.68
C ALA A 121 11.25 -30.02 27.07
N PHE A 122 11.36 -31.15 26.39
CA PHE A 122 10.51 -32.30 26.70
C PHE A 122 11.03 -33.08 27.89
N SER A 123 12.20 -32.67 28.40
CA SER A 123 12.88 -33.43 29.45
C SER A 123 12.67 -32.83 30.83
N ASP A 124 12.61 -33.69 31.83
CA ASP A 124 12.44 -33.24 33.21
C ASP A 124 13.68 -32.52 33.70
N GLU A 125 14.82 -32.83 33.08
CA GLU A 125 16.07 -32.16 33.43
C GLU A 125 15.96 -30.66 33.18
N ILE A 126 15.45 -30.28 32.01
CA ILE A 126 15.27 -28.87 31.68
C ILE A 126 14.19 -28.22 32.53
N LYS A 127 13.08 -28.93 32.74
CA LYS A 127 11.99 -28.42 33.59
C LYS A 127 12.52 -28.12 34.98
N ALA A 128 13.31 -29.05 35.51
CA ALA A 128 13.93 -28.85 36.83
C ALA A 128 14.81 -27.61 36.82
N GLN A 129 15.45 -27.35 35.69
CA GLN A 129 16.35 -26.20 35.60
C GLN A 129 15.60 -24.85 35.57
N VAL A 130 14.43 -24.83 34.94
CA VAL A 130 13.60 -23.63 34.98
C VAL A 130 13.09 -23.41 36.40
N ILE A 131 12.58 -24.48 37.00
CA ILE A 131 12.02 -24.43 38.35
C ILE A 131 13.00 -23.86 39.37
N GLU A 132 14.25 -24.34 39.33
CA GLU A 132 15.25 -23.85 40.28
C GLU A 132 15.65 -22.40 40.00
N GLU A 133 15.66 -22.02 38.72
CA GLU A 133 15.96 -20.65 38.35
C GLU A 133 14.87 -19.72 38.90
N ALA A 134 13.62 -20.17 38.79
CA ALA A 134 12.50 -19.36 39.24
C ALA A 134 12.51 -19.19 40.76
N LYS A 135 12.75 -20.28 41.47
CA LYS A 135 12.77 -20.24 42.94
C LYS A 135 13.89 -19.36 43.49
N LYS A 136 14.99 -19.26 42.74
CA LYS A 136 16.11 -18.41 43.16
C LYS A 136 15.78 -16.92 43.05
N LYS A 137 15.24 -16.52 41.90
CA LYS A 137 14.93 -15.12 41.65
C LYS A 137 13.66 -14.66 42.35
N GLY A 138 12.89 -15.60 42.87
CA GLY A 138 11.62 -15.29 43.50
C GLY A 138 10.52 -15.00 42.48
N ILE A 139 10.62 -15.66 41.33
CA ILE A 139 9.67 -15.45 40.23
C ILE A 139 8.46 -16.37 40.36
N LYS A 140 7.27 -15.81 40.15
CA LYS A 140 6.10 -16.61 39.84
C LYS A 140 5.62 -16.17 38.46
N PHE A 141 5.33 -17.11 37.57
CA PHE A 141 4.98 -16.77 36.19
C PHE A 141 3.51 -16.34 36.04
N ASP A 142 3.27 -15.29 35.25
CA ASP A 142 1.91 -14.85 34.96
C ASP A 142 1.49 -15.06 33.49
N LEU A 143 2.48 -15.35 32.65
CA LEU A 143 2.22 -15.75 31.27
C LEU A 143 3.19 -16.84 30.85
N ILE A 144 2.65 -17.97 30.40
CA ILE A 144 3.46 -19.06 29.92
C ILE A 144 3.08 -19.39 28.47
N VAL A 145 4.03 -19.20 27.55
CA VAL A 145 3.75 -19.44 26.14
C VAL A 145 4.42 -20.71 25.65
N TYR A 146 3.60 -21.62 25.13
CA TYR A 146 4.07 -22.89 24.61
C TYR A 146 4.12 -22.85 23.09
N SER A 147 5.32 -22.79 22.55
CA SER A 147 5.54 -22.69 21.11
C SER A 147 6.69 -23.59 20.70
N LEU A 148 6.57 -24.88 21.01
CA LEU A 148 7.66 -25.81 20.73
C LEU A 148 7.54 -26.41 19.34
N ALA A 149 8.59 -26.20 18.55
CA ALA A 149 8.64 -26.69 17.18
C ALA A 149 9.68 -27.80 17.04
N SER A 150 9.21 -29.03 17.22
CA SER A 150 10.07 -30.20 17.09
C SER A 150 9.35 -31.30 16.33
N PRO A 151 10.06 -31.99 15.42
CA PRO A 151 9.49 -33.13 14.72
C PRO A 151 9.58 -34.39 15.59
N VAL A 152 10.41 -34.35 16.62
CA VAL A 152 10.62 -35.52 17.47
C VAL A 152 10.49 -35.20 18.97
N ARG A 153 9.96 -36.15 19.72
CA ARG A 153 9.88 -36.02 21.18
C ARG A 153 10.29 -37.32 21.86
N THR A 154 11.33 -37.26 22.67
CA THR A 154 11.67 -38.37 23.55
C THR A 154 10.81 -38.31 24.80
N ASP A 155 9.90 -39.28 24.95
CA ASP A 155 9.06 -39.38 26.13
C ASP A 155 9.93 -39.54 27.38
N PRO A 156 9.72 -38.69 28.39
CA PRO A 156 10.59 -38.63 29.57
C PRO A 156 10.30 -39.72 30.61
N ASP A 157 9.21 -40.45 30.46
CA ASP A 157 8.89 -41.53 31.38
C ASP A 157 9.25 -42.90 30.83
N THR A 158 9.42 -42.99 29.51
CA THR A 158 9.67 -44.27 28.88
C THR A 158 10.92 -44.25 27.99
N GLY A 159 11.45 -43.06 27.73
CA GLY A 159 12.71 -42.91 27.03
C GLY A 159 12.66 -43.18 25.54
N ILE A 160 11.52 -43.64 25.05
CA ILE A 160 11.39 -43.94 23.62
C ILE A 160 11.08 -42.67 22.80
N MSE A 161 11.65 -42.60 21.61
CA MSE A 161 11.54 -41.39 20.78
C MSE A 161 10.44 -41.55 19.74
O MSE A 161 10.38 -42.54 19.02
CB MSE A 161 12.87 -41.07 20.09
CG MSE A 161 12.85 -39.81 19.24
SE MSE A 161 14.63 -39.15 18.77
CE MSE A 161 15.25 -40.61 17.64
N HIS A 162 9.55 -40.55 19.67
CA HIS A 162 8.49 -40.54 18.67
C HIS A 162 8.74 -39.45 17.66
N LYS A 163 8.36 -39.68 16.41
CA LYS A 163 8.43 -38.65 15.40
C LYS A 163 7.06 -38.43 14.80
N SER A 164 6.68 -37.17 14.63
CA SER A 164 5.41 -36.84 14.01
C SER A 164 5.47 -37.09 12.52
N VAL A 165 4.31 -37.32 11.93
CA VAL A 165 4.20 -37.37 10.48
C VAL A 165 3.00 -36.52 10.08
N LEU A 166 2.99 -36.05 8.84
CA LEU A 166 1.92 -35.18 8.37
C LEU A 166 1.16 -35.89 7.25
N LYS A 167 0.11 -36.61 7.63
CA LYS A 167 -0.62 -37.46 6.70
C LYS A 167 -2.12 -37.41 6.96
N PRO A 168 -2.93 -37.67 5.92
CA PRO A 168 -4.39 -37.74 6.09
C PRO A 168 -4.81 -39.07 6.66
N PHE A 169 -6.11 -39.29 6.78
CA PHE A 169 -6.64 -40.58 7.23
C PHE A 169 -7.51 -41.22 6.14
N GLY A 170 -7.32 -42.53 5.93
CA GLY A 170 -8.14 -43.27 5.00
C GLY A 170 -7.77 -43.06 3.54
N LYS A 171 -7.95 -41.84 3.04
CA LYS A 171 -7.67 -41.53 1.64
C LYS A 171 -6.39 -40.69 1.48
N THR A 172 -5.57 -41.05 0.49
CA THR A 172 -4.35 -40.30 0.14
C THR A 172 -4.68 -38.85 -0.22
N PHE A 173 -3.84 -37.92 0.24
CA PHE A 173 -4.05 -36.50 -0.02
C PHE A 173 -3.09 -35.98 -1.09
N THR A 174 -3.66 -35.50 -2.20
CA THR A 174 -2.89 -35.01 -3.33
C THR A 174 -3.25 -33.57 -3.66
N GLY A 175 -2.27 -32.77 -4.07
CA GLY A 175 -2.52 -31.40 -4.47
C GLY A 175 -1.32 -30.75 -5.14
N LYS A 176 -1.56 -29.59 -5.75
CA LYS A 176 -0.49 -28.82 -6.38
C LYS A 176 0.46 -28.29 -5.32
N THR A 177 1.73 -28.12 -5.70
CA THR A 177 2.69 -27.46 -4.85
C THR A 177 3.67 -26.68 -5.73
N VAL A 178 4.52 -25.87 -5.11
CA VAL A 178 5.44 -25.04 -5.87
C VAL A 178 6.78 -24.83 -5.19
N ASP A 179 7.84 -24.78 -5.98
CA ASP A 179 9.17 -24.44 -5.51
C ASP A 179 9.37 -22.95 -5.72
N PRO A 180 9.48 -22.19 -4.62
CA PRO A 180 9.59 -20.73 -4.72
C PRO A 180 10.91 -20.28 -5.32
N PHE A 181 11.91 -21.16 -5.32
CA PHE A 181 13.22 -20.79 -5.86
C PHE A 181 13.31 -21.06 -7.37
N THR A 182 12.72 -22.15 -7.83
CA THR A 182 12.78 -22.51 -9.24
C THR A 182 11.53 -22.08 -10.01
N GLY A 183 10.37 -22.18 -9.36
CA GLY A 183 9.12 -21.83 -9.99
C GLY A 183 8.37 -23.08 -10.41
N GLU A 184 8.98 -24.23 -10.19
CA GLU A 184 8.40 -25.50 -10.59
C GLU A 184 7.10 -25.82 -9.87
N LEU A 185 6.03 -26.04 -10.64
CA LEU A 185 4.80 -26.60 -10.10
C LEU A 185 4.87 -28.11 -10.20
N LYS A 186 4.38 -28.78 -9.16
CA LYS A 186 4.33 -30.24 -9.14
C LYS A 186 3.03 -30.69 -8.51
N GLU A 187 2.77 -31.99 -8.58
CA GLU A 187 1.75 -32.59 -7.75
C GLU A 187 2.43 -33.61 -6.86
N ILE A 188 2.26 -33.45 -5.55
CA ILE A 188 2.79 -34.41 -4.60
C ILE A 188 1.67 -35.01 -3.77
N SER A 189 1.95 -36.12 -3.11
CA SER A 189 0.92 -36.82 -2.36
C SER A 189 1.39 -37.20 -0.96
N ALA A 190 0.43 -37.32 -0.05
CA ALA A 190 0.67 -37.85 1.27
C ALA A 190 -0.26 -39.04 1.47
N GLU A 191 0.31 -40.22 1.62
CA GLU A 191 -0.48 -41.44 1.79
C GLU A 191 -0.97 -41.51 3.23
N PRO A 192 -2.15 -42.13 3.44
CA PRO A 192 -2.78 -42.18 4.77
C PRO A 192 -1.87 -42.81 5.82
N ALA A 193 -1.83 -42.21 7.00
CA ALA A 193 -0.99 -42.70 8.07
C ALA A 193 -1.59 -43.93 8.72
N ASN A 194 -0.75 -44.70 9.41
CA ASN A 194 -1.24 -45.82 10.21
C ASN A 194 -1.42 -45.39 11.67
N ASP A 195 -1.71 -46.35 12.54
CA ASP A 195 -1.93 -46.04 13.95
C ASP A 195 -0.65 -45.64 14.68
N GLU A 196 0.45 -46.31 14.36
CA GLU A 196 1.74 -45.99 14.97
C GLU A 196 2.12 -44.55 14.65
N GLU A 197 1.93 -44.15 13.40
CA GLU A 197 2.25 -42.80 12.96
C GLU A 197 1.32 -41.78 13.59
N ALA A 198 0.02 -42.08 13.60
CA ALA A 198 -0.97 -41.18 14.17
C ALA A 198 -0.71 -40.98 15.67
N ALA A 199 -0.39 -42.06 16.37
CA ALA A 199 -0.14 -42.01 17.80
C ALA A 199 1.16 -41.29 18.13
N ALA A 200 2.17 -41.46 17.27
CA ALA A 200 3.43 -40.77 17.46
C ALA A 200 3.25 -39.26 17.29
N THR A 201 2.45 -38.88 16.30
CA THR A 201 2.21 -37.46 16.01
C THR A 201 1.53 -36.77 17.19
N VAL A 202 0.48 -37.41 17.72
CA VAL A 202 -0.19 -36.91 18.91
C VAL A 202 0.78 -36.74 20.07
N LYS A 203 1.67 -37.72 20.23
CA LYS A 203 2.69 -37.70 21.28
C LYS A 203 3.63 -36.50 21.14
N VAL A 204 3.91 -36.11 19.90
CA VAL A 204 4.84 -35.02 19.62
C VAL A 204 4.14 -33.66 19.60
N MSE A 205 2.97 -33.62 18.98
CA MSE A 205 2.31 -32.35 18.70
C MSE A 205 1.12 -32.06 19.61
O MSE A 205 0.56 -30.96 19.58
CB MSE A 205 1.85 -32.29 17.24
CG MSE A 205 2.97 -32.36 16.23
SE MSE A 205 2.28 -32.08 14.42
CE MSE A 205 1.68 -30.23 14.57
N GLY A 206 0.73 -33.03 20.42
CA GLY A 206 -0.37 -32.86 21.35
C GLY A 206 -0.01 -32.01 22.57
N GLY A 207 -0.80 -32.13 23.63
CA GLY A 207 -0.61 -31.29 24.79
C GLY A 207 0.00 -31.96 25.99
N GLU A 208 0.60 -33.15 25.80
CA GLU A 208 1.21 -33.88 26.93
C GLU A 208 2.30 -33.10 27.64
N ASP A 209 3.20 -32.50 26.87
CA ASP A 209 4.31 -31.75 27.48
C ASP A 209 3.84 -30.43 28.08
N TRP A 210 2.89 -29.78 27.40
CA TRP A 210 2.29 -28.56 27.90
C TRP A 210 1.74 -28.79 29.30
N GLU A 211 0.88 -29.79 29.43
CA GLU A 211 0.32 -30.17 30.72
C GLU A 211 1.39 -30.50 31.75
N ARG A 212 2.45 -31.20 31.33
CA ARG A 212 3.53 -31.57 32.23
C ARG A 212 4.28 -30.35 32.77
N TRP A 213 4.54 -29.37 31.92
CA TRP A 213 5.13 -28.12 32.38
C TRP A 213 4.24 -27.43 33.43
N ILE A 214 2.95 -27.38 33.17
CA ILE A 214 2.04 -26.65 34.05
C ILE A 214 1.96 -27.33 35.42
N LYS A 215 1.84 -28.66 35.42
CA LYS A 215 1.75 -29.41 36.67
C LYS A 215 2.99 -29.30 37.54
N GLN A 216 4.17 -29.37 36.93
CA GLN A 216 5.41 -29.26 37.71
C GLN A 216 5.57 -27.85 38.25
N LEU A 217 5.27 -26.86 37.42
CA LEU A 217 5.30 -25.47 37.86
C LEU A 217 4.27 -25.21 38.95
N SER A 218 3.09 -25.81 38.80
CA SER A 218 2.04 -25.69 39.81
C SER A 218 2.45 -26.28 41.17
N LYS A 219 3.00 -27.48 41.15
CA LYS A 219 3.39 -28.16 42.38
C LYS A 219 4.45 -27.38 43.15
N GLU A 220 5.30 -26.66 42.43
CA GLU A 220 6.36 -25.87 43.05
C GLU A 220 5.92 -24.45 43.38
N GLY A 221 4.63 -24.17 43.21
CA GLY A 221 4.07 -22.87 43.53
C GLY A 221 4.67 -21.73 42.73
N LEU A 222 4.88 -21.95 41.42
CA LEU A 222 5.52 -20.95 40.58
C LEU A 222 4.53 -20.30 39.60
N LEU A 223 3.25 -20.52 39.81
CA LEU A 223 2.21 -19.90 38.98
C LEU A 223 1.49 -18.80 39.74
N GLU A 224 1.50 -17.59 39.18
CA GLU A 224 0.78 -16.47 39.78
C GLU A 224 -0.72 -16.68 39.63
N GLU A 225 -1.50 -16.14 40.55
CA GLU A 225 -2.95 -16.20 40.44
C GLU A 225 -3.42 -15.54 39.15
N GLY A 226 -4.27 -16.23 38.40
CA GLY A 226 -4.75 -15.73 37.11
C GLY A 226 -3.79 -15.92 35.95
N CYS A 227 -2.74 -16.72 36.14
CA CYS A 227 -1.71 -16.93 35.12
C CYS A 227 -2.31 -17.38 33.79
N ILE A 228 -1.90 -16.73 32.71
CA ILE A 228 -2.34 -17.13 31.38
C ILE A 228 -1.32 -18.11 30.79
N THR A 229 -1.80 -19.22 30.24
CA THR A 229 -0.94 -20.08 29.45
C THR A 229 -1.57 -20.34 28.08
N LEU A 230 -0.74 -20.26 27.03
CA LEU A 230 -1.20 -20.41 25.64
C LEU A 230 -0.35 -21.44 24.90
N ALA A 231 -0.99 -22.17 24.00
CA ALA A 231 -0.29 -23.01 23.04
C ALA A 231 -0.70 -22.57 21.63
N TYR A 232 0.28 -22.42 20.75
CA TYR A 232 -0.01 -21.99 19.39
C TYR A 232 -0.38 -23.17 18.50
N SER A 233 -1.32 -22.93 17.60
CA SER A 233 -1.81 -23.95 16.68
C SER A 233 -2.25 -23.31 15.36
N TYR A 234 -2.81 -24.11 14.47
CA TYR A 234 -3.22 -23.64 13.15
C TYR A 234 -4.45 -24.40 12.68
N ILE A 235 -5.39 -23.71 12.08
CA ILE A 235 -6.59 -24.36 11.55
C ILE A 235 -6.52 -24.45 10.01
N GLY A 236 -6.20 -23.33 9.37
CA GLY A 236 -5.96 -23.31 7.95
C GLY A 236 -7.19 -23.26 7.05
N PRO A 237 -6.97 -23.24 5.73
CA PRO A 237 -8.01 -23.13 4.70
C PRO A 237 -8.72 -24.47 4.47
N GLU A 238 -9.83 -24.42 3.75
CA GLU A 238 -10.61 -25.63 3.48
C GLU A 238 -9.81 -26.62 2.63
N ALA A 239 -8.92 -26.09 1.79
CA ALA A 239 -8.15 -26.92 0.86
C ALA A 239 -7.25 -27.93 1.56
N THR A 240 -6.89 -27.65 2.81
CA THR A 240 -5.99 -28.54 3.53
C THR A 240 -6.59 -29.15 4.79
N GLN A 241 -7.92 -29.17 4.88
CA GLN A 241 -8.60 -29.74 6.04
C GLN A 241 -8.32 -31.24 6.18
N ALA A 242 -7.90 -31.87 5.10
CA ALA A 242 -7.60 -33.30 5.11
C ALA A 242 -6.44 -33.61 6.05
N LEU A 243 -5.55 -32.64 6.24
CA LEU A 243 -4.42 -32.81 7.15
C LEU A 243 -4.64 -32.13 8.49
N TYR A 244 -5.18 -30.92 8.44
CA TYR A 244 -5.30 -30.08 9.63
C TYR A 244 -6.58 -30.30 10.45
N ARG A 245 -7.58 -30.93 9.83
CA ARG A 245 -8.78 -31.29 10.57
C ARG A 245 -8.91 -32.80 10.76
N LYS A 246 -8.80 -33.56 9.68
CA LYS A 246 -8.99 -35.00 9.73
C LYS A 246 -7.73 -35.80 9.45
N GLY A 247 -6.57 -35.13 9.48
CA GLY A 247 -5.31 -35.83 9.33
C GLY A 247 -4.64 -36.09 10.66
N THR A 248 -3.34 -36.30 10.65
CA THR A 248 -2.60 -36.56 11.88
C THR A 248 -2.46 -35.28 12.71
N ILE A 249 -2.38 -34.13 12.03
CA ILE A 249 -2.27 -32.84 12.69
C ILE A 249 -3.58 -32.51 13.41
N GLY A 250 -4.69 -32.79 12.75
CA GLY A 250 -6.00 -32.55 13.32
C GLY A 250 -6.22 -33.31 14.61
N LYS A 251 -5.70 -34.54 14.68
CA LYS A 251 -5.85 -35.34 15.89
C LYS A 251 -5.00 -34.79 17.03
N ALA A 252 -3.80 -34.32 16.70
CA ALA A 252 -2.94 -33.72 17.71
C ALA A 252 -3.55 -32.41 18.21
N LYS A 253 -4.18 -31.67 17.30
CA LYS A 253 -4.85 -30.42 17.66
C LYS A 253 -5.98 -30.67 18.64
N GLU A 254 -6.82 -31.66 18.34
CA GLU A 254 -7.91 -32.06 19.22
C GLU A 254 -7.40 -32.43 20.61
N HIS A 255 -6.24 -33.09 20.65
CA HIS A 255 -5.64 -33.45 21.93
C HIS A 255 -5.19 -32.19 22.66
N LEU A 256 -4.60 -31.26 21.92
CA LEU A 256 -4.12 -30.01 22.49
C LEU A 256 -5.30 -29.19 23.05
N GLU A 257 -6.41 -29.19 22.32
CA GLU A 257 -7.61 -28.47 22.73
C GLU A 257 -8.23 -29.09 23.98
N ALA A 258 -8.24 -30.42 24.02
CA ALA A 258 -8.74 -31.14 25.19
C ALA A 258 -7.84 -30.91 26.39
N THR A 259 -6.53 -30.81 26.14
CA THR A 259 -5.57 -30.50 27.18
C THR A 259 -5.86 -29.12 27.78
N ALA A 260 -6.16 -28.16 26.93
CA ALA A 260 -6.48 -26.80 27.36
C ALA A 260 -7.71 -26.78 28.26
N HIS A 261 -8.74 -27.52 27.86
CA HIS A 261 -9.97 -27.60 28.67
C HIS A 261 -9.67 -28.18 30.04
N ARG A 262 -8.87 -29.25 30.07
CA ARG A 262 -8.55 -29.91 31.32
C ARG A 262 -7.72 -29.03 32.24
N LEU A 263 -6.77 -28.28 31.67
CA LEU A 263 -5.97 -27.34 32.45
C LEU A 263 -6.84 -26.31 33.17
N ASN A 264 -7.90 -25.87 32.49
CA ASN A 264 -8.86 -24.93 33.06
C ASN A 264 -9.70 -25.53 34.20
N LYS A 265 -10.02 -26.81 34.07
CA LYS A 265 -10.83 -27.49 35.08
C LYS A 265 -10.03 -27.90 36.31
N GLU A 266 -8.75 -28.19 36.13
CA GLU A 266 -7.91 -28.67 37.23
C GLU A 266 -7.18 -27.56 37.99
N ASN A 267 -6.93 -26.44 37.32
CA ASN A 267 -6.31 -25.28 37.95
C ASN A 267 -7.27 -24.11 37.91
N PRO A 268 -8.05 -23.91 38.98
CA PRO A 268 -9.12 -22.90 38.98
C PRO A 268 -8.56 -21.49 38.81
N SER A 269 -7.31 -21.30 39.16
CA SER A 269 -6.68 -19.98 39.13
C SER A 269 -5.92 -19.72 37.83
N ILE A 270 -6.16 -20.53 36.81
CA ILE A 270 -5.40 -20.41 35.58
C ILE A 270 -6.32 -20.07 34.42
N ARG A 271 -5.75 -19.49 33.38
CA ARG A 271 -6.48 -19.25 32.13
C ARG A 271 -5.68 -19.83 30.97
N ALA A 272 -6.13 -20.98 30.48
CA ALA A 272 -5.42 -21.72 29.45
C ALA A 272 -6.17 -21.64 28.11
N PHE A 273 -5.44 -21.30 27.05
CA PHE A 273 -6.05 -21.20 25.72
C PHE A 273 -5.16 -21.85 24.68
N VAL A 274 -5.80 -22.46 23.68
CA VAL A 274 -5.15 -22.69 22.40
C VAL A 274 -5.28 -21.40 21.63
N SER A 275 -4.17 -20.90 21.11
CA SER A 275 -4.17 -19.72 20.26
C SER A 275 -3.96 -20.16 18.81
N VAL A 276 -4.95 -19.88 17.97
CA VAL A 276 -4.88 -20.26 16.56
C VAL A 276 -4.32 -19.10 15.75
N ASN A 277 -3.12 -19.29 15.22
CA ASN A 277 -2.44 -18.22 14.51
C ASN A 277 -2.53 -18.34 13.00
N LYS A 278 -1.96 -17.36 12.30
CA LYS A 278 -2.00 -17.36 10.83
C LYS A 278 -0.96 -18.31 10.23
N GLY A 279 -1.14 -18.67 8.97
CA GLY A 279 -0.18 -19.52 8.29
C GLY A 279 1.05 -18.76 7.85
N LEU A 280 2.22 -19.36 8.06
CA LEU A 280 3.49 -18.74 7.68
C LEU A 280 4.43 -19.83 7.20
N VAL A 281 5.57 -19.42 6.64
CA VAL A 281 6.56 -20.38 6.16
C VAL A 281 7.23 -21.06 7.35
N THR A 282 7.10 -22.39 7.42
CA THR A 282 7.75 -23.17 8.47
C THR A 282 8.73 -24.17 7.85
N ARG A 283 9.55 -24.78 8.69
CA ARG A 283 10.53 -25.76 8.24
C ARG A 283 9.84 -26.92 7.52
N ALA A 284 8.68 -27.31 8.01
CA ALA A 284 7.95 -28.44 7.44
C ALA A 284 7.12 -28.11 6.18
N SER A 285 6.94 -26.83 5.89
CA SER A 285 6.04 -26.38 4.81
C SER A 285 6.24 -27.08 3.47
N ALA A 286 7.49 -27.33 3.08
CA ALA A 286 7.77 -27.85 1.74
C ALA A 286 7.34 -29.30 1.52
N VAL A 287 7.11 -30.05 2.59
CA VAL A 287 6.77 -31.47 2.46
C VAL A 287 5.26 -31.71 2.45
N ILE A 288 4.49 -30.64 2.66
CA ILE A 288 3.05 -30.76 2.68
C ILE A 288 2.45 -30.30 1.35
N PRO A 289 1.58 -31.15 0.76
CA PRO A 289 0.89 -30.76 -0.47
C PRO A 289 0.03 -29.52 -0.24
N VAL A 290 -0.11 -28.69 -1.27
CA VAL A 290 -0.92 -27.47 -1.25
C VAL A 290 -0.31 -26.28 -0.49
N ILE A 291 0.24 -26.55 0.70
CA ILE A 291 0.69 -25.49 1.61
C ILE A 291 1.62 -24.42 1.00
N PRO A 292 2.70 -24.82 0.32
CA PRO A 292 3.56 -23.75 -0.22
C PRO A 292 2.88 -22.91 -1.30
N LEU A 293 1.93 -23.48 -2.04
CA LEU A 293 1.21 -22.72 -3.04
C LEU A 293 0.15 -21.85 -2.37
N TYR A 294 -0.46 -22.38 -1.32
CA TYR A 294 -1.44 -21.63 -0.53
C TYR A 294 -0.82 -20.36 0.05
N LEU A 295 0.33 -20.51 0.71
CA LEU A 295 1.02 -19.40 1.35
C LEU A 295 1.45 -18.32 0.36
N ALA A 296 2.00 -18.74 -0.78
CA ALA A 296 2.41 -17.79 -1.81
C ALA A 296 1.22 -16.97 -2.29
N SER A 297 0.07 -17.63 -2.39
CA SER A 297 -1.15 -16.98 -2.85
C SER A 297 -1.75 -16.09 -1.76
N LEU A 298 -1.69 -16.57 -0.52
CA LEU A 298 -2.18 -15.81 0.62
C LEU A 298 -1.37 -14.52 0.74
N PHE A 299 -0.05 -14.65 0.68
CA PHE A 299 0.85 -13.52 0.79
C PHE A 299 0.54 -12.46 -0.26
N LYS A 300 0.38 -12.91 -1.50
CA LYS A 300 0.03 -12.00 -2.60
C LYS A 300 -1.25 -11.24 -2.28
N VAL A 301 -2.30 -11.99 -1.94
CA VAL A 301 -3.63 -11.42 -1.72
C VAL A 301 -3.66 -10.48 -0.51
N MSE A 302 -3.00 -10.89 0.58
CA MSE A 302 -3.02 -10.08 1.79
C MSE A 302 -2.12 -8.86 1.69
O MSE A 302 -2.43 -7.82 2.27
CB MSE A 302 -2.71 -10.93 3.02
CG MSE A 302 -3.77 -11.98 3.30
SE MSE A 302 -3.53 -12.91 5.00
CE MSE A 302 -4.27 -11.57 6.20
N LYS A 303 -1.01 -8.96 0.97
CA LYS A 303 -0.16 -7.79 0.79
C LYS A 303 -0.85 -6.75 -0.08
N GLU A 304 -1.66 -7.21 -1.03
CA GLU A 304 -2.39 -6.30 -1.91
C GLU A 304 -3.57 -5.66 -1.16
N LYS A 305 -4.23 -6.45 -0.32
CA LYS A 305 -5.31 -5.95 0.51
C LYS A 305 -4.79 -5.01 1.60
N GLY A 306 -3.59 -5.30 2.10
CA GLY A 306 -2.95 -4.45 3.09
C GLY A 306 -2.98 -4.97 4.52
N ASN A 307 -3.25 -6.25 4.70
CA ASN A 307 -3.31 -6.82 6.04
C ASN A 307 -2.40 -8.04 6.22
N HIS A 308 -1.30 -8.10 5.48
CA HIS A 308 -0.32 -9.16 5.64
C HIS A 308 0.45 -8.98 6.95
N GLU A 309 0.63 -10.08 7.69
CA GLU A 309 1.38 -10.05 8.94
C GLU A 309 2.49 -11.11 8.95
N GLY A 310 3.64 -10.78 9.53
CA GLY A 310 4.66 -11.74 9.86
C GLY A 310 4.51 -12.13 11.32
N CYS A 311 5.53 -12.79 11.88
CA CYS A 311 5.44 -13.28 13.26
C CYS A 311 5.25 -12.17 14.29
N ILE A 312 6.04 -11.10 14.18
CA ILE A 312 6.02 -10.07 15.20
C ILE A 312 4.75 -9.22 15.12
N GLU A 313 4.20 -9.04 13.92
CA GLU A 313 2.94 -8.34 13.78
C GLU A 313 1.81 -9.17 14.39
N GLN A 314 1.84 -10.47 14.13
CA GLN A 314 0.85 -11.39 14.71
C GLN A 314 0.84 -11.34 16.23
N ILE A 315 2.03 -11.46 16.83
CA ILE A 315 2.10 -11.63 18.28
C ILE A 315 1.88 -10.33 19.04
N THR A 316 2.38 -9.21 18.51
CA THR A 316 2.08 -7.93 19.12
C THR A 316 0.58 -7.67 19.14
N ARG A 317 -0.11 -8.10 18.07
CA ARG A 317 -1.56 -7.97 18.01
C ARG A 317 -2.21 -8.92 19.01
N LEU A 318 -1.62 -10.10 19.17
CA LEU A 318 -2.09 -11.07 20.16
C LEU A 318 -2.08 -10.46 21.57
N TYR A 319 -0.97 -9.84 21.95
CA TYR A 319 -0.84 -9.22 23.26
C TYR A 319 -1.78 -8.03 23.43
N ALA A 320 -1.72 -7.09 22.49
CA ALA A 320 -2.45 -5.84 22.63
C ALA A 320 -3.96 -5.97 22.42
N GLU A 321 -4.37 -6.95 21.61
CA GLU A 321 -5.77 -7.03 21.21
C GLU A 321 -6.48 -8.33 21.60
N ARG A 322 -5.78 -9.20 22.33
CA ARG A 322 -6.42 -10.38 22.92
C ARG A 322 -6.10 -10.52 24.42
N LEU A 323 -4.82 -10.60 24.75
CA LEU A 323 -4.41 -10.87 26.13
C LEU A 323 -4.51 -9.66 27.05
N TYR A 324 -4.10 -8.49 26.56
CA TYR A 324 -4.04 -7.30 27.40
C TYR A 324 -4.84 -6.13 26.81
N ARG A 325 -6.14 -6.35 26.66
CA ARG A 325 -7.05 -5.34 26.14
C ARG A 325 -7.51 -4.42 27.26
N LYS A 326 -8.00 -3.25 26.88
CA LYS A 326 -8.46 -2.28 27.87
C LYS A 326 -9.84 -2.59 28.42
N ASP A 327 -10.61 -3.40 27.70
CA ASP A 327 -11.89 -3.87 28.23
C ASP A 327 -11.74 -5.08 29.15
N GLY A 328 -10.50 -5.55 29.27
CA GLY A 328 -10.17 -6.62 30.21
C GLY A 328 -10.71 -8.00 29.85
N THR A 329 -11.24 -8.14 28.64
CA THR A 329 -11.77 -9.42 28.20
C THR A 329 -10.72 -10.14 27.35
N ILE A 330 -10.85 -11.45 27.23
CA ILE A 330 -10.04 -12.21 26.26
C ILE A 330 -10.98 -12.91 25.27
N PRO A 331 -11.19 -12.30 24.10
CA PRO A 331 -12.12 -12.82 23.10
C PRO A 331 -11.73 -14.20 22.59
N VAL A 332 -12.69 -15.11 22.54
CA VAL A 332 -12.45 -16.46 22.05
C VAL A 332 -13.57 -16.86 21.11
N ASP A 333 -13.37 -17.94 20.36
CA ASP A 333 -14.44 -18.45 19.52
C ASP A 333 -15.36 -19.38 20.33
N GLU A 334 -16.24 -20.08 19.63
CA GLU A 334 -17.25 -20.93 20.24
C GLU A 334 -16.63 -22.10 21.01
N GLU A 335 -15.40 -22.46 20.63
CA GLU A 335 -14.69 -23.57 21.28
C GLU A 335 -13.65 -23.07 22.28
N ASN A 336 -13.75 -21.79 22.65
CA ASN A 336 -12.85 -21.17 23.62
C ASN A 336 -11.40 -21.05 23.18
N ARG A 337 -11.18 -20.91 21.88
CA ARG A 337 -9.85 -20.68 21.35
C ARG A 337 -9.66 -19.21 21.03
N ILE A 338 -8.48 -18.68 21.30
CA ILE A 338 -8.12 -17.35 20.82
C ILE A 338 -7.86 -17.45 19.32
N ARG A 339 -8.40 -16.50 18.56
CA ARG A 339 -8.26 -16.54 17.10
C ARG A 339 -7.56 -15.30 16.57
N ILE A 340 -6.34 -15.43 16.08
CA ILE A 340 -5.71 -14.32 15.38
C ILE A 340 -5.47 -14.65 13.91
N ASP A 341 -6.09 -15.73 13.45
CA ASP A 341 -6.12 -16.06 12.03
C ASP A 341 -7.40 -15.48 11.41
N ASP A 342 -7.99 -14.50 12.09
CA ASP A 342 -9.24 -13.92 11.64
C ASP A 342 -9.11 -13.14 10.34
N TRP A 343 -7.98 -12.49 10.15
CA TRP A 343 -7.69 -11.78 8.90
C TRP A 343 -7.48 -12.77 7.75
N GLU A 344 -6.72 -13.82 8.02
CA GLU A 344 -6.43 -14.83 6.99
C GLU A 344 -7.70 -15.50 6.49
N LEU A 345 -8.58 -15.88 7.42
CA LEU A 345 -9.76 -16.66 7.07
C LEU A 345 -10.96 -15.81 6.66
N GLU A 346 -10.73 -14.52 6.42
CA GLU A 346 -11.79 -13.66 5.89
C GLU A 346 -12.28 -14.23 4.56
N GLU A 347 -13.58 -14.11 4.34
CA GLU A 347 -14.23 -14.71 3.17
C GLU A 347 -13.64 -14.20 1.84
N ASP A 348 -13.47 -12.89 1.73
CA ASP A 348 -12.94 -12.30 0.50
C ASP A 348 -11.50 -12.74 0.24
N VAL A 349 -10.72 -12.87 1.31
CA VAL A 349 -9.34 -13.33 1.19
C VAL A 349 -9.26 -14.78 0.70
N GLN A 350 -10.05 -15.67 1.31
CA GLN A 350 -9.99 -17.08 0.95
C GLN A 350 -10.52 -17.34 -0.47
N LYS A 351 -11.50 -16.55 -0.89
CA LYS A 351 -12.05 -16.68 -2.23
C LYS A 351 -11.03 -16.31 -3.29
N ALA A 352 -10.34 -15.20 -3.09
CA ALA A 352 -9.31 -14.73 -4.01
C ALA A 352 -8.14 -15.70 -4.07
N VAL A 353 -7.74 -16.21 -2.90
CA VAL A 353 -6.65 -17.18 -2.83
C VAL A 353 -6.95 -18.45 -3.62
N SER A 354 -8.15 -19.00 -3.42
CA SER A 354 -8.61 -20.18 -4.17
C SER A 354 -8.58 -19.96 -5.67
N ALA A 355 -9.02 -18.78 -6.11
CA ALA A 355 -9.01 -18.44 -7.53
C ALA A 355 -7.58 -18.41 -8.03
N LEU A 356 -6.68 -17.84 -7.24
CA LEU A 356 -5.26 -17.80 -7.59
C LEU A 356 -4.67 -19.20 -7.74
N MSE A 357 -5.02 -20.10 -6.82
CA MSE A 357 -4.49 -21.46 -6.87
C MSE A 357 -5.00 -22.21 -8.09
O MSE A 357 -4.32 -23.08 -8.63
CB MSE A 357 -4.83 -22.23 -5.59
CG MSE A 357 -4.19 -21.65 -4.35
SE MSE A 357 -4.37 -22.84 -2.83
CE MSE A 357 -6.31 -22.89 -2.66
N GLU A 358 -6.22 -21.90 -8.51
CA GLU A 358 -6.81 -22.53 -9.69
C GLU A 358 -6.12 -22.06 -10.98
N LYS A 359 -5.63 -20.82 -10.98
CA LYS A 359 -5.11 -20.20 -12.19
C LYS A 359 -3.62 -20.39 -12.39
N VAL A 360 -2.91 -20.76 -11.32
CA VAL A 360 -1.46 -20.80 -11.36
C VAL A 360 -0.92 -21.84 -12.35
N THR A 361 0.12 -21.46 -13.09
CA THR A 361 0.80 -22.36 -14.01
C THR A 361 2.31 -22.16 -13.85
N GLY A 362 3.08 -22.79 -14.72
CA GLY A 362 4.53 -22.73 -14.65
C GLY A 362 5.11 -21.35 -14.90
N GLU A 363 4.74 -20.74 -16.02
CA GLU A 363 5.32 -19.46 -16.40
C GLU A 363 4.77 -18.29 -15.57
N ASN A 364 3.58 -18.45 -15.00
CA ASN A 364 2.94 -17.33 -14.32
C ASN A 364 3.07 -17.30 -12.79
N ALA A 365 3.59 -18.37 -12.20
CA ALA A 365 3.68 -18.48 -10.75
C ALA A 365 4.34 -17.26 -10.10
N GLU A 366 5.49 -16.88 -10.65
CA GLU A 366 6.27 -15.77 -10.10
C GLU A 366 5.49 -14.45 -10.08
N SER A 367 4.65 -14.23 -11.09
CA SER A 367 3.92 -12.97 -11.18
C SER A 367 2.55 -13.04 -10.53
N LEU A 368 1.92 -14.22 -10.60
CA LEU A 368 0.59 -14.40 -10.04
C LEU A 368 0.61 -14.47 -8.51
N THR A 369 1.59 -15.18 -7.96
CA THR A 369 1.69 -15.36 -6.51
C THR A 369 2.94 -14.69 -5.95
N ASP A 370 3.07 -14.67 -4.63
CA ASP A 370 4.19 -13.99 -3.99
C ASP A 370 5.32 -14.97 -3.62
N LEU A 371 5.90 -15.61 -4.63
CA LEU A 371 7.01 -16.53 -4.40
C LEU A 371 8.21 -15.78 -3.86
N ALA A 372 8.35 -14.51 -4.25
CA ALA A 372 9.46 -13.70 -3.75
C ALA A 372 9.34 -13.48 -2.25
N GLY A 373 8.12 -13.19 -1.79
CA GLY A 373 7.88 -13.02 -0.36
C GLY A 373 8.13 -14.30 0.39
N TYR A 374 7.72 -15.41 -0.21
CA TYR A 374 7.94 -16.75 0.35
C TYR A 374 9.44 -17.04 0.49
N ARG A 375 10.20 -16.78 -0.59
CA ARG A 375 11.66 -16.96 -0.56
C ARG A 375 12.29 -16.13 0.55
N HIS A 376 11.85 -14.89 0.67
CA HIS A 376 12.39 -14.00 1.69
C HIS A 376 12.16 -14.55 3.10
N ASP A 377 10.94 -14.98 3.38
CA ASP A 377 10.61 -15.52 4.70
C ASP A 377 11.37 -16.80 4.97
N PHE A 378 11.51 -17.64 3.95
CA PHE A 378 12.28 -18.86 4.05
C PHE A 378 13.73 -18.56 4.44
N LEU A 379 14.36 -17.63 3.72
CA LEU A 379 15.76 -17.26 3.95
C LEU A 379 16.01 -16.48 5.24
N ALA A 380 15.10 -15.56 5.56
CA ALA A 380 15.26 -14.70 6.73
C ALA A 380 15.25 -15.48 8.04
N SER A 381 14.57 -16.63 8.04
CA SER A 381 14.57 -17.51 9.20
C SER A 381 15.97 -17.96 9.59
N ASN A 382 16.84 -18.09 8.58
CA ASN A 382 18.23 -18.48 8.82
C ASN A 382 19.18 -17.30 8.73
N GLY A 383 18.63 -16.09 8.69
CA GLY A 383 19.44 -14.88 8.69
C GLY A 383 19.90 -14.41 7.33
N PHE A 384 19.32 -14.96 6.27
CA PHE A 384 19.67 -14.54 4.92
C PHE A 384 18.62 -13.59 4.32
N ASP A 385 19.03 -12.88 3.26
CA ASP A 385 18.16 -11.93 2.58
C ASP A 385 17.58 -10.88 3.53
N VAL A 386 18.31 -10.57 4.59
CA VAL A 386 17.88 -9.57 5.55
C VAL A 386 18.38 -8.20 5.11
N GLU A 387 17.50 -7.20 5.14
CA GLU A 387 17.82 -5.85 4.69
C GLU A 387 18.92 -5.23 5.56
N GLY A 388 19.89 -4.59 4.92
CA GLY A 388 20.94 -3.89 5.65
C GLY A 388 22.18 -4.72 5.90
N ILE A 389 22.12 -6.00 5.55
CA ILE A 389 23.27 -6.89 5.73
C ILE A 389 24.03 -7.02 4.41
N ASN A 390 25.35 -6.85 4.45
CA ASN A 390 26.16 -6.86 3.24
C ASN A 390 26.15 -8.21 2.48
N TYR A 391 26.49 -9.29 3.17
CA TYR A 391 26.53 -10.65 2.60
C TYR A 391 27.74 -10.94 1.69
N GLU A 392 28.37 -9.89 1.14
CA GLU A 392 29.63 -10.08 0.40
C GLU A 392 30.82 -10.01 1.34
N ALA A 393 30.57 -9.54 2.56
CA ALA A 393 31.61 -9.50 3.58
C ALA A 393 31.79 -10.85 4.23
N GLU A 394 33.02 -11.20 4.56
CA GLU A 394 33.29 -12.49 5.19
C GLU A 394 32.94 -12.44 6.67
N VAL A 395 32.46 -13.56 7.19
CA VAL A 395 32.21 -13.70 8.60
C VAL A 395 33.45 -14.29 9.28
N GLU A 396 34.00 -13.57 10.25
CA GLU A 396 35.26 -13.98 10.88
C GLU A 396 35.11 -15.25 11.71
N ARG A 397 34.14 -15.25 12.62
CA ARG A 397 33.87 -16.40 13.47
C ARG A 397 32.38 -16.71 13.45
N PHE A 398 32.03 -17.97 13.72
CA PHE A 398 30.64 -18.35 13.90
C PHE A 398 30.35 -18.55 15.38
N ASP A 399 31.15 -17.88 16.19
CA ASP A 399 31.14 -18.01 17.64
C ASP A 399 30.41 -16.82 18.29
N ARG A 400 30.39 -15.70 17.58
CA ARG A 400 29.74 -14.48 18.08
C ARG A 400 28.60 -14.05 17.16
N ILE A 401 28.11 -12.84 17.42
CA ILE A 401 27.17 -12.16 16.53
C ILE A 401 27.67 -10.74 16.33
N MSE B 5 -41.21 -3.13 -3.21
CA MSE B 5 -41.29 -2.68 -4.61
C MSE B 5 -41.08 -3.82 -5.61
O MSE B 5 -40.02 -4.44 -5.64
CB MSE B 5 -40.26 -1.57 -4.87
CG MSE B 5 -40.19 -1.10 -6.31
SE MSE B 5 -41.60 0.17 -6.82
CE MSE B 5 -41.13 0.46 -8.68
N ILE B 6 -42.10 -4.09 -6.42
CA ILE B 6 -41.98 -5.09 -7.47
C ILE B 6 -41.48 -4.42 -8.76
N VAL B 7 -40.43 -4.99 -9.35
CA VAL B 7 -39.79 -4.35 -10.49
C VAL B 7 -40.05 -5.09 -11.79
N LYS B 8 -40.96 -4.55 -12.58
CA LYS B 8 -41.32 -5.08 -13.90
C LYS B 8 -40.98 -4.03 -14.96
N PRO B 9 -40.68 -4.47 -16.19
CA PRO B 9 -40.26 -3.51 -17.23
C PRO B 9 -41.28 -2.40 -17.50
N MSE B 10 -40.75 -1.17 -17.60
CA MSE B 10 -41.56 0.00 -17.88
C MSE B 10 -41.08 0.58 -19.20
O MSE B 10 -40.04 1.26 -19.24
CB MSE B 10 -41.36 1.04 -16.78
CG MSE B 10 -42.09 0.74 -15.49
SE MSE B 10 -43.93 1.39 -15.54
CE MSE B 10 -43.63 3.00 -16.61
N VAL B 11 -41.83 0.35 -20.27
CA VAL B 11 -41.42 0.78 -21.60
C VAL B 11 -42.30 1.91 -22.16
N ARG B 12 -41.70 3.08 -22.33
CA ARG B 12 -42.39 4.23 -22.92
C ARG B 12 -41.54 4.84 -24.04
N ASN B 13 -42.17 5.18 -25.15
CA ASN B 13 -41.48 5.68 -26.34
C ASN B 13 -40.32 4.79 -26.74
N ASN B 14 -40.57 3.48 -26.78
CA ASN B 14 -39.58 2.49 -27.16
C ASN B 14 -38.31 2.48 -26.32
N ILE B 15 -38.44 2.92 -25.07
CA ILE B 15 -37.31 2.92 -24.15
C ILE B 15 -37.68 2.31 -22.81
N CYS B 16 -36.97 1.25 -22.43
CA CYS B 16 -37.19 0.66 -21.12
C CYS B 16 -36.66 1.63 -20.07
N LEU B 17 -37.58 2.18 -19.28
CA LEU B 17 -37.24 3.24 -18.32
C LEU B 17 -36.45 2.74 -17.11
N ASN B 18 -36.82 1.57 -16.59
CA ASN B 18 -36.18 1.08 -15.37
C ASN B 18 -35.23 -0.08 -15.61
N ALA B 19 -34.74 -0.66 -14.52
CA ALA B 19 -33.73 -1.70 -14.59
C ALA B 19 -33.82 -2.59 -13.35
N HIS B 20 -33.48 -3.86 -13.53
CA HIS B 20 -33.55 -4.82 -12.43
C HIS B 20 -32.14 -5.17 -11.99
N PRO B 21 -31.76 -4.77 -10.75
CA PRO B 21 -30.40 -4.95 -10.23
C PRO B 21 -29.90 -6.40 -10.27
N GLN B 22 -30.69 -7.33 -9.74
CA GLN B 22 -30.29 -8.73 -9.71
C GLN B 22 -30.26 -9.33 -11.11
N GLY B 23 -31.23 -8.96 -11.93
CA GLY B 23 -31.24 -9.36 -13.32
C GLY B 23 -29.98 -8.94 -14.05
N CYS B 24 -29.56 -7.70 -13.84
CA CYS B 24 -28.33 -7.20 -14.45
C CYS B 24 -27.11 -8.02 -14.00
N LYS B 25 -27.04 -8.27 -12.70
CA LYS B 25 -25.98 -9.08 -12.12
C LYS B 25 -25.92 -10.45 -12.77
N LYS B 26 -27.07 -11.10 -12.87
CA LYS B 26 -27.18 -12.43 -13.46
C LYS B 26 -26.71 -12.43 -14.92
N GLY B 27 -27.07 -11.39 -15.66
CA GLY B 27 -26.63 -11.24 -17.04
C GLY B 27 -25.13 -11.20 -17.17
N VAL B 28 -24.49 -10.43 -16.29
CA VAL B 28 -23.03 -10.37 -16.25
C VAL B 28 -22.43 -11.73 -15.91
N GLU B 29 -22.99 -12.39 -14.90
CA GLU B 29 -22.48 -13.70 -14.47
C GLU B 29 -22.64 -14.76 -15.56
N ASP B 30 -23.74 -14.69 -16.31
CA ASP B 30 -23.94 -15.58 -17.45
C ASP B 30 -22.87 -15.38 -18.51
N GLN B 31 -22.49 -14.13 -18.76
CA GLN B 31 -21.45 -13.85 -19.74
C GLN B 31 -20.07 -14.32 -19.25
N ILE B 32 -19.81 -14.13 -17.96
CA ILE B 32 -18.56 -14.58 -17.36
C ILE B 32 -18.43 -16.10 -17.46
N GLU B 33 -19.52 -16.79 -17.15
CA GLU B 33 -19.55 -18.24 -17.20
C GLU B 33 -19.31 -18.77 -18.60
N TYR B 34 -19.99 -18.20 -19.60
CA TYR B 34 -19.74 -18.58 -20.98
C TYR B 34 -18.29 -18.39 -21.36
N THR B 35 -17.75 -17.23 -21.00
CA THR B 35 -16.36 -16.88 -21.32
C THR B 35 -15.36 -17.90 -20.75
N LYS B 36 -15.61 -18.35 -19.53
CA LYS B 36 -14.75 -19.37 -18.90
C LYS B 36 -14.82 -20.68 -19.68
N LYS B 37 -15.98 -20.99 -20.26
CA LYS B 37 -16.17 -22.23 -21.03
C LYS B 37 -15.63 -22.10 -22.46
N ARG B 38 -15.64 -20.87 -22.97
CA ARG B 38 -15.27 -20.62 -24.36
C ARG B 38 -13.78 -20.37 -24.54
N ILE B 39 -13.18 -19.65 -23.60
CA ILE B 39 -11.77 -19.34 -23.68
C ILE B 39 -11.04 -20.25 -22.70
N THR B 40 -10.70 -21.45 -23.14
CA THR B 40 -10.11 -22.46 -22.28
C THR B 40 -8.59 -22.48 -22.40
N ALA B 41 -7.95 -23.38 -21.66
CA ALA B 41 -6.50 -23.54 -21.71
C ALA B 41 -6.00 -23.82 -23.13
N GLU B 42 -6.74 -24.63 -23.87
CA GLU B 42 -6.34 -24.95 -25.25
C GLU B 42 -6.47 -23.77 -26.20
N VAL B 43 -7.55 -23.00 -26.05
CA VAL B 43 -7.79 -21.86 -26.91
C VAL B 43 -6.68 -20.82 -26.75
N LYS B 44 -6.14 -20.73 -25.53
CA LYS B 44 -5.10 -19.75 -25.21
C LYS B 44 -3.67 -20.23 -25.48
N ALA B 45 -3.42 -21.52 -25.25
CA ALA B 45 -2.05 -22.04 -25.30
C ALA B 45 -1.47 -21.95 -26.71
N GLY B 46 -0.36 -21.20 -26.83
CA GLY B 46 0.27 -21.04 -28.12
C GLY B 46 -0.04 -19.69 -28.73
N ALA B 47 -0.98 -18.98 -28.12
CA ALA B 47 -1.34 -17.64 -28.60
C ALA B 47 -0.89 -16.60 -27.59
N LYS B 48 -0.74 -15.37 -28.05
CA LYS B 48 -0.52 -14.25 -27.14
C LYS B 48 -1.80 -13.95 -26.38
N ALA B 49 -1.71 -13.06 -25.38
CA ALA B 49 -2.86 -12.69 -24.56
C ALA B 49 -2.76 -11.23 -24.16
N PRO B 50 -3.91 -10.56 -23.98
CA PRO B 50 -3.88 -9.19 -23.46
C PRO B 50 -3.46 -9.18 -21.98
N LYS B 51 -2.66 -8.20 -21.59
CA LYS B 51 -2.20 -8.10 -20.20
C LYS B 51 -2.88 -6.96 -19.45
N ASN B 52 -2.90 -5.78 -20.08
CA ASN B 52 -3.56 -4.60 -19.53
C ASN B 52 -4.50 -3.99 -20.57
N VAL B 53 -5.77 -3.92 -20.23
CA VAL B 53 -6.78 -3.52 -21.20
C VAL B 53 -7.52 -2.26 -20.75
N LEU B 54 -7.69 -1.32 -21.68
CA LEU B 54 -8.52 -0.15 -21.44
C LEU B 54 -9.79 -0.26 -22.27
N VAL B 55 -10.95 -0.19 -21.61
CA VAL B 55 -12.20 -0.29 -22.33
C VAL B 55 -13.03 0.97 -22.13
N LEU B 56 -13.20 1.73 -23.21
CA LEU B 56 -14.06 2.90 -23.21
C LEU B 56 -15.46 2.49 -23.63
N GLY B 57 -16.42 2.63 -22.71
CA GLY B 57 -17.77 2.17 -22.94
C GLY B 57 -17.92 0.75 -22.42
N CYS B 58 -17.58 0.55 -21.15
CA CYS B 58 -17.37 -0.79 -20.58
C CYS B 58 -18.62 -1.42 -19.96
N SER B 59 -19.72 -0.68 -19.94
CA SER B 59 -20.84 -1.03 -19.07
C SER B 59 -22.00 -1.80 -19.74
N ASN B 60 -22.03 -1.83 -21.08
CA ASN B 60 -23.06 -2.57 -21.78
C ASN B 60 -22.61 -3.10 -23.13
N GLY B 61 -23.40 -4.01 -23.69
CA GLY B 61 -23.21 -4.46 -25.06
C GLY B 61 -21.84 -5.02 -25.36
N TYR B 62 -21.27 -4.63 -26.49
CA TYR B 62 -19.97 -5.09 -26.94
C TYR B 62 -18.82 -4.64 -26.04
N GLY B 63 -18.97 -3.48 -25.41
CA GLY B 63 -17.94 -2.97 -24.53
C GLY B 63 -17.84 -3.78 -23.24
N LEU B 64 -19.00 -4.15 -22.70
CA LEU B 64 -19.07 -5.04 -21.55
C LEU B 64 -18.48 -6.42 -21.87
N ALA B 65 -18.88 -6.96 -23.03
CA ALA B 65 -18.39 -8.27 -23.46
C ALA B 65 -16.88 -8.26 -23.66
N SER B 66 -16.35 -7.13 -24.13
CA SER B 66 -14.92 -7.00 -24.35
C SER B 66 -14.17 -7.02 -23.04
N ARG B 67 -14.73 -6.37 -22.02
CA ARG B 67 -14.10 -6.33 -20.71
C ARG B 67 -14.13 -7.69 -20.05
N ILE B 68 -15.26 -8.38 -20.18
CA ILE B 68 -15.43 -9.72 -19.61
C ILE B 68 -14.47 -10.73 -20.25
N THR B 69 -14.38 -10.70 -21.58
CA THR B 69 -13.49 -11.59 -22.30
C THR B 69 -12.04 -11.37 -21.86
N ALA B 70 -11.57 -10.12 -21.89
CA ALA B 70 -10.22 -9.81 -21.45
C ALA B 70 -9.93 -10.29 -20.03
N ALA B 71 -10.82 -9.98 -19.10
CA ALA B 71 -10.58 -10.23 -17.69
C ALA B 71 -10.79 -11.70 -17.31
N PHE B 72 -11.93 -12.27 -17.68
CA PHE B 72 -12.25 -13.63 -17.25
C PHE B 72 -11.81 -14.69 -18.25
N GLY B 73 -11.61 -14.29 -19.50
CA GLY B 73 -11.07 -15.20 -20.49
C GLY B 73 -9.56 -15.27 -20.36
N TYR B 74 -8.91 -14.11 -20.42
CA TYR B 74 -7.45 -14.05 -20.51
C TYR B 74 -6.74 -13.58 -19.22
N GLY B 75 -7.50 -13.22 -18.19
CA GLY B 75 -6.91 -12.86 -16.92
C GLY B 75 -6.26 -11.49 -16.90
N ALA B 76 -6.63 -10.65 -17.85
CA ALA B 76 -6.06 -9.31 -17.95
C ALA B 76 -6.56 -8.37 -16.87
N ALA B 77 -5.72 -7.41 -16.51
CA ALA B 77 -6.13 -6.27 -15.70
C ALA B 77 -6.90 -5.33 -16.62
N THR B 78 -7.99 -4.75 -16.12
CA THR B 78 -8.80 -3.87 -16.95
C THR B 78 -9.17 -2.56 -16.25
N ILE B 79 -9.09 -1.47 -17.01
CA ILE B 79 -9.67 -0.21 -16.59
C ILE B 79 -10.82 0.07 -17.52
N GLY B 80 -12.00 0.29 -16.95
CA GLY B 80 -13.18 0.57 -17.75
C GLY B 80 -13.69 1.97 -17.49
N VAL B 81 -14.16 2.62 -18.56
CA VAL B 81 -14.74 3.94 -18.46
C VAL B 81 -16.15 3.93 -19.05
N SER B 82 -17.11 4.45 -18.30
CA SER B 82 -18.46 4.61 -18.82
C SER B 82 -19.18 5.73 -18.07
N PHE B 83 -20.24 6.27 -18.68
CA PHE B 83 -20.99 7.35 -18.08
C PHE B 83 -22.35 6.82 -17.62
N GLU B 84 -22.49 6.55 -16.32
CA GLU B 84 -23.73 5.99 -15.80
C GLU B 84 -24.39 6.91 -14.79
N LYS B 85 -25.65 6.62 -14.49
CA LYS B 85 -26.35 7.25 -13.38
C LYS B 85 -26.41 6.27 -12.22
N ALA B 86 -25.88 6.68 -11.07
CA ALA B 86 -25.85 5.81 -9.90
C ALA B 86 -27.25 5.61 -9.32
N GLY B 87 -27.51 4.41 -8.81
CA GLY B 87 -28.76 4.18 -8.12
C GLY B 87 -28.69 4.69 -6.69
N SER B 88 -29.84 4.91 -6.08
CA SER B 88 -29.91 5.20 -4.66
C SER B 88 -30.91 4.22 -4.08
N GLU B 89 -31.24 4.38 -2.80
CA GLU B 89 -32.15 3.44 -2.13
C GLU B 89 -33.47 3.27 -2.88
N THR B 90 -34.00 4.37 -3.41
CA THR B 90 -35.32 4.34 -4.03
C THR B 90 -35.33 4.82 -5.49
N LYS B 91 -34.17 5.11 -6.05
CA LYS B 91 -34.09 5.51 -7.43
C LYS B 91 -33.24 4.56 -8.27
N TYR B 92 -33.75 4.21 -9.44
CA TYR B 92 -33.05 3.33 -10.37
C TYR B 92 -31.76 3.94 -10.89
N GLY B 93 -30.70 3.15 -10.88
CA GLY B 93 -29.52 3.50 -11.65
C GLY B 93 -29.74 3.05 -13.09
N THR B 94 -28.82 3.43 -13.97
CA THR B 94 -28.82 2.90 -15.33
C THR B 94 -28.37 1.43 -15.26
N PRO B 95 -28.82 0.62 -16.23
CA PRO B 95 -28.41 -0.80 -16.29
C PRO B 95 -26.89 -0.95 -16.24
N GLY B 96 -26.16 -0.09 -16.93
CA GLY B 96 -24.70 -0.16 -16.96
C GLY B 96 -24.08 0.05 -15.59
N TRP B 97 -24.76 0.81 -14.74
CA TRP B 97 -24.27 1.00 -13.38
C TRP B 97 -24.27 -0.33 -12.63
N TYR B 98 -25.37 -1.05 -12.71
CA TYR B 98 -25.46 -2.37 -12.08
C TYR B 98 -24.50 -3.37 -12.74
N ASN B 99 -24.35 -3.27 -14.05
CA ASN B 99 -23.38 -4.11 -14.77
C ASN B 99 -21.96 -3.92 -14.25
N ASN B 100 -21.57 -2.66 -14.09
CA ASN B 100 -20.24 -2.32 -13.57
C ASN B 100 -20.01 -2.84 -12.16
N LEU B 101 -21.01 -2.68 -11.29
CA LEU B 101 -20.92 -3.21 -9.94
C LEU B 101 -20.75 -4.73 -9.94
N ALA B 102 -21.53 -5.42 -10.77
CA ALA B 102 -21.43 -6.86 -10.88
C ALA B 102 -20.07 -7.30 -11.43
N PHE B 103 -19.54 -6.54 -12.40
CA PHE B 103 -18.24 -6.86 -12.98
C PHE B 103 -17.14 -6.71 -11.93
N ASP B 104 -17.11 -5.57 -11.24
CA ASP B 104 -16.06 -5.30 -10.26
C ASP B 104 -16.08 -6.28 -9.08
N GLU B 105 -17.28 -6.63 -8.62
CA GLU B 105 -17.40 -7.63 -7.56
C GLU B 105 -16.91 -9.01 -7.99
N ALA B 106 -17.23 -9.42 -9.21
CA ALA B 106 -16.76 -10.69 -9.73
C ALA B 106 -15.26 -10.66 -9.93
N ALA B 107 -14.75 -9.54 -10.42
CA ALA B 107 -13.33 -9.39 -10.66
C ALA B 107 -12.54 -9.48 -9.35
N LYS B 108 -13.00 -8.77 -8.33
CA LYS B 108 -12.37 -8.79 -7.02
C LYS B 108 -12.41 -10.18 -6.39
N ARG B 109 -13.57 -10.83 -6.52
CA ARG B 109 -13.76 -12.19 -6.02
C ARG B 109 -12.71 -13.15 -6.55
N GLU B 110 -12.22 -12.87 -7.76
CA GLU B 110 -11.25 -13.76 -8.42
C GLU B 110 -9.82 -13.22 -8.44
N GLY B 111 -9.55 -12.19 -7.66
CA GLY B 111 -8.21 -11.66 -7.53
C GLY B 111 -7.69 -10.91 -8.75
N LEU B 112 -8.61 -10.43 -9.58
CA LEU B 112 -8.23 -9.64 -10.76
C LEU B 112 -8.20 -8.15 -10.44
N TYR B 113 -7.22 -7.44 -11.00
CA TYR B 113 -7.21 -5.99 -10.92
C TYR B 113 -8.28 -5.43 -11.85
N SER B 114 -9.14 -4.58 -11.30
CA SER B 114 -10.20 -3.97 -12.08
C SER B 114 -10.59 -2.62 -11.50
N VAL B 115 -10.53 -1.59 -12.32
CA VAL B 115 -10.92 -0.25 -11.90
C VAL B 115 -11.89 0.34 -12.90
N THR B 116 -13.04 0.80 -12.41
CA THR B 116 -14.03 1.46 -13.26
C THR B 116 -14.07 2.95 -12.95
N ILE B 117 -13.93 3.76 -13.99
CA ILE B 117 -13.98 5.20 -13.83
C ILE B 117 -15.28 5.75 -14.41
N ASP B 118 -16.11 6.32 -13.55
CA ASP B 118 -17.44 6.75 -13.97
C ASP B 118 -17.48 8.25 -14.29
N GLY B 119 -17.63 8.56 -15.57
CA GLY B 119 -17.71 9.94 -16.00
C GLY B 119 -17.82 10.09 -17.50
N ASP B 120 -17.81 11.33 -17.97
CA ASP B 120 -17.89 11.64 -19.38
C ASP B 120 -16.57 11.29 -20.06
N ALA B 121 -16.57 10.25 -20.87
CA ALA B 121 -15.36 9.77 -21.55
C ALA B 121 -14.80 10.78 -22.55
N PHE B 122 -15.65 11.71 -22.99
CA PHE B 122 -15.26 12.71 -23.96
C PHE B 122 -14.49 13.85 -23.33
N SER B 123 -14.52 13.92 -21.99
CA SER B 123 -13.89 15.02 -21.28
C SER B 123 -12.43 14.68 -20.96
N ASP B 124 -11.61 15.72 -20.80
CA ASP B 124 -10.20 15.53 -20.51
C ASP B 124 -9.97 15.22 -19.03
N GLU B 125 -10.94 15.58 -18.20
CA GLU B 125 -10.88 15.27 -16.77
C GLU B 125 -10.83 13.77 -16.53
N ILE B 126 -11.67 13.03 -17.25
CA ILE B 126 -11.70 11.58 -17.13
C ILE B 126 -10.45 10.95 -17.76
N LYS B 127 -9.98 11.53 -18.86
CA LYS B 127 -8.74 11.09 -19.47
C LYS B 127 -7.59 11.21 -18.48
N ALA B 128 -7.61 12.27 -17.67
CA ALA B 128 -6.59 12.50 -16.67
C ALA B 128 -6.69 11.53 -15.50
N GLN B 129 -7.91 11.09 -15.19
CA GLN B 129 -8.11 10.10 -14.14
C GLN B 129 -7.53 8.74 -14.54
N VAL B 130 -7.72 8.38 -15.80
CA VAL B 130 -7.18 7.13 -16.33
C VAL B 130 -5.65 7.19 -16.34
N ILE B 131 -5.12 8.28 -16.87
CA ILE B 131 -3.67 8.49 -16.96
C ILE B 131 -3.03 8.43 -15.58
N GLU B 132 -3.67 9.06 -14.60
CA GLU B 132 -3.15 9.04 -13.24
C GLU B 132 -3.20 7.63 -12.65
N GLU B 133 -4.29 6.93 -12.87
CA GLU B 133 -4.45 5.56 -12.38
C GLU B 133 -3.43 4.61 -13.00
N ALA B 134 -3.18 4.77 -14.30
CA ALA B 134 -2.22 3.94 -15.00
C ALA B 134 -0.79 4.16 -14.49
N LYS B 135 -0.45 5.42 -14.23
CA LYS B 135 0.87 5.74 -13.69
C LYS B 135 1.00 5.27 -12.24
N LYS B 136 -0.09 5.35 -11.49
CA LYS B 136 -0.08 4.94 -10.09
C LYS B 136 0.21 3.43 -9.97
N LYS B 137 -0.05 2.70 -11.04
CA LYS B 137 0.13 1.24 -11.03
C LYS B 137 1.26 0.78 -11.96
N GLY B 138 1.85 1.71 -12.69
CA GLY B 138 2.88 1.36 -13.66
C GLY B 138 2.31 0.53 -14.80
N ILE B 139 1.13 0.95 -15.27
CA ILE B 139 0.44 0.25 -16.35
C ILE B 139 0.68 0.89 -17.72
N LYS B 140 0.98 0.07 -18.71
CA LYS B 140 0.94 0.48 -20.11
C LYS B 140 -0.04 -0.46 -20.81
N PHE B 141 -0.94 0.09 -21.61
CA PHE B 141 -2.01 -0.71 -22.23
C PHE B 141 -1.53 -1.39 -23.52
N ASP B 142 -1.94 -2.64 -23.70
CA ASP B 142 -1.62 -3.37 -24.92
C ASP B 142 -2.88 -3.65 -25.74
N LEU B 143 -4.03 -3.27 -25.19
CA LEU B 143 -5.30 -3.36 -25.90
C LEU B 143 -6.25 -2.25 -25.46
N ILE B 144 -6.71 -1.44 -26.41
CA ILE B 144 -7.63 -0.36 -26.11
C ILE B 144 -8.90 -0.50 -26.94
N VAL B 145 -9.99 -0.84 -26.27
CA VAL B 145 -11.25 -1.05 -26.95
C VAL B 145 -12.12 0.19 -26.84
N TYR B 146 -12.50 0.74 -27.99
CA TYR B 146 -13.38 1.90 -28.05
C TYR B 146 -14.77 1.49 -28.50
N SER B 147 -15.73 1.55 -27.58
CA SER B 147 -17.10 1.13 -27.86
C SER B 147 -18.12 2.03 -27.17
N LEU B 148 -18.06 3.33 -27.43
CA LEU B 148 -18.96 4.26 -26.75
C LEU B 148 -20.36 4.29 -27.36
N ALA B 149 -21.36 4.32 -26.49
CA ALA B 149 -22.76 4.38 -26.89
C ALA B 149 -23.39 5.65 -26.35
N SER B 150 -23.12 6.76 -27.02
CA SER B 150 -23.65 8.05 -26.63
C SER B 150 -24.18 8.79 -27.85
N PRO B 151 -25.41 9.31 -27.76
CA PRO B 151 -25.99 10.06 -28.86
C PRO B 151 -25.52 11.52 -28.88
N VAL B 152 -24.80 11.93 -27.83
CA VAL B 152 -24.33 13.30 -27.72
C VAL B 152 -22.87 13.39 -27.32
N ARG B 153 -22.20 14.46 -27.74
CA ARG B 153 -20.81 14.71 -27.34
C ARG B 153 -20.53 16.17 -27.04
N THR B 154 -19.96 16.42 -25.85
CA THR B 154 -19.48 17.75 -25.49
C THR B 154 -17.99 17.88 -25.83
N ASP B 155 -17.68 18.76 -26.78
CA ASP B 155 -16.30 18.98 -27.21
C ASP B 155 -15.49 19.61 -26.07
N PRO B 156 -14.38 18.97 -25.69
CA PRO B 156 -13.57 19.39 -24.53
C PRO B 156 -12.76 20.65 -24.76
N ASP B 157 -12.46 20.99 -26.01
CA ASP B 157 -11.71 22.20 -26.32
C ASP B 157 -12.66 23.39 -26.31
N THR B 158 -13.92 23.09 -26.61
CA THR B 158 -14.86 24.08 -27.11
C THR B 158 -16.09 24.26 -26.21
N GLY B 159 -16.56 23.18 -25.63
CA GLY B 159 -17.66 23.26 -24.69
C GLY B 159 -19.04 23.14 -25.31
N ILE B 160 -19.09 23.15 -26.64
CA ILE B 160 -20.36 22.99 -27.36
C ILE B 160 -20.78 21.53 -27.38
N MSE B 161 -22.06 21.29 -27.12
CA MSE B 161 -22.60 19.93 -27.12
C MSE B 161 -23.23 19.57 -28.46
O MSE B 161 -24.15 20.24 -28.93
CB MSE B 161 -23.63 19.78 -25.99
CG MSE B 161 -24.55 18.57 -26.15
SE MSE B 161 -25.53 18.19 -24.51
CE MSE B 161 -26.97 17.11 -25.26
N HIS B 162 -22.72 18.50 -29.08
CA HIS B 162 -23.22 18.07 -30.38
C HIS B 162 -24.13 16.84 -30.25
N LYS B 163 -25.17 16.78 -31.08
CA LYS B 163 -26.14 15.70 -31.00
C LYS B 163 -26.12 14.85 -32.27
N SER B 164 -26.18 13.53 -32.11
CA SER B 164 -26.16 12.62 -33.25
C SER B 164 -27.54 12.47 -33.87
N VAL B 165 -27.58 12.46 -35.20
CA VAL B 165 -28.81 12.14 -35.92
C VAL B 165 -28.56 10.97 -36.86
N LEU B 166 -29.59 10.17 -37.07
CA LEU B 166 -29.48 9.01 -37.95
C LEU B 166 -30.29 9.26 -39.22
N LYS B 167 -29.74 10.12 -40.09
CA LYS B 167 -30.44 10.57 -41.27
C LYS B 167 -29.60 10.40 -42.54
N PRO B 168 -30.27 10.20 -43.68
CA PRO B 168 -29.58 10.07 -44.97
C PRO B 168 -29.22 11.44 -45.55
N PHE B 169 -28.59 11.43 -46.72
CA PHE B 169 -28.25 12.67 -47.42
C PHE B 169 -29.08 12.79 -48.70
N GLY B 170 -29.53 14.02 -48.98
CA GLY B 170 -30.24 14.29 -50.22
C GLY B 170 -31.71 13.90 -50.21
N LYS B 171 -31.97 12.60 -50.11
CA LYS B 171 -33.33 12.08 -50.21
C LYS B 171 -33.81 11.46 -48.90
N THR B 172 -35.10 11.60 -48.62
CA THR B 172 -35.74 10.97 -47.48
C THR B 172 -35.64 9.45 -47.56
N PHE B 173 -35.14 8.83 -46.50
CA PHE B 173 -35.11 7.37 -46.42
C PHE B 173 -36.33 6.86 -45.66
N THR B 174 -36.98 5.84 -46.23
CA THR B 174 -38.26 5.38 -45.72
C THR B 174 -38.36 3.86 -45.84
N GLY B 175 -39.02 3.22 -44.89
CA GLY B 175 -39.19 1.78 -44.95
C GLY B 175 -40.04 1.22 -43.82
N LYS B 176 -40.32 -0.08 -43.89
CA LYS B 176 -41.09 -0.75 -42.85
C LYS B 176 -40.35 -0.82 -41.52
N THR B 177 -41.12 -0.98 -40.45
CA THR B 177 -40.58 -1.35 -39.16
C THR B 177 -41.63 -2.18 -38.44
N VAL B 178 -41.28 -2.72 -37.28
CA VAL B 178 -42.20 -3.56 -36.54
C VAL B 178 -41.99 -3.35 -35.05
N ASP B 179 -43.09 -3.27 -34.29
CA ASP B 179 -42.98 -3.30 -32.84
C ASP B 179 -43.01 -4.75 -32.35
N PRO B 180 -41.95 -5.18 -31.68
CA PRO B 180 -41.78 -6.57 -31.25
C PRO B 180 -42.76 -6.98 -30.17
N PHE B 181 -43.41 -6.01 -29.53
CA PHE B 181 -44.34 -6.32 -28.46
C PHE B 181 -45.79 -6.45 -28.93
N THR B 182 -46.13 -5.82 -30.05
CA THR B 182 -47.48 -5.91 -30.61
C THR B 182 -47.50 -6.70 -31.91
N GLY B 183 -46.36 -6.72 -32.60
CA GLY B 183 -46.24 -7.44 -33.85
C GLY B 183 -46.88 -6.70 -35.02
N GLU B 184 -47.18 -5.43 -34.83
CA GLU B 184 -47.80 -4.65 -35.91
C GLU B 184 -46.77 -3.96 -36.78
N LEU B 185 -47.07 -3.85 -38.07
CA LEU B 185 -46.18 -3.25 -39.04
C LEU B 185 -46.51 -1.79 -39.28
N LYS B 186 -45.48 -0.98 -39.48
CA LYS B 186 -45.65 0.44 -39.78
C LYS B 186 -44.59 0.85 -40.78
N GLU B 187 -44.64 2.13 -41.19
CA GLU B 187 -43.65 2.69 -42.08
C GLU B 187 -43.07 3.93 -41.42
N ILE B 188 -41.76 4.02 -41.34
CA ILE B 188 -41.16 5.25 -40.81
C ILE B 188 -40.13 5.84 -41.77
N SER B 189 -39.85 7.12 -41.60
CA SER B 189 -38.99 7.84 -42.54
C SER B 189 -37.88 8.60 -41.81
N ALA B 190 -36.79 8.84 -42.53
CA ALA B 190 -35.71 9.66 -42.01
C ALA B 190 -35.41 10.77 -43.02
N GLU B 191 -35.72 12.00 -42.63
CA GLU B 191 -35.53 13.14 -43.51
C GLU B 191 -34.06 13.39 -43.73
N PRO B 192 -33.70 13.96 -44.89
CA PRO B 192 -32.31 14.35 -45.17
C PRO B 192 -31.78 15.28 -44.07
N ALA B 193 -30.48 15.21 -43.81
CA ALA B 193 -29.89 16.00 -42.74
C ALA B 193 -29.31 17.30 -43.26
N ASN B 194 -29.44 18.36 -42.47
CA ASN B 194 -28.76 19.61 -42.76
C ASN B 194 -27.27 19.48 -42.42
N ASP B 195 -26.49 20.49 -42.77
CA ASP B 195 -25.04 20.41 -42.58
C ASP B 195 -24.63 20.53 -41.12
N GLU B 196 -25.47 21.14 -40.31
CA GLU B 196 -25.21 21.21 -38.87
C GLU B 196 -25.35 19.83 -38.25
N GLU B 197 -26.32 19.06 -38.74
CA GLU B 197 -26.56 17.72 -38.25
C GLU B 197 -25.45 16.77 -38.67
N ALA B 198 -25.09 16.82 -39.95
CA ALA B 198 -24.03 15.97 -40.48
C ALA B 198 -22.71 16.23 -39.77
N ALA B 199 -22.41 17.50 -39.51
CA ALA B 199 -21.19 17.88 -38.81
C ALA B 199 -21.23 17.43 -37.35
N ALA B 200 -22.40 17.56 -36.72
CA ALA B 200 -22.57 17.16 -35.33
C ALA B 200 -22.37 15.65 -35.15
N THR B 201 -22.97 14.87 -36.05
CA THR B 201 -22.88 13.42 -36.00
C THR B 201 -21.43 12.93 -36.09
N VAL B 202 -20.69 13.46 -37.06
CA VAL B 202 -19.28 13.11 -37.22
C VAL B 202 -18.49 13.49 -35.98
N LYS B 203 -18.89 14.57 -35.32
CA LYS B 203 -18.25 14.99 -34.07
C LYS B 203 -18.44 13.95 -32.97
N VAL B 204 -19.55 13.22 -33.03
CA VAL B 204 -19.91 12.29 -31.95
C VAL B 204 -19.52 10.85 -32.26
N MSE B 205 -19.89 10.37 -33.45
CA MSE B 205 -19.66 8.98 -33.82
C MSE B 205 -18.37 8.77 -34.62
O MSE B 205 -18.09 7.66 -35.06
CB MSE B 205 -20.85 8.45 -34.63
CG MSE B 205 -22.18 8.60 -33.93
SE MSE B 205 -23.63 7.82 -34.98
CE MSE B 205 -23.00 5.97 -35.02
N GLY B 206 -17.60 9.84 -34.79
CA GLY B 206 -16.36 9.74 -35.54
C GLY B 206 -15.18 9.34 -34.67
N GLY B 207 -13.98 9.50 -35.21
CA GLY B 207 -12.78 9.06 -34.52
C GLY B 207 -12.04 10.13 -33.74
N GLU B 208 -12.64 11.33 -33.63
CA GLU B 208 -12.01 12.44 -32.93
C GLU B 208 -11.61 12.13 -31.49
N ASP B 209 -12.53 11.56 -30.72
CA ASP B 209 -12.23 11.25 -29.33
C ASP B 209 -11.34 10.00 -29.23
N TRP B 210 -11.59 9.04 -30.10
CA TRP B 210 -10.75 7.84 -30.21
C TRP B 210 -9.29 8.25 -30.39
N GLU B 211 -9.04 9.08 -31.40
CA GLU B 211 -7.70 9.58 -31.67
C GLU B 211 -7.20 10.41 -30.49
N ARG B 212 -8.11 11.13 -29.83
CA ARG B 212 -7.72 11.98 -28.71
C ARG B 212 -7.22 11.14 -27.53
N TRP B 213 -7.87 10.01 -27.29
CA TRP B 213 -7.42 9.08 -26.25
C TRP B 213 -6.02 8.55 -26.54
N ILE B 214 -5.80 8.11 -27.78
CA ILE B 214 -4.52 7.53 -28.17
C ILE B 214 -3.37 8.53 -28.03
N LYS B 215 -3.59 9.75 -28.54
CA LYS B 215 -2.56 10.79 -28.47
C LYS B 215 -2.14 11.10 -27.04
N GLN B 216 -3.12 11.30 -26.17
CA GLN B 216 -2.84 11.61 -24.77
C GLN B 216 -2.15 10.44 -24.07
N LEU B 217 -2.63 9.23 -24.33
CA LEU B 217 -2.01 8.03 -23.77
C LEU B 217 -0.58 7.88 -24.30
N SER B 218 -0.41 8.10 -25.60
CA SER B 218 0.91 8.01 -26.23
C SER B 218 1.91 9.00 -25.63
N LYS B 219 1.49 10.26 -25.51
CA LYS B 219 2.35 11.32 -24.98
C LYS B 219 2.81 11.00 -23.55
N GLU B 220 1.93 10.36 -22.78
CA GLU B 220 2.25 9.99 -21.40
C GLU B 220 2.99 8.65 -21.37
N GLY B 221 3.25 8.10 -22.55
CA GLY B 221 3.95 6.84 -22.69
C GLY B 221 3.23 5.67 -22.03
N LEU B 222 1.92 5.62 -22.22
CA LEU B 222 1.09 4.58 -21.61
C LEU B 222 0.66 3.53 -22.63
N LEU B 223 1.28 3.55 -23.79
CA LEU B 223 1.03 2.53 -24.80
C LEU B 223 2.20 1.55 -24.88
N GLU B 224 1.90 0.26 -24.77
CA GLU B 224 2.92 -0.77 -24.92
C GLU B 224 3.25 -0.93 -26.39
N GLU B 225 4.45 -1.43 -26.68
CA GLU B 225 4.86 -1.65 -28.06
C GLU B 225 3.98 -2.71 -28.73
N GLY B 226 3.38 -2.36 -29.87
CA GLY B 226 2.48 -3.25 -30.56
C GLY B 226 1.07 -3.21 -30.03
N CYS B 227 0.75 -2.18 -29.24
CA CYS B 227 -0.58 -2.04 -28.64
C CYS B 227 -1.67 -2.07 -29.69
N ILE B 228 -2.67 -2.92 -29.47
CA ILE B 228 -3.82 -2.98 -30.36
C ILE B 228 -4.92 -2.01 -29.91
N THR B 229 -5.48 -1.24 -30.84
CA THR B 229 -6.68 -0.48 -30.52
C THR B 229 -7.78 -0.70 -31.55
N LEU B 230 -9.01 -0.81 -31.06
CA LEU B 230 -10.14 -1.14 -31.89
C LEU B 230 -11.30 -0.17 -31.65
N ALA B 231 -12.01 0.18 -32.70
CA ALA B 231 -13.26 0.90 -32.57
C ALA B 231 -14.33 0.06 -33.25
N TYR B 232 -15.44 -0.17 -32.58
CA TYR B 232 -16.48 -1.03 -33.12
C TYR B 232 -17.38 -0.25 -34.07
N SER B 233 -17.79 -0.91 -35.15
CA SER B 233 -18.70 -0.31 -36.12
C SER B 233 -19.67 -1.34 -36.64
N TYR B 234 -20.41 -0.95 -37.67
CA TYR B 234 -21.44 -1.80 -38.24
C TYR B 234 -21.69 -1.37 -39.67
N ILE B 235 -21.72 -2.34 -40.58
CA ILE B 235 -21.91 -2.05 -41.99
C ILE B 235 -23.34 -2.34 -42.41
N GLY B 236 -23.83 -3.51 -42.00
CA GLY B 236 -25.23 -3.84 -42.23
C GLY B 236 -25.55 -4.30 -43.62
N PRO B 237 -26.83 -4.60 -43.86
CA PRO B 237 -27.32 -5.16 -45.12
C PRO B 237 -27.46 -4.10 -46.19
N GLU B 238 -27.81 -4.57 -47.39
CA GLU B 238 -28.09 -3.70 -48.53
C GLU B 238 -29.15 -2.65 -48.24
N ALA B 239 -30.24 -3.05 -47.58
CA ALA B 239 -31.42 -2.19 -47.40
C ALA B 239 -31.16 -0.89 -46.65
N THR B 240 -30.25 -0.92 -45.68
CA THR B 240 -30.02 0.25 -44.84
C THR B 240 -28.77 1.01 -45.25
N GLN B 241 -28.38 0.84 -46.50
CA GLN B 241 -27.15 1.43 -47.04
C GLN B 241 -27.21 2.95 -47.11
N ALA B 242 -28.41 3.49 -47.30
CA ALA B 242 -28.58 4.95 -47.41
C ALA B 242 -28.24 5.65 -46.10
N LEU B 243 -28.30 4.90 -45.00
CA LEU B 243 -27.94 5.43 -43.71
C LEU B 243 -26.49 5.09 -43.41
N TYR B 244 -26.19 3.80 -43.39
CA TYR B 244 -24.87 3.32 -42.96
C TYR B 244 -23.73 3.58 -43.94
N ARG B 245 -24.05 3.99 -45.17
CA ARG B 245 -23.01 4.29 -46.16
C ARG B 245 -23.15 5.68 -46.77
N LYS B 246 -24.37 6.08 -47.09
CA LYS B 246 -24.62 7.38 -47.71
C LYS B 246 -25.37 8.32 -46.78
N GLY B 247 -25.27 8.06 -45.48
CA GLY B 247 -25.97 8.86 -44.49
C GLY B 247 -25.03 9.50 -43.50
N THR B 248 -25.60 10.08 -42.44
CA THR B 248 -24.82 10.74 -41.40
C THR B 248 -23.88 9.77 -40.70
N ILE B 249 -24.31 8.52 -40.53
CA ILE B 249 -23.45 7.53 -39.88
C ILE B 249 -22.39 7.01 -40.85
N GLY B 250 -22.77 6.84 -42.11
CA GLY B 250 -21.82 6.50 -43.15
C GLY B 250 -20.66 7.46 -43.20
N LYS B 251 -20.96 8.75 -43.09
CA LYS B 251 -19.91 9.77 -43.09
C LYS B 251 -19.08 9.71 -41.80
N ALA B 252 -19.74 9.37 -40.70
CA ALA B 252 -19.04 9.22 -39.42
C ALA B 252 -18.08 8.02 -39.46
N LYS B 253 -18.56 6.91 -40.01
CA LYS B 253 -17.76 5.70 -40.19
C LYS B 253 -16.53 5.97 -41.07
N GLU B 254 -16.75 6.68 -42.17
CA GLU B 254 -15.67 7.05 -43.07
C GLU B 254 -14.63 7.88 -42.33
N HIS B 255 -15.12 8.73 -41.44
CA HIS B 255 -14.24 9.51 -40.59
C HIS B 255 -13.49 8.58 -39.62
N LEU B 256 -14.19 7.57 -39.13
CA LEU B 256 -13.61 6.63 -38.17
C LEU B 256 -12.53 5.75 -38.80
N GLU B 257 -12.83 5.23 -39.99
CA GLU B 257 -11.88 4.42 -40.73
C GLU B 257 -10.63 5.23 -41.10
N ALA B 258 -10.83 6.47 -41.50
CA ALA B 258 -9.72 7.35 -41.84
C ALA B 258 -8.89 7.69 -40.61
N THR B 259 -9.56 7.75 -39.46
CA THR B 259 -8.88 7.96 -38.19
C THR B 259 -7.96 6.79 -37.89
N ALA B 260 -8.45 5.58 -38.16
CA ALA B 260 -7.68 4.37 -37.92
C ALA B 260 -6.43 4.36 -38.78
N HIS B 261 -6.59 4.69 -40.06
CA HIS B 261 -5.48 4.76 -40.99
C HIS B 261 -4.39 5.72 -40.51
N ARG B 262 -4.81 6.91 -40.09
CA ARG B 262 -3.87 7.92 -39.61
C ARG B 262 -3.19 7.49 -38.32
N LEU B 263 -3.91 6.79 -37.46
CA LEU B 263 -3.35 6.29 -36.20
C LEU B 263 -2.18 5.35 -36.47
N ASN B 264 -2.32 4.49 -37.47
CA ASN B 264 -1.27 3.54 -37.83
C ASN B 264 -0.01 4.22 -38.37
N LYS B 265 -0.19 5.35 -39.05
CA LYS B 265 0.91 6.05 -39.70
C LYS B 265 1.66 7.02 -38.78
N GLU B 266 0.98 7.48 -37.73
CA GLU B 266 1.60 8.41 -36.79
C GLU B 266 2.14 7.67 -35.56
N ASN B 267 1.66 6.45 -35.37
CA ASN B 267 2.16 5.57 -34.33
C ASN B 267 2.65 4.26 -34.93
N PRO B 268 3.94 4.18 -35.27
CA PRO B 268 4.48 3.03 -36.01
C PRO B 268 4.34 1.72 -35.24
N SER B 269 4.47 1.78 -33.92
CA SER B 269 4.35 0.57 -33.11
C SER B 269 2.93 0.36 -32.58
N ILE B 270 1.95 0.87 -33.32
CA ILE B 270 0.55 0.65 -32.95
C ILE B 270 -0.16 -0.18 -34.01
N ARG B 271 -1.20 -0.89 -33.58
CA ARG B 271 -2.06 -1.60 -34.51
C ARG B 271 -3.50 -1.15 -34.28
N ALA B 272 -3.98 -0.26 -35.13
CA ALA B 272 -5.32 0.29 -35.00
C ALA B 272 -6.25 -0.30 -36.03
N PHE B 273 -7.42 -0.75 -35.58
CA PHE B 273 -8.41 -1.32 -36.51
C PHE B 273 -9.80 -0.80 -36.19
N VAL B 274 -10.61 -0.64 -37.23
CA VAL B 274 -12.05 -0.58 -37.03
C VAL B 274 -12.53 -2.02 -37.10
N SER B 275 -13.36 -2.42 -36.15
CA SER B 275 -13.91 -3.77 -36.13
C SER B 275 -15.39 -3.73 -36.46
N VAL B 276 -15.76 -4.36 -37.56
CA VAL B 276 -17.16 -4.38 -37.98
C VAL B 276 -17.85 -5.60 -37.38
N ASN B 277 -18.80 -5.34 -36.49
CA ASN B 277 -19.51 -6.40 -35.79
C ASN B 277 -20.88 -6.69 -36.40
N LYS B 278 -21.57 -7.68 -35.85
CA LYS B 278 -22.89 -8.04 -36.32
C LYS B 278 -23.98 -7.12 -35.75
N GLY B 279 -25.15 -7.13 -36.37
CA GLY B 279 -26.26 -6.31 -35.93
C GLY B 279 -26.96 -6.88 -34.72
N LEU B 280 -27.36 -6.01 -33.81
CA LEU B 280 -28.10 -6.42 -32.63
C LEU B 280 -29.04 -5.32 -32.17
N VAL B 281 -29.93 -5.66 -31.23
CA VAL B 281 -30.85 -4.68 -30.67
C VAL B 281 -30.11 -3.64 -29.83
N THR B 282 -30.10 -2.41 -30.31
CA THR B 282 -29.53 -1.29 -29.56
C THR B 282 -30.63 -0.31 -29.15
N ARG B 283 -30.26 0.69 -28.37
CA ARG B 283 -31.20 1.68 -27.89
C ARG B 283 -31.84 2.46 -29.05
N ALA B 284 -31.10 2.60 -30.13
CA ALA B 284 -31.53 3.42 -31.26
C ALA B 284 -32.18 2.64 -32.40
N SER B 285 -32.33 1.33 -32.23
CA SER B 285 -32.88 0.48 -33.29
C SER B 285 -34.28 0.88 -33.74
N ALA B 286 -35.13 1.25 -32.78
CA ALA B 286 -36.54 1.54 -33.07
C ALA B 286 -36.73 2.77 -33.94
N VAL B 287 -35.86 3.76 -33.79
CA VAL B 287 -35.99 5.02 -34.52
C VAL B 287 -35.51 4.87 -35.96
N ILE B 288 -34.87 3.74 -36.25
CA ILE B 288 -34.32 3.50 -37.57
C ILE B 288 -35.24 2.62 -38.42
N PRO B 289 -35.67 3.14 -39.58
CA PRO B 289 -36.50 2.35 -40.49
C PRO B 289 -35.77 1.09 -40.97
N VAL B 290 -36.52 0.01 -41.16
CA VAL B 290 -36.02 -1.29 -41.62
C VAL B 290 -35.34 -2.13 -40.53
N ILE B 291 -34.45 -1.50 -39.75
CA ILE B 291 -33.64 -2.24 -38.76
C ILE B 291 -34.40 -3.23 -37.86
N PRO B 292 -35.45 -2.78 -37.15
CA PRO B 292 -36.15 -3.71 -36.26
C PRO B 292 -36.70 -4.92 -37.00
N LEU B 293 -37.20 -4.71 -38.22
CA LEU B 293 -37.69 -5.80 -39.04
C LEU B 293 -36.53 -6.67 -39.53
N TYR B 294 -35.47 -6.01 -40.00
CA TYR B 294 -34.29 -6.72 -40.46
C TYR B 294 -33.66 -7.59 -39.38
N LEU B 295 -33.62 -7.10 -38.15
CA LEU B 295 -33.01 -7.83 -37.04
C LEU B 295 -33.81 -9.06 -36.61
N ALA B 296 -35.13 -8.91 -36.54
CA ALA B 296 -36.00 -10.01 -36.13
C ALA B 296 -35.97 -11.12 -37.18
N SER B 297 -35.74 -10.73 -38.43
CA SER B 297 -35.63 -11.68 -39.51
C SER B 297 -34.25 -12.31 -39.51
N LEU B 298 -33.22 -11.50 -39.27
CA LEU B 298 -31.86 -11.99 -39.19
C LEU B 298 -31.71 -13.02 -38.07
N PHE B 299 -32.25 -12.69 -36.91
CA PHE B 299 -32.19 -13.61 -35.76
C PHE B 299 -32.89 -14.92 -36.12
N LYS B 300 -33.99 -14.81 -36.86
CA LYS B 300 -34.73 -16.00 -37.30
C LYS B 300 -33.87 -16.91 -38.20
N VAL B 301 -33.22 -16.30 -39.18
CA VAL B 301 -32.44 -17.03 -40.16
C VAL B 301 -31.17 -17.64 -39.57
N MSE B 302 -30.50 -16.88 -38.71
CA MSE B 302 -29.24 -17.35 -38.13
C MSE B 302 -29.45 -18.40 -37.04
O MSE B 302 -28.63 -19.31 -36.90
CB MSE B 302 -28.40 -16.17 -37.62
CG MSE B 302 -28.10 -15.19 -38.73
SE MSE B 302 -26.79 -13.85 -38.29
CE MSE B 302 -25.20 -15.00 -38.19
N LYS B 303 -30.53 -18.30 -36.27
CA LYS B 303 -30.82 -19.31 -35.25
C LYS B 303 -31.17 -20.66 -35.86
N GLU B 304 -31.96 -20.64 -36.92
CA GLU B 304 -32.30 -21.87 -37.64
C GLU B 304 -31.05 -22.49 -38.25
N LYS B 305 -30.21 -21.66 -38.83
CA LYS B 305 -28.96 -22.12 -39.40
C LYS B 305 -28.02 -22.61 -38.31
N GLY B 306 -28.14 -22.01 -37.12
CA GLY B 306 -27.38 -22.44 -35.97
C GLY B 306 -26.13 -21.63 -35.70
N ASN B 307 -26.02 -20.46 -36.33
CA ASN B 307 -24.86 -19.61 -36.12
C ASN B 307 -25.18 -18.22 -35.54
N HIS B 308 -26.23 -18.16 -34.73
CA HIS B 308 -26.61 -16.89 -34.10
C HIS B 308 -25.72 -16.60 -32.90
N GLU B 309 -25.22 -15.37 -32.82
CA GLU B 309 -24.38 -14.95 -31.70
C GLU B 309 -24.99 -13.75 -30.97
N GLY B 310 -24.72 -13.67 -29.68
CA GLY B 310 -24.97 -12.44 -28.93
C GLY B 310 -23.66 -11.69 -28.76
N CYS B 311 -23.65 -10.72 -27.85
CA CYS B 311 -22.45 -9.91 -27.63
C CYS B 311 -21.25 -10.74 -27.19
N ILE B 312 -21.46 -11.65 -26.24
CA ILE B 312 -20.35 -12.37 -25.64
C ILE B 312 -19.80 -13.43 -26.60
N GLU B 313 -20.67 -14.00 -27.43
CA GLU B 313 -20.22 -14.95 -28.44
C GLU B 313 -19.40 -14.23 -29.50
N GLN B 314 -19.90 -13.07 -29.94
CA GLN B 314 -19.19 -12.23 -30.91
C GLN B 314 -17.80 -11.84 -30.42
N ILE B 315 -17.72 -11.37 -29.19
CA ILE B 315 -16.47 -10.82 -28.71
C ILE B 315 -15.44 -11.89 -28.32
N THR B 316 -15.92 -13.01 -27.77
CA THR B 316 -15.02 -14.12 -27.49
C THR B 316 -14.41 -14.63 -28.79
N ARG B 317 -15.20 -14.63 -29.86
CA ARG B 317 -14.71 -15.04 -31.16
C ARG B 317 -13.72 -14.01 -31.72
N LEU B 318 -14.04 -12.74 -31.50
CA LEU B 318 -13.12 -11.65 -31.84
C LEU B 318 -11.72 -11.86 -31.24
N TYR B 319 -11.66 -12.08 -29.93
CA TYR B 319 -10.37 -12.27 -29.27
C TYR B 319 -9.65 -13.53 -29.76
N ALA B 320 -10.36 -14.65 -29.70
CA ALA B 320 -9.76 -15.93 -29.97
C ALA B 320 -9.48 -16.17 -31.45
N GLU B 321 -10.27 -15.57 -32.33
CA GLU B 321 -10.15 -15.86 -33.76
C GLU B 321 -9.74 -14.69 -34.65
N ARG B 322 -9.44 -13.55 -34.05
CA ARG B 322 -8.90 -12.39 -34.77
C ARG B 322 -7.65 -11.82 -34.07
N LEU B 323 -7.82 -11.41 -32.83
CA LEU B 323 -6.76 -10.69 -32.12
C LEU B 323 -5.63 -11.60 -31.61
N TYR B 324 -5.99 -12.77 -31.10
CA TYR B 324 -5.01 -13.67 -30.46
C TYR B 324 -5.08 -15.09 -31.02
N ARG B 325 -4.73 -15.23 -32.30
CA ARG B 325 -4.77 -16.51 -33.00
C ARG B 325 -3.42 -17.22 -32.87
N LYS B 326 -3.43 -18.53 -33.04
CA LYS B 326 -2.17 -19.29 -32.98
C LYS B 326 -1.23 -18.90 -34.12
N ASP B 327 -1.78 -18.55 -35.28
CA ASP B 327 -0.94 -18.17 -36.41
C ASP B 327 -0.40 -16.75 -36.29
N GLY B 328 -0.87 -16.02 -35.27
CA GLY B 328 -0.34 -14.71 -34.95
C GLY B 328 -0.71 -13.60 -35.92
N THR B 329 -1.57 -13.91 -36.89
CA THR B 329 -2.04 -12.90 -37.81
C THR B 329 -3.33 -12.25 -37.31
N ILE B 330 -3.64 -11.07 -37.83
CA ILE B 330 -4.92 -10.43 -37.57
C ILE B 330 -5.61 -10.21 -38.92
N PRO B 331 -6.46 -11.15 -39.32
CA PRO B 331 -7.12 -11.12 -40.62
C PRO B 331 -7.98 -9.86 -40.75
N VAL B 332 -7.90 -9.21 -41.92
CA VAL B 332 -8.64 -7.99 -42.18
C VAL B 332 -9.19 -8.03 -43.59
N ASP B 333 -10.19 -7.19 -43.89
CA ASP B 333 -10.68 -7.10 -45.26
C ASP B 333 -9.78 -6.20 -46.10
N GLU B 334 -10.19 -5.96 -47.34
CA GLU B 334 -9.39 -5.17 -48.28
C GLU B 334 -9.27 -3.70 -47.86
N GLU B 335 -10.04 -3.29 -46.85
CA GLU B 335 -9.98 -1.93 -46.32
C GLU B 335 -9.26 -1.88 -44.97
N ASN B 336 -8.61 -2.98 -44.62
CA ASN B 336 -7.89 -3.12 -43.35
C ASN B 336 -8.81 -3.06 -42.12
N ARG B 337 -10.01 -3.60 -42.27
CA ARG B 337 -10.98 -3.64 -41.19
C ARG B 337 -11.21 -5.07 -40.71
N ILE B 338 -11.23 -5.28 -39.41
CA ILE B 338 -11.58 -6.58 -38.87
C ILE B 338 -13.07 -6.82 -39.08
N ARG B 339 -13.44 -8.01 -39.55
CA ARG B 339 -14.83 -8.33 -39.80
C ARG B 339 -15.25 -9.55 -39.01
N ILE B 340 -16.16 -9.37 -38.05
CA ILE B 340 -16.81 -10.51 -37.42
C ILE B 340 -18.30 -10.51 -37.75
N ASP B 341 -18.69 -9.55 -38.58
CA ASP B 341 -20.00 -9.60 -39.21
C ASP B 341 -19.93 -10.49 -40.45
N ASP B 342 -18.95 -11.39 -40.47
CA ASP B 342 -18.75 -12.30 -41.60
C ASP B 342 -19.85 -13.35 -41.70
N TRP B 343 -20.33 -13.83 -40.56
CA TRP B 343 -21.44 -14.78 -40.58
C TRP B 343 -22.73 -14.09 -41.02
N GLU B 344 -22.98 -12.90 -40.50
CA GLU B 344 -24.19 -12.16 -40.85
C GLU B 344 -24.33 -11.92 -42.35
N LEU B 345 -23.27 -11.40 -42.96
CA LEU B 345 -23.32 -10.99 -44.36
C LEU B 345 -22.98 -12.12 -45.33
N GLU B 346 -23.15 -13.36 -44.89
CA GLU B 346 -23.03 -14.49 -45.80
C GLU B 346 -24.13 -14.38 -46.84
N GLU B 347 -23.84 -14.80 -48.07
CA GLU B 347 -24.80 -14.70 -49.17
C GLU B 347 -26.14 -15.34 -48.84
N ASP B 348 -26.11 -16.62 -48.47
CA ASP B 348 -27.33 -17.36 -48.19
C ASP B 348 -28.16 -16.72 -47.09
N VAL B 349 -27.50 -16.25 -46.03
CA VAL B 349 -28.20 -15.60 -44.93
C VAL B 349 -28.95 -14.36 -45.42
N GLN B 350 -28.23 -13.46 -46.09
CA GLN B 350 -28.81 -12.21 -46.55
C GLN B 350 -29.91 -12.41 -47.58
N LYS B 351 -29.76 -13.43 -48.41
CA LYS B 351 -30.79 -13.74 -49.40
C LYS B 351 -32.04 -14.29 -48.71
N ALA B 352 -31.83 -15.09 -47.67
CA ALA B 352 -32.95 -15.60 -46.89
C ALA B 352 -33.61 -14.49 -46.06
N VAL B 353 -32.81 -13.53 -45.63
CA VAL B 353 -33.35 -12.41 -44.86
C VAL B 353 -34.14 -11.46 -45.77
N SER B 354 -33.59 -11.15 -46.92
CA SER B 354 -34.28 -10.32 -47.91
C SER B 354 -35.58 -10.98 -48.33
N ALA B 355 -35.54 -12.30 -48.50
CA ALA B 355 -36.73 -13.07 -48.87
C ALA B 355 -37.77 -13.12 -47.74
N LEU B 356 -37.30 -13.02 -46.51
CA LEU B 356 -38.18 -13.17 -45.34
C LEU B 356 -39.02 -11.92 -45.05
N MSE B 357 -38.40 -10.74 -45.18
CA MSE B 357 -39.07 -9.49 -44.83
C MSE B 357 -40.05 -9.03 -45.91
O MSE B 357 -40.81 -8.07 -45.70
CB MSE B 357 -38.03 -8.40 -44.58
CG MSE B 357 -36.94 -8.81 -43.61
SE MSE B 357 -35.26 -7.98 -44.14
CE MSE B 357 -35.69 -6.13 -43.81
N GLU B 358 -40.03 -9.67 -47.07
CA GLU B 358 -40.95 -9.36 -48.14
C GLU B 358 -42.29 -10.06 -47.87
N LYS B 359 -42.26 -11.03 -46.96
CA LYS B 359 -43.34 -11.97 -46.72
C LYS B 359 -44.10 -11.61 -45.44
N VAL B 360 -43.58 -10.64 -44.69
CA VAL B 360 -44.12 -10.34 -43.37
C VAL B 360 -45.35 -9.42 -43.39
N THR B 361 -46.39 -9.80 -42.65
CA THR B 361 -47.60 -9.00 -42.50
C THR B 361 -47.94 -8.78 -41.03
N GLY B 362 -49.06 -8.12 -40.77
CA GLY B 362 -49.49 -7.85 -39.41
C GLY B 362 -49.80 -9.09 -38.59
N GLU B 363 -50.31 -10.12 -39.26
CA GLU B 363 -50.74 -11.31 -38.55
C GLU B 363 -49.75 -12.48 -38.62
N ASN B 364 -48.64 -12.30 -39.34
CA ASN B 364 -47.64 -13.36 -39.45
C ASN B 364 -46.27 -13.00 -38.87
N ALA B 365 -46.15 -11.81 -38.31
CA ALA B 365 -44.87 -11.29 -37.82
C ALA B 365 -44.26 -12.19 -36.74
N GLU B 366 -45.09 -12.65 -35.81
CA GLU B 366 -44.62 -13.47 -34.70
C GLU B 366 -44.14 -14.84 -35.16
N SER B 367 -44.77 -15.37 -36.20
CA SER B 367 -44.46 -16.71 -36.68
C SER B 367 -43.28 -16.71 -37.65
N LEU B 368 -43.23 -15.69 -38.51
CA LEU B 368 -42.22 -15.59 -39.55
C LEU B 368 -40.87 -15.14 -39.03
N THR B 369 -40.88 -14.16 -38.13
CA THR B 369 -39.63 -13.59 -37.62
C THR B 369 -39.50 -13.82 -36.12
N ASP B 370 -38.31 -13.58 -35.59
CA ASP B 370 -38.01 -13.85 -34.20
C ASP B 370 -38.24 -12.62 -33.30
N LEU B 371 -39.48 -12.14 -33.26
CA LEU B 371 -39.86 -11.04 -32.39
C LEU B 371 -39.60 -11.39 -30.92
N ALA B 372 -39.77 -12.66 -30.58
CA ALA B 372 -39.57 -13.12 -29.22
C ALA B 372 -38.13 -12.92 -28.78
N GLY B 373 -37.19 -13.33 -29.62
CA GLY B 373 -35.78 -13.15 -29.33
C GLY B 373 -35.43 -11.68 -29.29
N TYR B 374 -36.12 -10.89 -30.11
CA TYR B 374 -35.93 -9.45 -30.13
C TYR B 374 -36.35 -8.86 -28.79
N ARG B 375 -37.51 -9.28 -28.31
CA ARG B 375 -38.01 -8.84 -27.02
C ARG B 375 -37.02 -9.22 -25.91
N HIS B 376 -36.53 -10.45 -25.96
CA HIS B 376 -35.62 -10.95 -24.93
C HIS B 376 -34.34 -10.11 -24.83
N ASP B 377 -33.71 -9.85 -25.97
CA ASP B 377 -32.50 -9.04 -26.02
C ASP B 377 -32.79 -7.63 -25.53
N PHE B 378 -33.95 -7.10 -25.93
CA PHE B 378 -34.37 -5.78 -25.51
C PHE B 378 -34.50 -5.72 -23.99
N LEU B 379 -35.16 -6.73 -23.41
CA LEU B 379 -35.44 -6.75 -21.99
C LEU B 379 -34.21 -7.06 -21.13
N ALA B 380 -33.40 -8.00 -21.61
CA ALA B 380 -32.21 -8.45 -20.88
C ALA B 380 -31.16 -7.35 -20.75
N SER B 381 -31.16 -6.42 -21.71
CA SER B 381 -30.30 -5.25 -21.65
C SER B 381 -30.51 -4.44 -20.37
N ASN B 382 -31.72 -4.50 -19.82
CA ASN B 382 -32.04 -3.81 -18.58
C ASN B 382 -32.29 -4.78 -17.43
N GLY B 383 -31.87 -6.02 -17.60
CA GLY B 383 -31.95 -6.99 -16.51
C GLY B 383 -33.28 -7.68 -16.40
N PHE B 384 -34.13 -7.52 -17.41
CA PHE B 384 -35.43 -8.18 -17.38
C PHE B 384 -35.45 -9.44 -18.23
N ASP B 385 -36.37 -10.35 -17.91
CA ASP B 385 -36.55 -11.59 -18.66
C ASP B 385 -35.28 -12.44 -18.70
N VAL B 386 -34.54 -12.40 -17.59
CA VAL B 386 -33.30 -13.15 -17.47
C VAL B 386 -33.54 -14.48 -16.76
N GLU B 387 -33.08 -15.56 -17.36
CA GLU B 387 -33.27 -16.90 -16.81
C GLU B 387 -32.72 -17.04 -15.39
N GLY B 388 -33.51 -17.61 -14.50
CA GLY B 388 -33.06 -17.88 -13.14
C GLY B 388 -33.43 -16.81 -12.13
N ILE B 389 -34.07 -15.75 -12.60
CA ILE B 389 -34.43 -14.65 -11.70
C ILE B 389 -35.90 -14.70 -11.35
N ASN B 390 -36.19 -14.64 -10.05
CA ASN B 390 -37.57 -14.53 -9.56
C ASN B 390 -38.02 -13.07 -9.62
N TYR B 391 -38.75 -12.72 -10.67
CA TYR B 391 -39.26 -11.37 -10.83
C TYR B 391 -40.49 -11.06 -9.98
N GLU B 392 -41.00 -12.08 -9.29
CA GLU B 392 -42.12 -11.89 -8.37
C GLU B 392 -41.65 -11.48 -6.98
N ALA B 393 -40.35 -11.58 -6.75
CA ALA B 393 -39.76 -11.15 -5.47
C ALA B 393 -39.56 -9.64 -5.44
N GLU B 394 -39.94 -9.01 -4.33
CA GLU B 394 -39.80 -7.57 -4.21
C GLU B 394 -38.32 -7.17 -4.17
N VAL B 395 -38.01 -6.05 -4.82
CA VAL B 395 -36.67 -5.49 -4.73
C VAL B 395 -36.61 -4.46 -3.60
N GLU B 396 -35.70 -4.69 -2.66
CA GLU B 396 -35.65 -3.94 -1.42
C GLU B 396 -35.00 -2.56 -1.56
N ARG B 397 -33.92 -2.50 -2.33
CA ARG B 397 -33.16 -1.27 -2.51
C ARG B 397 -32.63 -1.24 -3.93
N PHE B 398 -32.27 -0.05 -4.40
CA PHE B 398 -31.70 0.07 -5.74
C PHE B 398 -30.28 0.61 -5.75
N ASP B 399 -29.65 0.69 -4.57
CA ASP B 399 -28.31 1.26 -4.47
C ASP B 399 -27.22 0.21 -4.53
N ARG B 400 -27.61 -1.04 -4.75
CA ARG B 400 -26.65 -2.13 -4.88
C ARG B 400 -27.26 -3.31 -5.63
N ILE B 401 -26.41 -4.26 -6.02
CA ILE B 401 -26.89 -5.48 -6.65
C ILE B 401 -27.15 -6.58 -5.63
N MSE C 5 -50.25 3.89 25.22
CA MSE C 5 -49.87 3.51 23.86
C MSE C 5 -48.47 2.91 23.81
O MSE C 5 -47.62 3.24 24.64
CB MSE C 5 -49.96 4.72 22.92
CG MSE C 5 -48.97 5.83 23.25
SE MSE C 5 -49.12 7.38 22.08
CE MSE C 5 -48.67 6.52 20.39
N ILE C 6 -48.23 2.04 22.83
CA ILE C 6 -46.91 1.48 22.59
C ILE C 6 -46.01 2.53 21.96
N VAL C 7 -44.91 2.86 22.63
CA VAL C 7 -44.01 3.92 22.16
C VAL C 7 -42.85 3.39 21.32
N LYS C 8 -42.74 3.92 20.11
CA LYS C 8 -41.69 3.55 19.17
C LYS C 8 -40.88 4.78 18.79
N PRO C 9 -39.65 4.58 18.29
CA PRO C 9 -38.85 5.72 17.83
C PRO C 9 -39.50 6.45 16.65
N MSE C 10 -39.55 7.77 16.76
CA MSE C 10 -40.15 8.61 15.73
C MSE C 10 -39.07 9.50 15.13
O MSE C 10 -38.79 10.59 15.66
CB MSE C 10 -41.26 9.45 16.35
CG MSE C 10 -42.10 10.22 15.36
SE MSE C 10 -43.50 11.22 16.25
CE MSE C 10 -44.51 9.74 17.02
N VAL C 11 -38.45 9.04 14.05
CA VAL C 11 -37.34 9.77 13.44
C VAL C 11 -37.77 10.58 12.22
N ARG C 12 -37.65 11.90 12.32
CA ARG C 12 -37.92 12.80 11.19
C ARG C 12 -36.73 13.71 10.96
N ASN C 13 -36.32 13.83 9.70
CA ASN C 13 -35.19 14.68 9.32
C ASN C 13 -33.94 14.39 10.15
N ASN C 14 -33.66 13.09 10.35
CA ASN C 14 -32.48 12.61 11.06
C ASN C 14 -32.43 12.88 12.56
N ILE C 15 -33.58 13.25 13.13
CA ILE C 15 -33.66 13.53 14.55
C ILE C 15 -34.80 12.75 15.19
N CYS C 16 -34.49 12.02 16.26
CA CYS C 16 -35.50 11.29 17.00
C CYS C 16 -36.32 12.29 17.81
N LEU C 17 -37.64 12.21 17.71
CA LEU C 17 -38.50 13.25 18.26
C LEU C 17 -39.11 12.95 19.63
N ASN C 18 -39.34 11.68 19.96
CA ASN C 18 -40.25 11.35 21.06
C ASN C 18 -39.73 10.97 22.45
N ALA C 19 -38.88 9.94 22.53
CA ALA C 19 -38.28 9.43 23.79
C ALA C 19 -39.11 8.44 24.63
N HIS C 20 -38.45 7.39 25.10
CA HIS C 20 -39.07 6.35 25.93
C HIS C 20 -38.63 6.49 27.39
N PRO C 21 -39.57 6.84 28.29
CA PRO C 21 -39.29 7.13 29.69
C PRO C 21 -38.52 6.03 30.44
N GLN C 22 -38.96 4.79 30.30
CA GLN C 22 -38.34 3.69 31.04
C GLN C 22 -37.00 3.34 30.44
N GLY C 23 -36.87 3.50 29.12
CA GLY C 23 -35.60 3.29 28.44
C GLY C 23 -34.54 4.28 28.86
N CYS C 24 -34.92 5.55 28.99
CA CYS C 24 -34.01 6.56 29.49
C CYS C 24 -33.57 6.26 30.92
N LYS C 25 -34.51 5.81 31.74
CA LYS C 25 -34.22 5.46 33.12
C LYS C 25 -33.19 4.34 33.22
N LYS C 26 -33.41 3.28 32.45
CA LYS C 26 -32.51 2.14 32.41
C LYS C 26 -31.13 2.56 31.94
N GLY C 27 -31.08 3.44 30.94
CA GLY C 27 -29.83 4.01 30.45
C GLY C 27 -29.04 4.67 31.56
N VAL C 28 -29.70 5.47 32.37
CA VAL C 28 -29.04 6.13 33.50
C VAL C 28 -28.58 5.09 34.53
N GLU C 29 -29.42 4.10 34.80
CA GLU C 29 -29.11 3.06 35.76
C GLU C 29 -27.88 2.25 35.36
N ASP C 30 -27.75 1.96 34.06
CA ASP C 30 -26.62 1.19 33.56
C ASP C 30 -25.31 1.95 33.73
N GLN C 31 -25.35 3.26 33.52
CA GLN C 31 -24.18 4.11 33.76
C GLN C 31 -23.77 4.12 35.25
N ILE C 32 -24.76 4.23 36.13
CA ILE C 32 -24.49 4.19 37.56
C ILE C 32 -23.85 2.85 37.93
N GLU C 33 -24.41 1.79 37.38
CA GLU C 33 -23.94 0.43 37.63
C GLU C 33 -22.49 0.28 37.19
N TYR C 34 -22.19 0.73 35.98
CA TYR C 34 -20.82 0.71 35.48
C TYR C 34 -19.90 1.53 36.38
N THR C 35 -20.37 2.71 36.77
CA THR C 35 -19.58 3.62 37.59
C THR C 35 -19.15 2.99 38.93
N LYS C 36 -20.06 2.28 39.59
CA LYS C 36 -19.75 1.64 40.88
C LYS C 36 -18.69 0.55 40.69
N LYS C 37 -18.73 -0.14 39.56
CA LYS C 37 -17.77 -1.20 39.28
C LYS C 37 -16.43 -0.68 38.76
N ARG C 38 -16.44 0.51 38.16
CA ARG C 38 -15.24 1.09 37.58
C ARG C 38 -14.44 1.91 38.59
N ILE C 39 -15.16 2.70 39.39
CA ILE C 39 -14.51 3.56 40.36
C ILE C 39 -14.53 2.87 41.71
N THR C 40 -13.59 1.95 41.90
CA THR C 40 -13.54 1.14 43.10
C THR C 40 -12.71 1.81 44.20
N ALA C 41 -12.79 1.26 45.41
CA ALA C 41 -12.00 1.78 46.53
C ALA C 41 -10.51 1.75 46.17
N GLU C 42 -10.10 0.70 45.46
CA GLU C 42 -8.73 0.56 45.02
C GLU C 42 -8.34 1.66 44.03
N VAL C 43 -9.24 1.96 43.10
CA VAL C 43 -8.99 3.03 42.13
C VAL C 43 -8.88 4.38 42.82
N LYS C 44 -9.76 4.63 43.79
CA LYS C 44 -9.78 5.90 44.53
C LYS C 44 -8.66 6.05 45.56
N ALA C 45 -8.16 4.92 46.06
CA ALA C 45 -7.16 4.93 47.13
C ALA C 45 -5.94 5.77 46.81
N GLY C 46 -5.57 6.66 47.73
CA GLY C 46 -4.36 7.46 47.59
C GLY C 46 -4.51 8.67 46.70
N ALA C 47 -5.74 8.96 46.29
CA ALA C 47 -5.98 10.13 45.46
C ALA C 47 -7.07 11.02 46.05
N LYS C 48 -7.05 12.29 45.66
CA LYS C 48 -8.11 13.21 46.06
C LYS C 48 -9.43 12.85 45.40
N ALA C 49 -10.48 13.56 45.77
CA ALA C 49 -11.81 13.31 45.22
C ALA C 49 -12.60 14.61 45.13
N PRO C 50 -13.55 14.67 44.19
CA PRO C 50 -14.41 15.85 44.13
C PRO C 50 -15.40 15.86 45.30
N LYS C 51 -15.72 17.03 45.81
CA LYS C 51 -16.64 17.15 46.94
C LYS C 51 -17.95 17.83 46.54
N ASN C 52 -17.82 18.99 45.91
CA ASN C 52 -18.99 19.72 45.41
C ASN C 52 -18.81 20.02 43.94
N VAL C 53 -19.74 19.53 43.12
CA VAL C 53 -19.59 19.62 41.68
C VAL C 53 -20.76 20.34 41.00
N LEU C 54 -20.42 21.26 40.11
CA LEU C 54 -21.40 21.90 39.24
C LEU C 54 -21.23 21.37 37.83
N VAL C 55 -22.32 20.85 37.24
CA VAL C 55 -22.28 20.37 35.87
C VAL C 55 -23.25 21.13 34.97
N LEU C 56 -22.70 21.90 34.04
CA LEU C 56 -23.51 22.64 33.07
C LEU C 56 -23.74 21.79 31.84
N GLY C 57 -24.98 21.36 31.64
CA GLY C 57 -25.33 20.45 30.55
C GLY C 57 -25.37 19.03 31.09
N CYS C 58 -26.21 18.81 32.09
CA CYS C 58 -26.12 17.62 32.94
C CYS C 58 -27.05 16.49 32.55
N SER C 59 -27.86 16.68 31.50
CA SER C 59 -28.93 15.74 31.22
C SER C 59 -28.62 14.66 30.17
N ASN C 60 -27.50 14.78 29.48
CA ASN C 60 -27.14 13.81 28.45
C ASN C 60 -25.66 13.81 28.12
N GLY C 61 -25.24 12.81 27.34
CA GLY C 61 -23.89 12.75 26.81
C GLY C 61 -22.83 12.79 27.88
N TYR C 62 -21.79 13.58 27.64
CA TYR C 62 -20.66 13.67 28.54
C TYR C 62 -21.02 14.37 29.84
N GLY C 63 -21.99 15.28 29.79
CA GLY C 63 -22.42 15.99 30.98
C GLY C 63 -23.09 15.06 31.98
N LEU C 64 -24.03 14.26 31.49
CA LEU C 64 -24.68 13.26 32.34
C LEU C 64 -23.66 12.26 32.92
N ALA C 65 -22.72 11.80 32.10
CA ALA C 65 -21.70 10.87 32.56
C ALA C 65 -20.85 11.52 33.63
N SER C 66 -20.56 12.80 33.45
CA SER C 66 -19.73 13.53 34.41
C SER C 66 -20.44 13.65 35.76
N ARG C 67 -21.76 13.86 35.72
CA ARG C 67 -22.51 13.99 36.96
C ARG C 67 -22.60 12.65 37.67
N ILE C 68 -22.86 11.60 36.90
CA ILE C 68 -22.95 10.25 37.45
C ILE C 68 -21.62 9.80 38.08
N THR C 69 -20.52 10.12 37.41
CA THR C 69 -19.21 9.75 37.92
C THR C 69 -18.88 10.46 39.24
N ALA C 70 -19.13 11.76 39.29
CA ALA C 70 -18.87 12.52 40.52
C ALA C 70 -19.72 12.01 41.67
N ALA C 71 -21.00 11.78 41.40
CA ALA C 71 -21.96 11.43 42.45
C ALA C 71 -21.87 9.97 42.85
N PHE C 72 -21.98 9.08 41.88
CA PHE C 72 -22.05 7.65 42.21
C PHE C 72 -20.70 6.97 42.23
N GLY C 73 -19.67 7.67 41.80
CA GLY C 73 -18.33 7.13 41.85
C GLY C 73 -17.58 7.69 43.04
N TYR C 74 -17.73 8.99 43.28
CA TYR C 74 -16.98 9.66 44.32
C TYR C 74 -17.83 10.14 45.51
N GLY C 75 -19.14 10.03 45.40
CA GLY C 75 -20.03 10.45 46.48
C GLY C 75 -20.16 11.95 46.61
N ALA C 76 -19.91 12.67 45.52
CA ALA C 76 -19.94 14.13 45.56
C ALA C 76 -21.36 14.68 45.58
N ALA C 77 -21.52 15.86 46.18
CA ALA C 77 -22.75 16.63 46.04
C ALA C 77 -22.71 17.31 44.69
N THR C 78 -23.82 17.26 43.94
CA THR C 78 -23.83 17.83 42.61
C THR C 78 -25.03 18.72 42.33
N ILE C 79 -24.77 19.89 41.79
CA ILE C 79 -25.82 20.70 41.17
C ILE C 79 -25.68 20.59 39.66
N GLY C 80 -26.78 20.27 38.99
CA GLY C 80 -26.78 20.14 37.54
C GLY C 80 -27.69 21.17 36.91
N VAL C 81 -27.27 21.69 35.76
CA VAL C 81 -28.08 22.64 35.01
C VAL C 81 -28.26 22.13 33.59
N SER C 82 -29.51 22.13 33.13
CA SER C 82 -29.82 21.78 31.75
C SER C 82 -31.13 22.44 31.34
N PHE C 83 -31.35 22.55 30.03
CA PHE C 83 -32.58 23.15 29.49
C PHE C 83 -33.40 22.04 28.84
N GLU C 84 -34.52 21.68 29.46
CA GLU C 84 -35.32 20.57 28.99
C GLU C 84 -36.77 20.97 28.76
N LYS C 85 -37.51 20.11 28.09
CA LYS C 85 -38.96 20.27 28.00
C LYS C 85 -39.61 19.18 28.84
N ALA C 86 -40.38 19.57 29.85
CA ALA C 86 -41.05 18.62 30.71
C ALA C 86 -42.13 17.85 29.94
N GLY C 87 -42.31 16.59 30.29
CA GLY C 87 -43.36 15.79 29.70
C GLY C 87 -44.67 16.08 30.41
N SER C 88 -45.79 15.68 29.80
CA SER C 88 -47.07 15.79 30.46
C SER C 88 -47.73 14.41 30.45
N GLU C 89 -48.99 14.36 30.86
CA GLU C 89 -49.73 13.10 30.91
C GLU C 89 -49.79 12.44 29.54
N THR C 90 -49.90 13.24 28.49
CA THR C 90 -50.07 12.72 27.14
C THR C 90 -49.01 13.19 26.15
N LYS C 91 -48.11 14.08 26.59
CA LYS C 91 -47.10 14.62 25.69
C LYS C 91 -45.65 14.40 26.12
N TYR C 92 -44.82 14.05 25.15
CA TYR C 92 -43.42 13.70 25.40
C TYR C 92 -42.60 14.86 25.95
N GLY C 93 -41.76 14.56 26.94
CA GLY C 93 -40.70 15.46 27.32
C GLY C 93 -39.47 15.10 26.48
N THR C 94 -38.40 15.86 26.64
CA THR C 94 -37.12 15.53 26.02
C THR C 94 -36.47 14.39 26.80
N PRO C 95 -35.59 13.61 26.15
CA PRO C 95 -34.89 12.53 26.86
C PRO C 95 -34.13 13.02 28.10
N GLY C 96 -33.54 14.20 28.01
CA GLY C 96 -32.83 14.76 29.14
C GLY C 96 -33.69 14.97 30.38
N TRP C 97 -34.99 15.20 30.17
CA TRP C 97 -35.91 15.43 31.29
C TRP C 97 -36.10 14.15 32.09
N TYR C 98 -36.35 13.06 31.38
CA TYR C 98 -36.45 11.74 32.00
C TYR C 98 -35.12 11.32 32.63
N ASN C 99 -34.01 11.61 31.96
CA ASN C 99 -32.68 11.34 32.49
C ASN C 99 -32.43 12.00 33.85
N ASN C 100 -32.80 13.28 33.96
CA ASN C 100 -32.65 14.02 35.22
C ASN C 100 -33.50 13.46 36.36
N LEU C 101 -34.72 13.02 36.03
CA LEU C 101 -35.60 12.39 37.01
C LEU C 101 -34.97 11.11 37.52
N ALA C 102 -34.45 10.29 36.62
CA ALA C 102 -33.77 9.05 36.99
C ALA C 102 -32.55 9.33 37.85
N PHE C 103 -31.77 10.35 37.50
CA PHE C 103 -30.60 10.69 38.28
C PHE C 103 -31.01 11.13 39.69
N ASP C 104 -31.96 12.06 39.76
CA ASP C 104 -32.39 12.60 41.06
C ASP C 104 -33.01 11.52 41.94
N GLU C 105 -33.80 10.65 41.34
CA GLU C 105 -34.37 9.50 42.05
C GLU C 105 -33.28 8.59 42.61
N ALA C 106 -32.28 8.29 41.79
CA ALA C 106 -31.20 7.42 42.21
C ALA C 106 -30.36 8.09 43.29
N ALA C 107 -30.14 9.39 43.14
CA ALA C 107 -29.35 10.15 44.10
C ALA C 107 -30.03 10.24 45.47
N LYS C 108 -31.33 10.44 45.48
CA LYS C 108 -32.08 10.54 46.73
C LYS C 108 -32.03 9.21 47.47
N ARG C 109 -32.19 8.13 46.71
CA ARG C 109 -32.19 6.77 47.24
C ARG C 109 -30.86 6.47 47.98
N GLU C 110 -29.79 7.11 47.53
CA GLU C 110 -28.46 6.86 48.09
C GLU C 110 -28.04 7.91 49.10
N GLY C 111 -28.95 8.81 49.45
CA GLY C 111 -28.65 9.86 50.42
C GLY C 111 -27.64 10.88 49.95
N LEU C 112 -27.62 11.13 48.64
CA LEU C 112 -26.72 12.13 48.08
C LEU C 112 -27.48 13.43 47.87
N TYR C 113 -26.83 14.56 48.19
CA TYR C 113 -27.40 15.85 47.84
C TYR C 113 -27.32 16.04 46.33
N SER C 114 -28.47 16.31 45.71
CA SER C 114 -28.52 16.55 44.28
C SER C 114 -29.66 17.50 43.92
N VAL C 115 -29.30 18.65 43.36
CA VAL C 115 -30.27 19.61 42.88
C VAL C 115 -30.08 19.84 41.39
N THR C 116 -31.18 19.77 40.64
CA THR C 116 -31.15 20.01 39.20
C THR C 116 -31.93 21.27 38.86
N ILE C 117 -31.25 22.22 38.23
CA ILE C 117 -31.88 23.48 37.82
C ILE C 117 -32.20 23.46 36.34
N ASP C 118 -33.47 23.71 36.02
CA ASP C 118 -33.97 23.61 34.67
C ASP C 118 -34.18 24.98 34.06
N GLY C 119 -33.60 25.20 32.88
CA GLY C 119 -33.71 26.48 32.19
C GLY C 119 -32.45 26.81 31.41
N ASP C 120 -32.50 27.94 30.71
CA ASP C 120 -31.41 28.40 29.85
C ASP C 120 -30.13 28.66 30.63
N ALA C 121 -29.14 27.79 30.44
CA ALA C 121 -27.86 27.93 31.15
C ALA C 121 -27.10 29.18 30.71
N PHE C 122 -27.46 29.71 29.55
CA PHE C 122 -26.85 30.93 29.03
C PHE C 122 -27.36 32.21 29.70
N SER C 123 -28.47 32.10 30.42
CA SER C 123 -29.10 33.28 31.02
C SER C 123 -28.57 33.59 32.41
N ASP C 124 -28.59 34.88 32.76
CA ASP C 124 -28.16 35.31 34.09
C ASP C 124 -29.15 34.89 35.18
N GLU C 125 -30.38 34.55 34.80
CA GLU C 125 -31.38 34.12 35.76
C GLU C 125 -31.02 32.78 36.36
N ILE C 126 -30.67 31.83 35.48
CA ILE C 126 -30.32 30.48 35.92
C ILE C 126 -29.04 30.52 36.76
N LYS C 127 -28.11 31.39 36.38
CA LYS C 127 -26.90 31.56 37.16
C LYS C 127 -27.21 32.04 38.58
N ALA C 128 -28.13 33.00 38.69
CA ALA C 128 -28.57 33.50 39.99
C ALA C 128 -29.16 32.37 40.84
N GLN C 129 -29.94 31.50 40.21
CA GLN C 129 -30.50 30.34 40.89
C GLN C 129 -29.42 29.44 41.49
N VAL C 130 -28.38 29.14 40.71
CA VAL C 130 -27.28 28.31 41.19
C VAL C 130 -26.58 28.96 42.37
N ILE C 131 -26.30 30.26 42.23
CA ILE C 131 -25.64 31.03 43.27
C ILE C 131 -26.43 31.04 44.58
N GLU C 132 -27.75 31.21 44.48
CA GLU C 132 -28.61 31.19 45.65
C GLU C 132 -28.56 29.83 46.34
N GLU C 133 -28.77 28.77 45.56
CA GLU C 133 -28.74 27.42 46.10
C GLU C 133 -27.41 27.09 46.75
N ALA C 134 -26.32 27.49 46.11
CA ALA C 134 -24.97 27.26 46.63
C ALA C 134 -24.73 28.02 47.94
N LYS C 135 -25.15 29.29 47.98
CA LYS C 135 -24.97 30.10 49.18
C LYS C 135 -25.86 29.66 50.32
N LYS C 136 -27.08 29.24 50.00
CA LYS C 136 -28.00 28.69 50.99
C LYS C 136 -27.39 27.47 51.72
N LYS C 137 -26.63 26.66 50.99
CA LYS C 137 -26.12 25.41 51.52
C LYS C 137 -24.66 25.44 51.96
N GLY C 138 -24.03 26.60 51.83
CA GLY C 138 -22.63 26.73 52.20
C GLY C 138 -21.71 25.94 51.28
N ILE C 139 -22.12 25.83 50.01
CA ILE C 139 -21.36 25.07 49.02
C ILE C 139 -20.36 25.97 48.29
N LYS C 140 -19.11 25.51 48.23
CA LYS C 140 -18.13 26.06 47.31
C LYS C 140 -17.69 24.93 46.37
N PHE C 141 -17.66 25.20 45.07
CA PHE C 141 -17.38 24.17 44.07
C PHE C 141 -15.89 23.87 43.94
N ASP C 142 -15.54 22.60 43.83
CA ASP C 142 -14.15 22.23 43.57
C ASP C 142 -13.97 21.61 42.18
N LEU C 143 -15.09 21.36 41.49
CA LEU C 143 -15.07 20.89 40.12
C LEU C 143 -16.24 21.44 39.33
N ILE C 144 -15.95 22.18 38.26
CA ILE C 144 -17.02 22.68 37.40
C ILE C 144 -16.90 22.14 35.99
N VAL C 145 -17.89 21.37 35.57
CA VAL C 145 -17.84 20.74 34.26
C VAL C 145 -18.76 21.47 33.30
N TYR C 146 -18.19 21.93 32.20
CA TYR C 146 -18.96 22.64 31.18
C TYR C 146 -19.14 21.76 29.95
N SER C 147 -20.38 21.35 29.72
CA SER C 147 -20.72 20.46 28.62
C SER C 147 -22.03 20.87 27.98
N LEU C 148 -22.23 22.16 27.78
CA LEU C 148 -23.48 22.62 27.20
C LEU C 148 -23.62 22.22 25.72
N ALA C 149 -24.83 21.81 25.35
CA ALA C 149 -25.12 21.30 24.03
C ALA C 149 -26.35 21.99 23.46
N SER C 150 -26.14 23.07 22.73
CA SER C 150 -27.22 23.83 22.13
C SER C 150 -26.77 24.41 20.80
N PRO C 151 -27.59 24.24 19.76
CA PRO C 151 -27.30 24.87 18.47
C PRO C 151 -27.41 26.39 18.54
N VAL C 152 -28.06 26.89 19.59
CA VAL C 152 -28.37 28.32 19.69
C VAL C 152 -28.06 28.92 21.07
N ARG C 153 -27.71 30.20 21.08
CA ARG C 153 -27.47 30.93 22.32
C ARG C 153 -27.97 32.37 22.25
N THR C 154 -28.81 32.75 23.20
CA THR C 154 -29.22 34.14 23.33
C THR C 154 -28.22 34.87 24.20
N ASP C 155 -27.59 35.90 23.65
CA ASP C 155 -26.59 36.69 24.38
C ASP C 155 -27.27 37.41 25.54
N PRO C 156 -26.83 37.11 26.77
CA PRO C 156 -27.46 37.71 27.96
C PRO C 156 -27.25 39.22 28.06
N ASP C 157 -26.21 39.74 27.43
CA ASP C 157 -25.91 41.16 27.49
C ASP C 157 -26.65 41.93 26.40
N THR C 158 -27.19 41.22 25.43
CA THR C 158 -27.62 41.84 24.20
C THR C 158 -29.02 41.40 23.74
N GLY C 159 -29.36 40.13 23.95
CA GLY C 159 -30.69 39.64 23.64
C GLY C 159 -30.84 38.96 22.29
N ILE C 160 -29.80 39.05 21.46
CA ILE C 160 -29.81 38.43 20.14
C ILE C 160 -29.59 36.92 20.24
N MSE C 161 -30.38 36.16 19.47
CA MSE C 161 -30.25 34.71 19.45
C MSE C 161 -29.33 34.29 18.31
O MSE C 161 -29.68 34.38 17.14
CB MSE C 161 -31.62 34.08 19.30
CG MSE C 161 -31.63 32.56 19.32
SE MSE C 161 -33.45 31.89 19.42
CE MSE C 161 -33.15 30.04 18.90
N HIS C 162 -28.13 33.82 18.67
CA HIS C 162 -27.16 33.38 17.68
C HIS C 162 -27.32 31.90 17.40
N LYS C 163 -27.08 31.50 16.16
CA LYS C 163 -27.17 30.10 15.79
C LYS C 163 -25.86 29.62 15.18
N SER C 164 -25.43 28.42 15.56
CA SER C 164 -24.17 27.88 15.06
C SER C 164 -24.34 27.16 13.73
N VAL C 165 -23.28 27.17 12.92
CA VAL C 165 -23.26 26.39 11.69
C VAL C 165 -22.00 25.52 11.68
N LEU C 166 -22.05 24.42 10.93
CA LEU C 166 -20.92 23.52 10.82
C LEU C 166 -20.40 23.55 9.38
N LYS C 167 -19.47 24.45 9.11
CA LYS C 167 -19.06 24.69 7.73
C LYS C 167 -17.56 24.89 7.62
N PRO C 168 -16.98 24.60 6.45
CA PRO C 168 -15.56 24.89 6.21
C PRO C 168 -15.40 26.37 5.83
N PHE C 169 -14.18 26.84 5.70
CA PHE C 169 -13.91 28.16 5.12
C PHE C 169 -13.19 27.99 3.79
N GLY C 170 -13.51 28.86 2.83
CA GLY C 170 -12.85 28.84 1.54
C GLY C 170 -13.50 27.94 0.51
N LYS C 171 -13.34 26.63 0.68
CA LYS C 171 -13.84 25.66 -0.29
C LYS C 171 -14.91 24.75 0.31
N THR C 172 -15.74 24.20 -0.57
CA THR C 172 -16.76 23.23 -0.19
C THR C 172 -16.10 21.98 0.40
N PHE C 173 -16.66 21.46 1.49
CA PHE C 173 -16.17 20.20 2.06
C PHE C 173 -17.09 19.04 1.67
N THR C 174 -16.55 18.13 0.89
CA THR C 174 -17.33 17.01 0.37
C THR C 174 -16.71 15.70 0.85
N GLY C 175 -17.54 14.72 1.16
CA GLY C 175 -17.05 13.42 1.57
C GLY C 175 -18.14 12.37 1.61
N LYS C 176 -17.73 11.11 1.75
CA LYS C 176 -18.70 10.03 1.85
C LYS C 176 -19.43 10.08 3.19
N THR C 177 -20.64 9.56 3.21
CA THR C 177 -21.35 9.35 4.45
C THR C 177 -22.16 8.07 4.32
N VAL C 178 -22.72 7.60 5.42
CA VAL C 178 -23.53 6.40 5.39
C VAL C 178 -24.79 6.62 6.21
N ASP C 179 -25.90 6.06 5.75
CA ASP C 179 -27.14 6.06 6.53
C ASP C 179 -27.15 4.75 7.30
N PRO C 180 -27.01 4.82 8.63
CA PRO C 180 -26.84 3.61 9.47
C PRO C 180 -28.09 2.75 9.54
N PHE C 181 -29.25 3.30 9.16
CA PHE C 181 -30.49 2.54 9.21
C PHE C 181 -30.83 1.85 7.88
N THR C 182 -30.30 2.37 6.77
CA THR C 182 -30.52 1.77 5.45
C THR C 182 -29.25 1.17 4.86
N GLY C 183 -28.10 1.56 5.40
CA GLY C 183 -26.82 1.06 4.90
C GLY C 183 -26.36 1.74 3.63
N GLU C 184 -27.11 2.75 3.18
CA GLU C 184 -26.78 3.43 1.93
C GLU C 184 -25.59 4.38 2.04
N LEU C 185 -24.60 4.18 1.16
CA LEU C 185 -23.45 5.08 1.06
C LEU C 185 -23.85 6.28 0.21
N LYS C 186 -23.46 7.47 0.66
CA LYS C 186 -23.87 8.70 0.00
C LYS C 186 -22.72 9.70 0.00
N GLU C 187 -22.79 10.68 -0.90
CA GLU C 187 -21.86 11.81 -0.88
C GLU C 187 -22.63 13.04 -0.45
N ILE C 188 -22.09 13.79 0.51
CA ILE C 188 -22.73 15.02 0.93
C ILE C 188 -21.72 16.14 1.09
N SER C 189 -22.22 17.37 1.11
CA SER C 189 -21.36 18.55 1.10
C SER C 189 -21.70 19.53 2.20
N ALA C 190 -20.70 20.32 2.57
CA ALA C 190 -20.91 21.46 3.44
C ALA C 190 -20.27 22.67 2.75
N GLU C 191 -21.11 23.62 2.37
CA GLU C 191 -20.66 24.84 1.67
C GLU C 191 -19.92 25.76 2.63
N PRO C 192 -19.04 26.64 2.09
CA PRO C 192 -18.25 27.55 2.93
C PRO C 192 -19.09 28.58 3.67
N ALA C 193 -18.69 28.90 4.90
CA ALA C 193 -19.42 29.85 5.73
C ALA C 193 -18.96 31.29 5.50
N ASN C 194 -19.86 32.23 5.77
CA ASN C 194 -19.49 33.65 5.74
C ASN C 194 -19.10 34.13 7.13
N ASP C 195 -18.72 35.40 7.24
CA ASP C 195 -18.24 35.97 8.49
C ASP C 195 -19.32 36.01 9.57
N GLU C 196 -20.57 36.18 9.16
CA GLU C 196 -21.68 36.23 10.10
C GLU C 196 -21.90 34.86 10.72
N GLU C 197 -21.82 33.83 9.88
CA GLU C 197 -21.96 32.45 10.34
C GLU C 197 -20.80 32.06 11.26
N ALA C 198 -19.60 32.48 10.89
CA ALA C 198 -18.41 32.23 11.70
C ALA C 198 -18.53 32.83 13.08
N ALA C 199 -18.94 34.10 13.13
CA ALA C 199 -19.09 34.82 14.39
C ALA C 199 -20.15 34.18 15.28
N ALA C 200 -21.31 33.89 14.71
CA ALA C 200 -22.41 33.26 15.44
C ALA C 200 -22.01 31.91 16.04
N THR C 201 -21.21 31.15 15.30
CA THR C 201 -20.75 29.85 15.76
C THR C 201 -19.85 29.97 16.99
N VAL C 202 -18.91 30.92 16.95
CA VAL C 202 -18.03 31.18 18.08
C VAL C 202 -18.83 31.66 19.30
N LYS C 203 -19.86 32.47 19.06
CA LYS C 203 -20.78 32.92 20.09
C LYS C 203 -21.48 31.75 20.81
N VAL C 204 -21.78 30.70 20.06
CA VAL C 204 -22.52 29.56 20.61
C VAL C 204 -21.59 28.48 21.18
N MSE C 205 -20.50 28.20 20.47
CA MSE C 205 -19.65 27.07 20.79
C MSE C 205 -18.31 27.44 21.45
O MSE C 205 -17.60 26.58 21.95
CB MSE C 205 -19.38 26.24 19.53
CG MSE C 205 -20.63 25.68 18.90
SE MSE C 205 -20.21 24.63 17.32
CE MSE C 205 -21.95 23.77 17.08
N GLY C 206 -17.99 28.73 21.46
CA GLY C 206 -16.77 29.19 22.10
C GLY C 206 -16.86 29.20 23.62
N GLY C 207 -15.99 29.98 24.25
CA GLY C 207 -15.87 29.98 25.70
C GLY C 207 -16.51 31.12 26.47
N GLU C 208 -17.36 31.92 25.82
CA GLU C 208 -17.94 33.09 26.47
C GLU C 208 -18.77 32.77 27.72
N ASP C 209 -19.65 31.79 27.62
CA ASP C 209 -20.54 31.47 28.74
C ASP C 209 -19.77 30.77 29.86
N TRP C 210 -18.83 29.92 29.46
CA TRP C 210 -17.94 29.26 30.40
C TRP C 210 -17.27 30.31 31.28
N GLU C 211 -16.69 31.34 30.65
CA GLU C 211 -16.01 32.38 31.39
C GLU C 211 -16.97 33.19 32.25
N ARG C 212 -18.18 33.40 31.74
CA ARG C 212 -19.22 34.11 32.48
C ARG C 212 -19.64 33.35 33.73
N TRP C 213 -19.76 32.04 33.62
CA TRP C 213 -20.05 31.20 34.78
C TRP C 213 -18.95 31.31 35.83
N ILE C 214 -17.71 31.24 35.39
CA ILE C 214 -16.57 31.28 36.30
C ILE C 214 -16.45 32.63 37.01
N LYS C 215 -16.50 33.72 36.24
CA LYS C 215 -16.36 35.06 36.79
C LYS C 215 -17.45 35.40 37.82
N GLN C 216 -18.68 34.96 37.54
CA GLN C 216 -19.80 35.20 38.45
C GLN C 216 -19.73 34.35 39.71
N LEU C 217 -19.31 33.09 39.56
CA LEU C 217 -19.15 32.21 40.72
C LEU C 217 -17.98 32.70 41.58
N SER C 218 -16.95 33.22 40.92
CA SER C 218 -15.77 33.71 41.62
C SER C 218 -16.08 34.97 42.44
N LYS C 219 -16.74 35.92 41.79
CA LYS C 219 -17.15 37.17 42.43
C LYS C 219 -17.95 36.90 43.71
N GLU C 220 -18.74 35.83 43.69
CA GLU C 220 -19.56 35.46 44.83
C GLU C 220 -18.81 34.55 45.81
N GLY C 221 -17.52 34.33 45.55
CA GLY C 221 -16.69 33.51 46.42
C GLY C 221 -17.14 32.06 46.50
N LEU C 222 -17.65 31.52 45.39
CA LEU C 222 -18.17 30.16 45.38
C LEU C 222 -17.20 29.18 44.74
N LEU C 223 -15.95 29.59 44.59
CA LEU C 223 -14.92 28.71 44.07
C LEU C 223 -13.93 28.31 45.17
N GLU C 224 -13.83 27.01 45.42
CA GLU C 224 -12.83 26.50 46.34
C GLU C 224 -11.45 26.70 45.74
N GLU C 225 -10.44 26.87 46.59
CA GLU C 225 -9.08 27.05 46.10
C GLU C 225 -8.62 25.76 45.44
N GLY C 226 -8.09 25.88 44.22
CA GLY C 226 -7.66 24.73 43.46
C GLY C 226 -8.77 24.13 42.62
N CYS C 227 -9.89 24.84 42.54
CA CYS C 227 -11.05 24.38 41.78
C CYS C 227 -10.69 24.03 40.34
N ILE C 228 -11.17 22.89 39.88
CA ILE C 228 -10.97 22.49 38.50
C ILE C 228 -12.19 22.88 37.67
N THR C 229 -11.95 23.40 36.48
CA THR C 229 -13.06 23.57 35.53
C THR C 229 -12.64 23.08 34.15
N LEU C 230 -13.53 22.34 33.51
CA LEU C 230 -13.25 21.71 32.22
C LEU C 230 -14.35 22.02 31.21
N ALA C 231 -13.95 22.22 29.96
CA ALA C 231 -14.91 22.34 28.87
C ALA C 231 -14.59 21.26 27.84
N TYR C 232 -15.60 20.50 27.43
CA TYR C 232 -15.37 19.37 26.55
C TYR C 232 -15.32 19.84 25.10
N SER C 233 -14.47 19.19 24.31
CA SER C 233 -14.31 19.55 22.92
C SER C 233 -13.92 18.31 22.11
N TYR C 234 -13.70 18.49 20.81
CA TYR C 234 -13.33 17.39 19.94
C TYR C 234 -12.35 17.87 18.89
N ILE C 235 -11.34 17.07 18.60
CA ILE C 235 -10.37 17.43 17.59
C ILE C 235 -10.57 16.61 16.30
N GLY C 236 -10.73 15.30 16.46
CA GLY C 236 -11.11 14.45 15.35
C GLY C 236 -9.97 14.06 14.43
N PRO C 237 -10.28 13.24 13.41
CA PRO C 237 -9.26 12.68 12.51
C PRO C 237 -8.88 13.65 11.39
N GLU C 238 -7.87 13.30 10.62
CA GLU C 238 -7.43 14.13 9.49
C GLU C 238 -8.54 14.40 8.48
N ALA C 239 -9.38 13.39 8.24
CA ALA C 239 -10.42 13.49 7.21
C ALA C 239 -11.46 14.58 7.46
N THR C 240 -11.58 15.03 8.71
CA THR C 240 -12.58 16.05 9.03
C THR C 240 -11.95 17.36 9.48
N GLN C 241 -10.65 17.51 9.26
CA GLN C 241 -9.94 18.72 9.67
C GLN C 241 -10.47 19.99 9.01
N ALA C 242 -11.07 19.85 7.83
CA ALA C 242 -11.67 20.99 7.11
C ALA C 242 -12.75 21.66 7.95
N LEU C 243 -13.34 20.92 8.87
CA LEU C 243 -14.35 21.48 9.77
C LEU C 243 -13.78 21.74 11.16
N TYR C 244 -13.24 20.69 11.78
CA TYR C 244 -12.84 20.74 13.19
C TYR C 244 -11.55 21.50 13.44
N ARG C 245 -10.79 21.76 12.39
CA ARG C 245 -9.54 22.50 12.53
C ARG C 245 -9.59 23.83 11.79
N LYS C 246 -9.94 23.78 10.51
CA LYS C 246 -9.94 24.97 9.66
C LYS C 246 -11.35 25.53 9.40
N GLY C 247 -12.36 24.96 10.06
CA GLY C 247 -13.73 25.39 9.81
C GLY C 247 -14.36 26.17 10.96
N THR C 248 -15.67 26.33 10.92
CA THR C 248 -16.39 27.12 11.93
C THR C 248 -16.24 26.51 13.32
N ILE C 249 -16.22 25.18 13.40
CA ILE C 249 -16.02 24.47 14.66
C ILE C 249 -14.59 24.68 15.17
N GLY C 250 -13.62 24.65 14.26
CA GLY C 250 -12.24 24.87 14.60
C GLY C 250 -12.01 26.24 15.20
N LYS C 251 -12.70 27.23 14.64
CA LYS C 251 -12.62 28.61 15.13
C LYS C 251 -13.22 28.70 16.54
N ALA C 252 -14.33 28.00 16.76
CA ALA C 252 -14.95 27.98 18.07
C ALA C 252 -14.04 27.30 19.09
N LYS C 253 -13.30 26.29 18.65
CA LYS C 253 -12.38 25.57 19.53
C LYS C 253 -11.19 26.43 19.94
N GLU C 254 -10.64 27.17 18.99
CA GLU C 254 -9.56 28.12 19.29
C GLU C 254 -10.01 29.13 20.36
N HIS C 255 -11.25 29.60 20.23
CA HIS C 255 -11.79 30.54 21.20
C HIS C 255 -11.95 29.89 22.58
N LEU C 256 -12.30 28.61 22.57
CA LEU C 256 -12.42 27.83 23.81
C LEU C 256 -11.05 27.63 24.46
N GLU C 257 -10.04 27.34 23.65
CA GLU C 257 -8.70 27.13 24.18
C GLU C 257 -8.10 28.43 24.73
N ALA C 258 -8.34 29.53 24.04
CA ALA C 258 -7.88 30.84 24.50
C ALA C 258 -8.59 31.26 25.79
N THR C 259 -9.86 30.87 25.92
CA THR C 259 -10.62 31.17 27.13
C THR C 259 -10.06 30.44 28.34
N ALA C 260 -9.68 29.18 28.16
CA ALA C 260 -9.06 28.41 29.23
C ALA C 260 -7.75 29.06 29.68
N HIS C 261 -6.97 29.51 28.72
CA HIS C 261 -5.69 30.17 29.03
C HIS C 261 -5.93 31.42 29.88
N ARG C 262 -6.88 32.24 29.44
CA ARG C 262 -7.20 33.48 30.14
C ARG C 262 -7.75 33.22 31.54
N LEU C 263 -8.61 32.21 31.66
CA LEU C 263 -9.11 31.78 32.96
C LEU C 263 -7.98 31.46 33.94
N ASN C 264 -6.97 30.74 33.46
CA ASN C 264 -5.81 30.41 34.29
C ASN C 264 -4.97 31.64 34.65
N LYS C 265 -4.81 32.54 33.68
CA LYS C 265 -4.04 33.76 33.88
C LYS C 265 -4.69 34.71 34.88
N GLU C 266 -6.01 34.89 34.75
CA GLU C 266 -6.73 35.87 35.56
C GLU C 266 -7.22 35.32 36.90
N ASN C 267 -6.82 34.10 37.24
CA ASN C 267 -7.16 33.52 38.53
C ASN C 267 -6.23 32.38 38.90
N PRO C 268 -5.12 32.69 39.60
CA PRO C 268 -4.10 31.72 39.95
C PRO C 268 -4.59 30.64 40.91
N SER C 269 -5.81 30.79 41.42
CA SER C 269 -6.37 29.82 42.35
C SER C 269 -7.04 28.64 41.65
N ILE C 270 -7.43 28.82 40.38
CA ILE C 270 -8.18 27.77 39.69
C ILE C 270 -7.35 26.99 38.67
N ARG C 271 -7.89 25.85 38.25
CA ARG C 271 -7.23 25.03 37.25
C ARG C 271 -8.19 24.73 36.10
N ALA C 272 -8.03 25.47 35.01
CA ALA C 272 -8.92 25.38 33.86
C ALA C 272 -8.31 24.58 32.73
N PHE C 273 -9.09 23.70 32.12
CA PHE C 273 -8.64 22.91 30.98
C PHE C 273 -9.71 22.75 29.90
N VAL C 274 -9.28 22.67 28.64
CA VAL C 274 -10.11 22.07 27.63
C VAL C 274 -9.83 20.58 27.69
N SER C 275 -10.88 19.77 27.77
CA SER C 275 -10.72 18.32 27.70
C SER C 275 -11.18 17.84 26.34
N VAL C 276 -10.27 17.25 25.59
CA VAL C 276 -10.58 16.74 24.27
C VAL C 276 -11.02 15.28 24.36
N ASN C 277 -12.27 15.03 24.04
CA ASN C 277 -12.85 13.71 24.19
C ASN C 277 -12.93 12.99 22.85
N LYS C 278 -13.30 11.71 22.88
CA LYS C 278 -13.42 10.95 21.64
C LYS C 278 -14.72 11.28 20.90
N GLY C 279 -14.79 10.85 19.65
CA GLY C 279 -15.96 11.09 18.83
C GLY C 279 -17.09 10.14 19.17
N LEU C 280 -18.30 10.67 19.13
CA LEU C 280 -19.49 9.90 19.49
C LEU C 280 -20.65 10.38 18.63
N VAL C 281 -21.71 9.57 18.57
CA VAL C 281 -22.90 9.95 17.83
C VAL C 281 -23.57 11.12 18.53
N THR C 282 -23.75 12.22 17.80
CA THR C 282 -24.48 13.36 18.35
C THR C 282 -25.64 13.73 17.45
N ARG C 283 -26.48 14.62 17.94
CA ARG C 283 -27.64 15.11 17.20
C ARG C 283 -27.24 15.66 15.83
N ALA C 284 -26.04 16.22 15.74
CA ALA C 284 -25.58 16.89 14.53
C ALA C 284 -24.78 15.99 13.57
N SER C 285 -24.48 14.77 14.00
CA SER C 285 -23.65 13.85 13.21
C SER C 285 -24.10 13.67 11.75
N ALA C 286 -25.41 13.52 11.55
CA ALA C 286 -25.97 13.19 10.24
C ALA C 286 -25.64 14.18 9.12
N VAL C 287 -25.61 15.47 9.44
CA VAL C 287 -25.42 16.49 8.41
C VAL C 287 -23.95 16.80 8.14
N ILE C 288 -23.06 16.21 8.93
CA ILE C 288 -21.63 16.44 8.74
C ILE C 288 -21.05 15.39 7.80
N PRO C 289 -20.40 15.83 6.71
CA PRO C 289 -19.77 14.87 5.79
C PRO C 289 -18.68 14.07 6.49
N VAL C 290 -18.52 12.81 6.10
CA VAL C 290 -17.51 11.89 6.64
C VAL C 290 -17.84 11.32 8.02
N ILE C 291 -18.30 12.16 8.95
CA ILE C 291 -18.46 11.75 10.35
C ILE C 291 -19.20 10.42 10.59
N PRO C 292 -20.38 10.22 9.98
CA PRO C 292 -21.09 8.96 10.27
C PRO C 292 -20.33 7.72 9.80
N LEU C 293 -19.66 7.83 8.66
CA LEU C 293 -18.88 6.71 8.14
C LEU C 293 -17.67 6.49 9.03
N TYR C 294 -17.01 7.59 9.40
CA TYR C 294 -15.84 7.52 10.27
C TYR C 294 -16.17 6.85 11.61
N LEU C 295 -17.25 7.30 12.25
CA LEU C 295 -17.66 6.77 13.55
C LEU C 295 -18.05 5.30 13.48
N ALA C 296 -18.79 4.91 12.45
CA ALA C 296 -19.13 3.49 12.28
C ALA C 296 -17.86 2.63 12.09
N SER C 297 -16.87 3.18 11.37
CA SER C 297 -15.63 2.46 11.15
C SER C 297 -14.79 2.45 12.43
N LEU C 298 -14.78 3.58 13.13
CA LEU C 298 -14.05 3.71 14.39
C LEU C 298 -14.59 2.72 15.42
N PHE C 299 -15.92 2.68 15.57
CA PHE C 299 -16.54 1.75 16.50
C PHE C 299 -16.16 0.30 16.18
N LYS C 300 -16.16 -0.05 14.90
CA LYS C 300 -15.75 -1.38 14.46
C LYS C 300 -14.30 -1.68 14.88
N VAL C 301 -13.39 -0.79 14.51
CA VAL C 301 -11.97 -0.98 14.76
C VAL C 301 -11.65 -1.02 16.25
N MSE C 302 -12.20 -0.09 17.00
CA MSE C 302 -11.91 -0.02 18.43
C MSE C 302 -12.51 -1.16 19.25
O MSE C 302 -11.92 -1.60 20.24
CB MSE C 302 -12.30 1.37 19.00
CG MSE C 302 -11.46 2.48 18.36
SE MSE C 302 -11.68 4.21 19.21
CE MSE C 302 -10.44 3.97 20.73
N LYS C 303 -13.67 -1.66 18.84
CA LYS C 303 -14.23 -2.84 19.48
C LYS C 303 -13.37 -4.08 19.25
N GLU C 304 -12.91 -4.26 18.01
CA GLU C 304 -12.00 -5.36 17.72
C GLU C 304 -10.69 -5.25 18.51
N LYS C 305 -10.17 -4.03 18.67
CA LYS C 305 -8.92 -3.81 19.39
C LYS C 305 -9.10 -3.85 20.90
N GLY C 306 -10.32 -3.64 21.36
CA GLY C 306 -10.62 -3.70 22.78
C GLY C 306 -10.51 -2.37 23.51
N ASN C 307 -10.36 -1.27 22.77
CA ASN C 307 -10.26 0.05 23.39
C ASN C 307 -11.45 0.98 23.12
N HIS C 308 -12.59 0.39 22.72
CA HIS C 308 -13.79 1.18 22.48
C HIS C 308 -14.34 1.71 23.79
N GLU C 309 -14.82 2.94 23.76
CA GLU C 309 -15.44 3.59 24.92
C GLU C 309 -16.70 4.36 24.53
N GLY C 310 -17.71 4.31 25.40
CA GLY C 310 -18.85 5.20 25.30
C GLY C 310 -18.67 6.36 26.27
N CYS C 311 -19.74 7.10 26.54
CA CYS C 311 -19.67 8.27 27.41
C CYS C 311 -19.19 7.96 28.83
N ILE C 312 -19.81 6.97 29.47
CA ILE C 312 -19.47 6.68 30.85
C ILE C 312 -18.08 6.03 30.99
N GLU C 313 -17.64 5.28 29.97
CA GLU C 313 -16.28 4.76 30.00
C GLU C 313 -15.26 5.89 29.90
N GLN C 314 -15.51 6.81 28.97
CA GLN C 314 -14.67 7.99 28.77
C GLN C 314 -14.51 8.85 30.05
N ILE C 315 -15.63 9.18 30.68
CA ILE C 315 -15.61 10.12 31.79
C ILE C 315 -15.07 9.51 33.09
N THR C 316 -15.39 8.25 33.36
CA THR C 316 -14.76 7.59 34.49
C THR C 316 -13.25 7.55 34.32
N ARG C 317 -12.78 7.31 33.09
CA ARG C 317 -11.33 7.31 32.85
C ARG C 317 -10.72 8.70 33.03
N LEU C 318 -11.46 9.71 32.62
CA LEU C 318 -11.09 11.11 32.84
C LEU C 318 -10.90 11.42 34.34
N TYR C 319 -11.86 11.02 35.16
CA TYR C 319 -11.78 11.27 36.60
C TYR C 319 -10.65 10.48 37.23
N ALA C 320 -10.64 9.17 36.97
CA ALA C 320 -9.68 8.27 37.59
C ALA C 320 -8.25 8.42 37.07
N GLU C 321 -8.09 8.75 35.80
CA GLU C 321 -6.76 8.72 35.19
C GLU C 321 -6.22 10.08 34.73
N ARG C 322 -6.99 11.14 34.95
CA ARG C 322 -6.51 12.49 34.65
C ARG C 322 -6.68 13.44 35.84
N LEU C 323 -7.92 13.55 36.34
CA LEU C 323 -8.24 14.55 37.35
C LEU C 323 -7.84 14.14 38.76
N TYR C 324 -8.12 12.89 39.13
CA TYR C 324 -7.90 12.42 40.49
C TYR C 324 -7.00 11.19 40.51
N ARG C 325 -5.73 11.42 40.23
CA ARG C 325 -4.73 10.36 40.13
C ARG C 325 -3.94 10.23 41.42
N LYS C 326 -3.38 9.05 41.65
CA LYS C 326 -2.55 8.80 42.82
C LYS C 326 -1.30 9.68 42.82
N ASP C 327 -0.79 10.00 41.63
CA ASP C 327 0.41 10.83 41.54
C ASP C 327 0.15 12.34 41.68
N GLY C 328 -1.12 12.70 41.74
CA GLY C 328 -1.50 14.09 41.95
C GLY C 328 -1.35 15.02 40.77
N THR C 329 -0.91 14.49 39.63
CA THR C 329 -0.71 15.31 38.44
C THR C 329 -1.96 15.31 37.55
N ILE C 330 -2.07 16.29 36.67
CA ILE C 330 -3.10 16.31 35.64
C ILE C 330 -2.40 16.36 34.29
N PRO C 331 -2.23 15.19 33.64
CA PRO C 331 -1.49 15.05 32.39
C PRO C 331 -2.16 15.83 31.28
N VAL C 332 -1.36 16.59 30.53
CA VAL C 332 -1.87 17.42 29.44
C VAL C 332 -0.96 17.29 28.23
N ASP C 333 -1.46 17.67 27.06
CA ASP C 333 -0.61 17.73 25.88
C ASP C 333 0.23 19.00 25.90
N GLU C 334 0.89 19.29 24.78
CA GLU C 334 1.81 20.40 24.69
C GLU C 334 1.10 21.75 24.65
N GLU C 335 -0.22 21.72 24.54
CA GLU C 335 -1.01 22.94 24.54
C GLU C 335 -1.84 23.05 25.82
N ASN C 336 -1.45 22.29 26.83
CA ASN C 336 -2.11 22.29 28.12
C ASN C 336 -3.56 21.80 28.09
N ARG C 337 -3.86 20.92 27.14
CA ARG C 337 -5.20 20.36 27.04
C ARG C 337 -5.19 18.93 27.58
N ILE C 338 -6.25 18.57 28.28
CA ILE C 338 -6.45 17.17 28.67
C ILE C 338 -6.91 16.38 27.43
N ARG C 339 -6.28 15.23 27.19
CA ARG C 339 -6.60 14.41 26.03
C ARG C 339 -7.09 13.02 26.42
N ILE C 340 -8.38 12.76 26.21
CA ILE C 340 -8.85 11.39 26.36
C ILE C 340 -9.33 10.84 25.02
N ASP C 341 -8.98 11.57 23.96
CA ASP C 341 -9.12 11.03 22.60
C ASP C 341 -7.82 10.35 22.21
N ASP C 342 -7.01 9.98 23.20
CA ASP C 342 -5.68 9.44 22.95
C ASP C 342 -5.70 8.02 22.38
N TRP C 343 -6.66 7.22 22.81
CA TRP C 343 -6.84 5.90 22.20
C TRP C 343 -7.40 6.02 20.76
N GLU C 344 -8.35 6.91 20.57
CA GLU C 344 -8.93 7.13 19.23
C GLU C 344 -7.87 7.55 18.22
N LEU C 345 -7.02 8.50 18.62
CA LEU C 345 -6.08 9.06 17.67
C LEU C 345 -4.75 8.32 17.64
N GLU C 346 -4.73 7.12 18.23
CA GLU C 346 -3.56 6.25 18.13
C GLU C 346 -3.28 5.96 16.67
N GLU C 347 -2.00 5.92 16.32
CA GLU C 347 -1.58 5.59 14.97
C GLU C 347 -2.24 4.31 14.46
N ASP C 348 -2.15 3.24 15.24
CA ASP C 348 -2.70 1.96 14.81
C ASP C 348 -4.22 2.00 14.58
N VAL C 349 -4.92 2.78 15.40
CA VAL C 349 -6.37 2.96 15.23
C VAL C 349 -6.70 3.75 13.95
N GLN C 350 -6.05 4.90 13.78
CA GLN C 350 -6.32 5.76 12.65
C GLN C 350 -5.97 5.13 11.30
N LYS C 351 -4.89 4.33 11.28
CA LYS C 351 -4.48 3.60 10.09
C LYS C 351 -5.52 2.54 9.73
N ALA C 352 -5.98 1.80 10.72
CA ALA C 352 -7.01 0.79 10.49
C ALA C 352 -8.33 1.42 10.02
N VAL C 353 -8.71 2.54 10.62
CA VAL C 353 -9.96 3.20 10.25
C VAL C 353 -9.92 3.72 8.82
N SER C 354 -8.81 4.37 8.44
CA SER C 354 -8.64 4.87 7.08
C SER C 354 -8.67 3.75 6.04
N ALA C 355 -8.02 2.63 6.36
CA ALA C 355 -8.01 1.50 5.45
C ALA C 355 -9.44 0.97 5.30
N LEU C 356 -10.16 0.95 6.41
CA LEU C 356 -11.53 0.45 6.43
C LEU C 356 -12.44 1.30 5.53
N MSE C 357 -12.35 2.62 5.68
CA MSE C 357 -13.22 3.54 4.94
C MSE C 357 -13.04 3.47 3.42
O MSE C 357 -14.00 3.66 2.68
CB MSE C 357 -13.03 4.97 5.43
CG MSE C 357 -13.54 5.22 6.84
SE MSE C 357 -13.54 7.11 7.29
CE MSE C 357 -11.62 7.41 7.44
N GLU C 358 -11.82 3.20 2.97
CA GLU C 358 -11.54 3.09 1.54
C GLU C 358 -12.18 1.87 0.91
N LYS C 359 -12.56 0.90 1.72
CA LYS C 359 -13.06 -0.38 1.24
C LYS C 359 -14.57 -0.53 1.38
N VAL C 360 -15.21 0.42 2.06
CA VAL C 360 -16.64 0.35 2.29
C VAL C 360 -17.42 0.58 0.99
N THR C 361 -18.40 -0.29 0.74
CA THR C 361 -19.29 -0.14 -0.41
C THR C 361 -20.72 -0.33 0.07
N GLY C 362 -21.69 -0.19 -0.84
CA GLY C 362 -23.08 -0.39 -0.49
C GLY C 362 -23.37 -1.83 -0.13
N GLU C 363 -22.67 -2.75 -0.78
CA GLU C 363 -22.84 -4.17 -0.52
C GLU C 363 -22.33 -4.59 0.86
N ASN C 364 -21.29 -3.93 1.36
CA ASN C 364 -20.56 -4.46 2.52
C ASN C 364 -20.62 -3.64 3.83
N ALA C 365 -21.34 -2.53 3.82
CA ALA C 365 -21.33 -1.60 4.95
C ALA C 365 -21.69 -2.24 6.29
N GLU C 366 -22.78 -3.01 6.30
CA GLU C 366 -23.28 -3.63 7.53
C GLU C 366 -22.28 -4.60 8.15
N SER C 367 -21.47 -5.25 7.30
CA SER C 367 -20.50 -6.23 7.78
C SER C 367 -19.11 -5.63 8.03
N LEU C 368 -18.73 -4.63 7.23
CA LEU C 368 -17.42 -4.00 7.36
C LEU C 368 -17.33 -3.00 8.53
N THR C 369 -18.42 -2.29 8.77
CA THR C 369 -18.45 -1.26 9.81
C THR C 369 -19.48 -1.60 10.86
N ASP C 370 -19.46 -0.86 11.97
CA ASP C 370 -20.37 -1.14 13.07
C ASP C 370 -21.61 -0.26 12.98
N LEU C 371 -22.38 -0.42 11.93
CA LEU C 371 -23.64 0.31 11.76
C LEU C 371 -24.62 -0.06 12.86
N ALA C 372 -24.55 -1.29 13.33
CA ALA C 372 -25.40 -1.75 14.43
C ALA C 372 -25.14 -0.94 15.70
N GLY C 373 -23.86 -0.79 16.05
CA GLY C 373 -23.46 0.01 17.20
C GLY C 373 -23.88 1.46 17.03
N TYR C 374 -23.78 1.96 15.81
CA TYR C 374 -24.17 3.35 15.54
C TYR C 374 -25.67 3.53 15.79
N ARG C 375 -26.48 2.63 15.23
CA ARG C 375 -27.93 2.69 15.42
C ARG C 375 -28.29 2.64 16.90
N HIS C 376 -27.62 1.75 17.63
CA HIS C 376 -27.85 1.62 19.06
C HIS C 376 -27.59 2.92 19.80
N ASP C 377 -26.42 3.51 19.59
CA ASP C 377 -26.07 4.77 20.24
C ASP C 377 -27.07 5.88 19.91
N PHE C 378 -27.42 5.99 18.63
CA PHE C 378 -28.42 6.95 18.20
C PHE C 378 -29.74 6.76 18.94
N LEU C 379 -30.22 5.52 18.97
CA LEU C 379 -31.51 5.21 19.58
C LEU C 379 -31.50 5.31 21.11
N ALA C 380 -30.41 4.87 21.74
CA ALA C 380 -30.35 4.80 23.20
C ALA C 380 -30.30 6.18 23.87
N SER C 381 -29.88 7.19 23.13
CA SER C 381 -29.85 8.54 23.68
C SER C 381 -31.26 9.07 23.94
N ASN C 382 -32.25 8.46 23.29
CA ASN C 382 -33.65 8.81 23.52
C ASN C 382 -34.41 7.69 24.21
N GLY C 383 -33.69 6.66 24.66
CA GLY C 383 -34.28 5.60 25.47
C GLY C 383 -34.77 4.41 24.69
N PHE C 384 -34.39 4.33 23.42
CA PHE C 384 -34.81 3.22 22.58
C PHE C 384 -33.70 2.19 22.40
N ASP C 385 -34.08 0.96 22.07
CA ASP C 385 -33.13 -0.13 21.83
C ASP C 385 -32.25 -0.42 23.06
N VAL C 386 -32.81 -0.19 24.23
CA VAL C 386 -32.07 -0.40 25.48
C VAL C 386 -32.31 -1.82 26.01
N GLU C 387 -31.22 -2.49 26.38
CA GLU C 387 -31.32 -3.87 26.85
C GLU C 387 -32.16 -3.99 28.12
N GLY C 388 -33.08 -4.95 28.12
CA GLY C 388 -33.90 -5.21 29.29
C GLY C 388 -35.21 -4.43 29.33
N ILE C 389 -35.52 -3.73 28.24
CA ILE C 389 -36.78 -2.99 28.16
C ILE C 389 -37.75 -3.69 27.21
N ASN C 390 -38.95 -3.97 27.68
CA ASN C 390 -40.00 -4.51 26.84
C ASN C 390 -40.72 -3.38 26.13
N TYR C 391 -40.42 -3.19 24.85
CA TYR C 391 -40.98 -2.09 24.08
C TYR C 391 -42.36 -2.39 23.50
N GLU C 392 -42.88 -3.58 23.80
CA GLU C 392 -44.23 -3.92 23.44
C GLU C 392 -45.15 -3.70 24.64
N ALA C 393 -44.57 -3.25 25.74
CA ALA C 393 -45.34 -2.88 26.92
C ALA C 393 -45.87 -1.47 26.76
N GLU C 394 -47.17 -1.31 26.95
CA GLU C 394 -47.81 -0.01 26.80
C GLU C 394 -47.28 0.99 27.81
N VAL C 395 -47.24 2.26 27.42
CA VAL C 395 -46.76 3.30 28.31
C VAL C 395 -47.94 4.18 28.74
N GLU C 396 -48.16 4.25 30.04
CA GLU C 396 -49.34 4.91 30.60
C GLU C 396 -49.26 6.44 30.53
N ARG C 397 -48.23 7.00 31.15
CA ARG C 397 -48.06 8.45 31.16
C ARG C 397 -46.68 8.82 30.62
N PHE C 398 -46.59 9.98 29.99
CA PHE C 398 -45.31 10.54 29.59
C PHE C 398 -44.92 11.57 30.63
N ASP C 399 -45.53 11.44 31.80
CA ASP C 399 -45.46 12.42 32.87
C ASP C 399 -44.39 12.03 33.89
N ARG C 400 -43.94 10.78 33.84
CA ARG C 400 -42.96 10.29 34.80
C ARG C 400 -42.20 9.06 34.28
N ILE C 401 -41.22 8.60 35.05
CA ILE C 401 -40.36 7.49 34.63
C ILE C 401 -40.73 6.17 35.30
N MSE D 5 43.15 12.87 -43.54
CA MSE D 5 41.69 12.90 -43.57
C MSE D 5 41.15 13.92 -42.58
O MSE D 5 41.83 14.30 -41.62
CB MSE D 5 41.12 11.51 -43.29
CG MSE D 5 41.90 10.73 -42.23
SE MSE D 5 41.20 8.94 -41.90
CE MSE D 5 42.00 8.00 -43.40
N ILE D 6 39.92 14.36 -42.81
CA ILE D 6 39.23 15.20 -41.84
C ILE D 6 38.54 14.30 -40.84
N VAL D 7 39.11 14.19 -39.64
CA VAL D 7 38.62 13.25 -38.64
C VAL D 7 37.33 13.74 -37.98
N LYS D 8 36.24 13.01 -38.23
CA LYS D 8 34.96 13.29 -37.62
C LYS D 8 34.56 12.09 -36.76
N PRO D 9 33.76 12.33 -35.71
CA PRO D 9 33.35 11.22 -34.84
C PRO D 9 32.52 10.17 -35.57
N MSE D 10 32.78 8.91 -35.25
CA MSE D 10 32.01 7.81 -35.85
C MSE D 10 31.29 7.06 -34.73
O MSE D 10 31.91 6.36 -33.94
CB MSE D 10 32.94 6.87 -36.61
CG MSE D 10 33.77 7.57 -37.68
SE MSE D 10 34.59 6.35 -38.96
CE MSE D 10 36.23 5.93 -38.00
N VAL D 11 29.97 7.21 -34.69
CA VAL D 11 29.17 6.65 -33.61
C VAL D 11 28.23 5.54 -34.09
N ARG D 12 28.62 4.30 -33.88
CA ARG D 12 27.74 3.17 -34.15
C ARG D 12 27.39 2.44 -32.85
N ASN D 13 26.10 2.17 -32.67
CA ASN D 13 25.59 1.51 -31.47
C ASN D 13 26.05 2.17 -30.17
N ASN D 14 25.90 3.49 -30.10
CA ASN D 14 26.17 4.28 -28.89
C ASN D 14 27.63 4.34 -28.47
N ILE D 15 28.53 3.93 -29.35
CA ILE D 15 29.96 3.95 -29.05
C ILE D 15 30.72 4.76 -30.09
N CYS D 16 31.58 5.67 -29.62
CA CYS D 16 32.48 6.38 -30.51
C CYS D 16 33.72 5.53 -30.76
N LEU D 17 33.90 5.10 -32.01
CA LEU D 17 34.96 4.16 -32.37
C LEU D 17 36.32 4.81 -32.58
N ASN D 18 36.32 6.00 -33.18
CA ASN D 18 37.56 6.68 -33.51
C ASN D 18 37.95 7.72 -32.47
N ALA D 19 39.03 8.44 -32.73
CA ALA D 19 39.52 9.48 -31.82
C ALA D 19 40.31 10.55 -32.56
N HIS D 20 40.24 11.77 -32.06
CA HIS D 20 41.02 12.88 -32.60
C HIS D 20 42.23 13.10 -31.69
N PRO D 21 43.44 12.81 -32.20
CA PRO D 21 44.68 12.88 -31.42
C PRO D 21 44.91 14.23 -30.76
N GLN D 22 44.80 15.30 -31.54
CA GLN D 22 45.06 16.64 -31.05
C GLN D 22 43.99 17.10 -30.06
N GLY D 23 42.76 16.61 -30.27
CA GLY D 23 41.66 16.93 -29.38
C GLY D 23 41.87 16.30 -28.02
N CYS D 24 42.35 15.07 -28.01
CA CYS D 24 42.66 14.37 -26.78
C CYS D 24 43.77 15.09 -26.03
N LYS D 25 44.76 15.57 -26.77
CA LYS D 25 45.89 16.29 -26.18
C LYS D 25 45.44 17.56 -25.48
N LYS D 26 44.58 18.32 -26.16
CA LYS D 26 44.05 19.56 -25.61
C LYS D 26 43.20 19.30 -24.36
N GLY D 27 42.43 18.21 -24.39
CA GLY D 27 41.62 17.82 -23.26
C GLY D 27 42.47 17.58 -22.02
N VAL D 28 43.63 16.96 -22.22
CA VAL D 28 44.58 16.76 -21.14
C VAL D 28 45.16 18.11 -20.71
N GLU D 29 45.52 18.94 -21.68
CA GLU D 29 46.11 20.25 -21.37
C GLU D 29 45.14 21.18 -20.64
N ASP D 30 43.85 21.08 -20.94
CA ASP D 30 42.84 21.85 -20.22
C ASP D 30 42.77 21.40 -18.76
N GLN D 31 42.82 20.09 -18.53
CA GLN D 31 42.77 19.55 -17.17
C GLN D 31 43.99 19.97 -16.34
N ILE D 32 45.16 19.96 -16.98
CA ILE D 32 46.38 20.42 -16.33
C ILE D 32 46.29 21.89 -15.97
N GLU D 33 45.82 22.71 -16.90
CA GLU D 33 45.65 24.14 -16.65
C GLU D 33 44.70 24.40 -15.48
N TYR D 34 43.55 23.72 -15.46
CA TYR D 34 42.62 23.86 -14.34
C TYR D 34 43.28 23.48 -13.02
N THR D 35 44.06 22.40 -13.04
CA THR D 35 44.69 21.86 -11.83
C THR D 35 45.68 22.84 -11.23
N LYS D 36 46.47 23.48 -12.08
CA LYS D 36 47.42 24.50 -11.63
C LYS D 36 46.71 25.71 -11.00
N LYS D 37 45.49 26.00 -11.46
CA LYS D 37 44.72 27.12 -10.93
C LYS D 37 43.93 26.75 -9.68
N ARG D 38 43.59 25.47 -9.57
CA ARG D 38 42.74 24.99 -8.48
C ARG D 38 43.54 24.58 -7.26
N ILE D 39 44.66 23.89 -7.49
CA ILE D 39 45.52 23.47 -6.39
C ILE D 39 46.64 24.48 -6.22
N THR D 40 46.33 25.57 -5.51
CA THR D 40 47.28 26.66 -5.35
C THR D 40 48.19 26.45 -4.15
N ALA D 41 49.18 27.33 -4.02
CA ALA D 41 50.09 27.32 -2.87
C ALA D 41 49.31 27.45 -1.57
N GLU D 42 48.27 28.28 -1.58
CA GLU D 42 47.44 28.47 -0.39
C GLU D 42 46.67 27.21 -0.04
N VAL D 43 46.21 26.50 -1.06
CA VAL D 43 45.46 25.26 -0.87
C VAL D 43 46.34 24.17 -0.27
N LYS D 44 47.60 24.14 -0.68
CA LYS D 44 48.54 23.12 -0.23
C LYS D 44 49.18 23.45 1.12
N ALA D 45 49.36 24.73 1.40
CA ALA D 45 50.01 25.18 2.63
C ALA D 45 49.38 24.56 3.87
N GLY D 46 50.21 23.91 4.68
CA GLY D 46 49.76 23.34 5.94
C GLY D 46 49.28 21.90 5.82
N ALA D 47 49.23 21.38 4.60
CA ALA D 47 48.75 20.02 4.38
C ALA D 47 49.86 19.12 3.87
N LYS D 48 49.72 17.82 4.11
CA LYS D 48 50.60 16.84 3.50
C LYS D 48 50.31 16.74 2.01
N ALA D 49 51.17 16.03 1.29
CA ALA D 49 51.05 15.89 -0.15
C ALA D 49 51.48 14.49 -0.59
N PRO D 50 50.88 13.97 -1.67
CA PRO D 50 51.32 12.68 -2.19
C PRO D 50 52.71 12.82 -2.81
N LYS D 51 53.51 11.76 -2.74
CA LYS D 51 54.86 11.80 -3.27
C LYS D 51 55.03 10.79 -4.40
N ASN D 52 54.62 9.56 -4.14
CA ASN D 52 54.67 8.50 -5.14
C ASN D 52 53.29 7.91 -5.30
N VAL D 53 52.75 7.97 -6.52
CA VAL D 53 51.38 7.57 -6.75
C VAL D 53 51.26 6.52 -7.84
N LEU D 54 50.48 5.47 -7.57
CA LEU D 54 50.14 4.48 -8.58
C LEU D 54 48.67 4.65 -8.96
N VAL D 55 48.41 4.79 -10.25
CA VAL D 55 47.02 4.93 -10.73
C VAL D 55 46.67 3.78 -11.66
N LEU D 56 45.75 2.92 -11.20
CA LEU D 56 45.26 1.84 -12.02
C LEU D 56 44.03 2.32 -12.78
N GLY D 57 44.12 2.33 -14.12
CA GLY D 57 43.11 2.91 -14.97
C GLY D 57 43.37 4.39 -15.19
N CYS D 58 44.58 4.70 -15.64
CA CYS D 58 45.11 6.07 -15.62
C CYS D 58 44.83 6.91 -16.87
N SER D 59 44.13 6.34 -17.85
CA SER D 59 44.10 6.96 -19.18
C SER D 59 42.82 7.70 -19.54
N ASN D 60 41.81 7.64 -18.68
CA ASN D 60 40.55 8.31 -18.95
C ASN D 60 39.79 8.62 -17.66
N GLY D 61 38.78 9.48 -17.79
CA GLY D 61 37.87 9.77 -16.69
C GLY D 61 38.53 10.11 -15.37
N TYR D 62 38.06 9.47 -14.30
CA TYR D 62 38.54 9.74 -12.95
C TYR D 62 39.99 9.32 -12.72
N GLY D 63 40.41 8.23 -13.36
CA GLY D 63 41.79 7.78 -13.26
C GLY D 63 42.78 8.82 -13.79
N LEU D 64 42.53 9.32 -14.99
CA LEU D 64 43.35 10.38 -15.60
C LEU D 64 43.37 11.67 -14.78
N ALA D 65 42.21 12.10 -14.31
CA ALA D 65 42.14 13.30 -13.47
C ALA D 65 42.93 13.11 -12.17
N SER D 66 42.88 11.90 -11.63
CA SER D 66 43.64 11.57 -10.41
C SER D 66 45.14 11.65 -10.63
N ARG D 67 45.59 11.17 -11.79
CA ARG D 67 47.00 11.22 -12.11
C ARG D 67 47.43 12.67 -12.36
N ILE D 68 46.58 13.41 -13.08
CA ILE D 68 46.86 14.81 -13.38
C ILE D 68 46.91 15.66 -12.12
N THR D 69 45.97 15.43 -11.21
CA THR D 69 45.95 16.14 -9.93
C THR D 69 47.20 15.87 -9.12
N ALA D 70 47.56 14.60 -8.99
CA ALA D 70 48.76 14.21 -8.22
C ALA D 70 50.04 14.82 -8.78
N ALA D 71 50.21 14.70 -10.10
CA ALA D 71 51.45 15.14 -10.74
C ALA D 71 51.54 16.65 -10.87
N PHE D 72 50.52 17.28 -11.45
CA PHE D 72 50.61 18.71 -11.74
C PHE D 72 50.09 19.60 -10.61
N GLY D 73 49.27 19.04 -9.73
CA GLY D 73 48.80 19.78 -8.57
C GLY D 73 49.82 19.73 -7.45
N TYR D 74 50.39 18.55 -7.23
CA TYR D 74 51.25 18.32 -6.07
C TYR D 74 52.70 17.97 -6.41
N GLY D 75 53.00 17.79 -7.69
CA GLY D 75 54.35 17.48 -8.12
C GLY D 75 54.77 16.04 -7.87
N ALA D 76 53.79 15.14 -7.76
CA ALA D 76 54.07 13.77 -7.40
C ALA D 76 54.59 12.95 -8.57
N ALA D 77 55.52 12.05 -8.27
CA ALA D 77 55.97 11.06 -9.25
C ALA D 77 54.85 10.05 -9.40
N THR D 78 54.51 9.69 -10.64
CA THR D 78 53.40 8.76 -10.86
C THR D 78 53.73 7.61 -11.80
N ILE D 79 53.14 6.45 -11.48
CA ILE D 79 53.13 5.32 -12.38
C ILE D 79 51.68 5.02 -12.76
N GLY D 80 51.41 4.98 -14.06
CA GLY D 80 50.07 4.70 -14.53
C GLY D 80 49.97 3.36 -15.23
N VAL D 81 48.84 2.69 -15.03
CA VAL D 81 48.54 1.44 -15.73
C VAL D 81 47.21 1.58 -16.46
N SER D 82 47.20 1.20 -17.73
CA SER D 82 45.95 1.10 -18.49
C SER D 82 46.11 0.09 -19.63
N PHE D 83 44.99 -0.36 -20.17
CA PHE D 83 44.99 -1.30 -21.28
C PHE D 83 44.52 -0.63 -22.56
N GLU D 84 45.45 -0.10 -23.34
CA GLU D 84 45.09 0.67 -24.51
C GLU D 84 45.53 0.00 -25.81
N LYS D 85 45.00 0.48 -26.93
CA LYS D 85 45.42 0.01 -28.24
C LYS D 85 46.19 1.10 -28.96
N ALA D 86 47.45 0.83 -29.27
CA ALA D 86 48.31 1.80 -29.95
C ALA D 86 47.78 2.12 -31.34
N GLY D 87 47.98 3.36 -31.76
CA GLY D 87 47.59 3.77 -33.09
C GLY D 87 48.70 3.45 -34.08
N SER D 88 48.32 3.15 -35.32
CA SER D 88 49.28 2.93 -36.39
C SER D 88 49.35 4.20 -37.23
N GLU D 89 50.05 4.12 -38.36
CA GLU D 89 50.08 5.22 -39.31
C GLU D 89 48.66 5.54 -39.76
N THR D 90 47.90 4.49 -40.04
CA THR D 90 46.61 4.63 -40.70
C THR D 90 45.40 4.42 -39.79
N LYS D 91 45.53 3.58 -38.77
CA LYS D 91 44.39 3.23 -37.93
C LYS D 91 44.41 3.90 -36.55
N TYR D 92 43.22 4.24 -36.06
CA TYR D 92 43.06 4.92 -34.77
C TYR D 92 43.56 4.10 -33.59
N GLY D 93 44.19 4.78 -32.65
CA GLY D 93 44.45 4.17 -31.35
C GLY D 93 43.26 4.45 -30.45
N THR D 94 43.29 3.96 -29.23
CA THR D 94 42.24 4.30 -28.27
C THR D 94 42.46 5.72 -27.76
N PRO D 95 41.39 6.39 -27.33
CA PRO D 95 41.52 7.73 -26.74
C PRO D 95 42.54 7.76 -25.61
N GLY D 96 42.52 6.72 -24.78
CA GLY D 96 43.41 6.62 -23.64
C GLY D 96 44.88 6.58 -24.06
N TRP D 97 45.15 6.01 -25.22
CA TRP D 97 46.51 5.94 -25.74
C TRP D 97 47.06 7.33 -26.04
N TYR D 98 46.23 8.16 -26.67
CA TYR D 98 46.60 9.55 -26.91
C TYR D 98 46.67 10.38 -25.64
N ASN D 99 45.76 10.11 -24.70
CA ASN D 99 45.78 10.81 -23.41
C ASN D 99 47.07 10.56 -22.65
N ASN D 100 47.50 9.30 -22.61
CA ASN D 100 48.73 8.90 -21.95
C ASN D 100 49.96 9.59 -22.57
N LEU D 101 50.01 9.63 -23.89
CA LEU D 101 51.12 10.27 -24.60
C LEU D 101 51.20 11.74 -24.22
N ALA D 102 50.05 12.41 -24.23
CA ALA D 102 49.97 13.81 -23.83
C ALA D 102 50.41 14.00 -22.37
N PHE D 103 49.97 13.09 -21.51
CA PHE D 103 50.35 13.18 -20.10
C PHE D 103 51.86 13.05 -19.92
N ASP D 104 52.43 11.99 -20.49
CA ASP D 104 53.86 11.72 -20.33
C ASP D 104 54.72 12.85 -20.91
N GLU D 105 54.25 13.43 -22.01
CA GLU D 105 54.94 14.55 -22.63
C GLU D 105 54.92 15.81 -21.76
N ALA D 106 53.76 16.13 -21.19
CA ALA D 106 53.63 17.29 -20.30
C ALA D 106 54.44 17.06 -19.04
N ALA D 107 54.48 15.81 -18.58
CA ALA D 107 55.20 15.47 -17.36
C ALA D 107 56.71 15.67 -17.54
N LYS D 108 57.24 15.19 -18.67
CA LYS D 108 58.66 15.34 -18.97
C LYS D 108 59.02 16.80 -19.14
N ARG D 109 58.11 17.55 -19.76
CA ARG D 109 58.27 18.98 -19.95
C ARG D 109 58.34 19.72 -18.61
N GLU D 110 57.71 19.15 -17.59
CA GLU D 110 57.68 19.73 -16.24
C GLU D 110 58.83 19.20 -15.40
N GLY D 111 59.43 18.09 -15.82
CA GLY D 111 60.52 17.49 -15.09
C GLY D 111 60.06 16.51 -14.03
N LEU D 112 58.90 15.90 -14.27
CA LEU D 112 58.34 14.95 -13.32
C LEU D 112 58.59 13.51 -13.78
N TYR D 113 58.92 12.65 -12.82
CA TYR D 113 58.98 11.22 -13.11
C TYR D 113 57.59 10.73 -13.46
N SER D 114 57.47 10.07 -14.60
CA SER D 114 56.19 9.53 -15.01
C SER D 114 56.39 8.32 -15.92
N VAL D 115 55.88 7.18 -15.48
CA VAL D 115 55.96 5.97 -16.28
C VAL D 115 54.58 5.37 -16.49
N THR D 116 54.28 5.03 -17.74
CA THR D 116 53.00 4.41 -18.06
C THR D 116 53.23 2.97 -18.52
N ILE D 117 52.47 2.05 -17.93
CA ILE D 117 52.56 0.65 -18.28
C ILE D 117 51.28 0.23 -18.98
N ASP D 118 51.41 -0.29 -20.20
CA ASP D 118 50.26 -0.66 -21.00
C ASP D 118 50.04 -2.16 -21.01
N GLY D 119 48.82 -2.57 -20.66
CA GLY D 119 48.48 -3.97 -20.61
C GLY D 119 47.30 -4.25 -19.70
N ASP D 120 46.98 -5.54 -19.54
CA ASP D 120 45.84 -5.95 -18.75
C ASP D 120 46.15 -5.84 -17.26
N ALA D 121 45.58 -4.83 -16.62
CA ALA D 121 45.83 -4.56 -15.20
C ALA D 121 45.33 -5.71 -14.30
N PHE D 122 44.46 -6.54 -14.85
CA PHE D 122 43.99 -7.74 -14.14
C PHE D 122 45.03 -8.86 -14.13
N SER D 123 46.08 -8.73 -14.93
CA SER D 123 47.07 -9.81 -15.05
C SER D 123 48.27 -9.68 -14.11
N ASP D 124 48.80 -10.82 -13.70
CA ASP D 124 49.96 -10.84 -12.81
C ASP D 124 51.23 -10.34 -13.50
N GLU D 125 51.28 -10.46 -14.82
CA GLU D 125 52.42 -9.95 -15.58
C GLU D 125 52.53 -8.43 -15.52
N ILE D 126 51.39 -7.74 -15.63
CA ILE D 126 51.39 -6.29 -15.51
C ILE D 126 51.75 -5.87 -14.09
N LYS D 127 51.25 -6.60 -13.10
CA LYS D 127 51.63 -6.37 -11.71
C LYS D 127 53.13 -6.54 -11.49
N ALA D 128 53.71 -7.58 -12.07
CA ALA D 128 55.15 -7.81 -12.00
C ALA D 128 55.93 -6.64 -12.62
N GLN D 129 55.40 -6.08 -13.71
CA GLN D 129 56.06 -4.94 -14.34
C GLN D 129 56.10 -3.70 -13.46
N VAL D 130 54.99 -3.42 -12.78
CA VAL D 130 54.92 -2.28 -11.86
C VAL D 130 55.88 -2.48 -10.68
N ILE D 131 55.86 -3.69 -10.11
CA ILE D 131 56.76 -4.04 -9.02
C ILE D 131 58.23 -3.87 -9.42
N GLU D 132 58.57 -4.35 -10.60
CA GLU D 132 59.93 -4.25 -11.12
C GLU D 132 60.35 -2.79 -11.25
N GLU D 133 59.45 -1.96 -11.76
CA GLU D 133 59.74 -0.54 -11.95
C GLU D 133 59.89 0.23 -10.64
N ALA D 134 59.03 -0.09 -9.66
CA ALA D 134 59.11 0.56 -8.35
C ALA D 134 60.42 0.18 -7.63
N LYS D 135 60.74 -1.11 -7.62
CA LYS D 135 61.98 -1.59 -7.01
C LYS D 135 63.20 -0.95 -7.65
N LYS D 136 63.15 -0.81 -8.98
CA LYS D 136 64.25 -0.21 -9.73
C LYS D 136 64.52 1.23 -9.31
N LYS D 137 63.46 1.97 -9.03
CA LYS D 137 63.57 3.38 -8.71
C LYS D 137 63.57 3.65 -7.20
N GLY D 138 63.41 2.58 -6.42
CA GLY D 138 63.38 2.72 -4.97
C GLY D 138 62.13 3.42 -4.50
N ILE D 139 61.01 3.13 -5.18
CA ILE D 139 59.74 3.78 -4.90
C ILE D 139 58.90 2.98 -3.88
N LYS D 140 58.32 3.69 -2.92
CA LYS D 140 57.27 3.14 -2.09
C LYS D 140 56.03 4.04 -2.21
N PHE D 141 54.89 3.43 -2.53
CA PHE D 141 53.69 4.22 -2.81
C PHE D 141 53.01 4.74 -1.53
N ASP D 142 52.53 5.97 -1.58
CA ASP D 142 51.74 6.52 -0.47
C ASP D 142 50.31 6.80 -0.91
N LEU D 143 50.05 6.71 -2.22
CA LEU D 143 48.70 6.83 -2.74
C LEU D 143 48.50 5.87 -3.89
N ILE D 144 47.50 5.01 -3.77
CA ILE D 144 47.17 4.08 -4.84
C ILE D 144 45.71 4.25 -5.24
N VAL D 145 45.49 4.70 -6.46
CA VAL D 145 44.14 4.98 -6.94
C VAL D 145 43.68 3.85 -7.84
N TYR D 146 42.59 3.18 -7.43
CA TYR D 146 42.03 2.11 -8.24
C TYR D 146 40.81 2.60 -9.03
N SER D 147 40.99 2.76 -10.33
CA SER D 147 39.92 3.27 -11.19
C SER D 147 39.78 2.44 -12.47
N LEU D 148 39.84 1.13 -12.34
CA LEU D 148 39.72 0.26 -13.50
C LEU D 148 38.27 0.14 -13.94
N ALA D 149 38.08 0.14 -15.25
CA ALA D 149 36.77 0.00 -15.85
C ALA D 149 36.86 -0.86 -17.11
N SER D 150 36.40 -2.09 -17.00
CA SER D 150 36.38 -3.01 -18.11
C SER D 150 35.10 -3.82 -18.03
N PRO D 151 34.46 -4.07 -19.17
CA PRO D 151 33.26 -4.92 -19.12
C PRO D 151 33.63 -6.37 -18.84
N VAL D 152 34.92 -6.68 -18.95
CA VAL D 152 35.40 -8.06 -18.85
C VAL D 152 36.63 -8.20 -17.97
N ARG D 153 36.75 -9.34 -17.31
CA ARG D 153 37.95 -9.67 -16.54
C ARG D 153 38.32 -11.14 -16.67
N THR D 154 39.54 -11.40 -17.09
CA THR D 154 40.06 -12.76 -17.09
C THR D 154 40.68 -13.03 -15.74
N ASP D 155 40.15 -14.02 -15.02
CA ASP D 155 40.66 -14.40 -13.71
C ASP D 155 42.09 -14.94 -13.82
N PRO D 156 43.03 -14.34 -13.09
CA PRO D 156 44.45 -14.72 -13.17
C PRO D 156 44.76 -16.09 -12.59
N ASP D 157 43.81 -16.69 -11.87
CA ASP D 157 44.04 -17.98 -11.21
C ASP D 157 43.39 -19.15 -11.95
N THR D 158 42.37 -18.87 -12.75
CA THR D 158 41.67 -19.92 -13.47
C THR D 158 41.77 -19.72 -14.97
N GLY D 159 41.88 -18.47 -15.39
CA GLY D 159 41.96 -18.15 -16.80
C GLY D 159 40.61 -17.90 -17.44
N ILE D 160 39.54 -18.10 -16.66
CA ILE D 160 38.18 -17.94 -17.17
C ILE D 160 37.82 -16.47 -17.31
N MSE D 161 37.23 -16.11 -18.44
CA MSE D 161 36.84 -14.73 -18.70
C MSE D 161 35.40 -14.49 -18.24
O MSE D 161 34.47 -15.12 -18.72
CB MSE D 161 36.97 -14.41 -20.19
CG MSE D 161 37.26 -12.95 -20.47
SE MSE D 161 36.99 -12.47 -22.34
CE MSE D 161 37.99 -10.80 -22.38
N HIS D 162 35.25 -13.56 -17.31
CA HIS D 162 33.92 -13.20 -16.83
C HIS D 162 33.48 -11.89 -17.43
N LYS D 163 32.20 -11.80 -17.79
CA LYS D 163 31.65 -10.59 -18.37
C LYS D 163 30.60 -10.01 -17.43
N SER D 164 30.65 -8.70 -17.21
CA SER D 164 29.70 -8.08 -16.29
C SER D 164 28.40 -7.77 -17.00
N VAL D 165 27.30 -7.80 -16.25
CA VAL D 165 26.00 -7.41 -16.76
C VAL D 165 25.41 -6.35 -15.84
N LEU D 166 24.57 -5.49 -16.40
CA LEU D 166 23.93 -4.45 -15.61
C LEU D 166 22.44 -4.74 -15.53
N LYS D 167 22.06 -5.55 -14.54
CA LYS D 167 20.69 -6.03 -14.43
C LYS D 167 20.15 -5.95 -13.01
N PRO D 168 18.82 -5.80 -12.87
CA PRO D 168 18.19 -5.85 -11.56
C PRO D 168 18.08 -7.30 -11.08
N PHE D 169 17.64 -7.49 -9.84
CA PHE D 169 17.28 -8.80 -9.34
C PHE D 169 15.77 -8.85 -9.14
N GLY D 170 15.16 -9.98 -9.48
CA GLY D 170 13.72 -10.15 -9.26
C GLY D 170 12.85 -9.57 -10.36
N LYS D 171 12.69 -8.24 -10.36
CA LYS D 171 11.79 -7.58 -11.30
C LYS D 171 12.54 -6.86 -12.42
N THR D 172 11.98 -6.91 -13.63
CA THR D 172 12.48 -6.14 -14.76
C THR D 172 12.56 -4.66 -14.39
N PHE D 173 13.64 -4.00 -14.81
CA PHE D 173 13.80 -2.58 -14.57
C PHE D 173 13.55 -1.81 -15.86
N THR D 174 12.50 -1.01 -15.88
CA THR D 174 12.10 -0.27 -17.07
C THR D 174 12.10 1.22 -16.77
N GLY D 175 12.65 2.01 -17.68
CA GLY D 175 12.72 3.45 -17.50
C GLY D 175 12.94 4.17 -18.82
N LYS D 176 12.76 5.48 -18.80
CA LYS D 176 12.93 6.28 -20.00
C LYS D 176 14.40 6.54 -20.29
N THR D 177 14.69 6.91 -21.52
CA THR D 177 16.04 7.28 -21.92
C THR D 177 15.95 8.27 -23.07
N VAL D 178 17.05 8.96 -23.33
CA VAL D 178 17.09 9.99 -24.35
C VAL D 178 18.35 9.87 -25.20
N ASP D 179 18.19 9.94 -26.52
CA ASP D 179 19.32 10.03 -27.43
C ASP D 179 19.74 11.49 -27.47
N PRO D 180 20.92 11.78 -26.90
CA PRO D 180 21.37 13.18 -26.79
C PRO D 180 21.62 13.84 -28.15
N PHE D 181 21.88 13.04 -29.17
CA PHE D 181 22.19 13.59 -30.50
C PHE D 181 20.95 13.94 -31.31
N THR D 182 19.87 13.21 -31.10
CA THR D 182 18.62 13.48 -31.83
C THR D 182 17.55 14.08 -30.93
N GLY D 183 17.66 13.86 -29.62
CA GLY D 183 16.66 14.36 -28.69
C GLY D 183 15.48 13.41 -28.57
N GLU D 184 15.58 12.27 -29.23
CA GLU D 184 14.51 11.28 -29.21
C GLU D 184 14.38 10.63 -27.84
N LEU D 185 13.14 10.57 -27.36
CA LEU D 185 12.84 9.96 -26.07
C LEU D 185 12.22 8.58 -26.29
N LYS D 186 12.73 7.59 -25.58
CA LYS D 186 12.16 6.25 -25.66
C LYS D 186 12.25 5.51 -24.32
N GLU D 187 11.80 4.26 -24.32
CA GLU D 187 11.76 3.48 -23.10
C GLU D 187 12.48 2.15 -23.30
N ILE D 188 13.44 1.86 -22.42
CA ILE D 188 14.20 0.62 -22.52
C ILE D 188 14.11 -0.19 -21.23
N SER D 189 14.40 -1.49 -21.33
CA SER D 189 14.25 -2.39 -20.19
C SER D 189 15.48 -3.27 -19.95
N ALA D 190 15.67 -3.66 -18.69
CA ALA D 190 16.71 -4.59 -18.31
C ALA D 190 16.09 -5.75 -17.53
N GLU D 191 16.27 -6.96 -18.03
CA GLU D 191 15.66 -8.15 -17.45
C GLU D 191 16.45 -8.61 -16.23
N PRO D 192 15.79 -9.37 -15.32
CA PRO D 192 16.46 -9.84 -14.10
C PRO D 192 17.67 -10.71 -14.40
N ALA D 193 18.71 -10.59 -13.59
CA ALA D 193 19.92 -11.38 -13.77
C ALA D 193 19.80 -12.73 -13.09
N ASN D 194 20.47 -13.74 -13.64
CA ASN D 194 20.59 -15.02 -12.96
C ASN D 194 21.83 -15.05 -12.08
N ASP D 195 22.02 -16.15 -11.34
CA ASP D 195 23.13 -16.26 -10.40
C ASP D 195 24.49 -16.23 -11.08
N GLU D 196 24.57 -16.84 -12.25
CA GLU D 196 25.82 -16.88 -13.01
C GLU D 196 26.22 -15.45 -13.41
N GLU D 197 25.24 -14.68 -13.88
CA GLU D 197 25.48 -13.29 -14.27
C GLU D 197 25.87 -12.45 -13.06
N ALA D 198 25.17 -12.67 -11.95
CA ALA D 198 25.45 -11.97 -10.71
C ALA D 198 26.90 -12.16 -10.29
N ALA D 199 27.33 -13.42 -10.22
CA ALA D 199 28.69 -13.75 -9.77
C ALA D 199 29.75 -13.18 -10.72
N ALA D 200 29.48 -13.25 -12.02
CA ALA D 200 30.43 -12.75 -13.01
C ALA D 200 30.64 -11.25 -12.83
N THR D 201 29.58 -10.53 -12.51
CA THR D 201 29.65 -9.09 -12.33
C THR D 201 30.48 -8.72 -11.11
N VAL D 202 30.31 -9.46 -10.02
CA VAL D 202 31.14 -9.26 -8.83
C VAL D 202 32.61 -9.52 -9.16
N LYS D 203 32.86 -10.56 -9.97
CA LYS D 203 34.20 -10.89 -10.44
C LYS D 203 34.85 -9.71 -11.17
N VAL D 204 34.05 -8.98 -11.93
CA VAL D 204 34.56 -7.91 -12.77
C VAL D 204 34.62 -6.56 -12.06
N MSE D 205 33.55 -6.21 -11.36
CA MSE D 205 33.40 -4.87 -10.80
C MSE D 205 33.63 -4.79 -9.29
O MSE D 205 33.64 -3.70 -8.72
CB MSE D 205 32.01 -4.31 -11.11
CG MSE D 205 31.69 -4.24 -12.60
SE MSE D 205 29.92 -3.46 -12.92
CE MSE D 205 30.36 -1.58 -12.62
N GLY D 206 33.81 -5.94 -8.65
CA GLY D 206 34.05 -6.00 -7.22
C GLY D 206 35.45 -5.59 -6.81
N GLY D 207 35.89 -6.04 -5.64
CA GLY D 207 37.18 -5.63 -5.13
C GLY D 207 38.30 -6.65 -5.23
N GLU D 208 38.07 -7.74 -5.95
CA GLU D 208 39.08 -8.81 -6.07
C GLU D 208 40.43 -8.33 -6.60
N ASP D 209 40.43 -7.64 -7.74
CA ASP D 209 41.69 -7.17 -8.32
C ASP D 209 42.35 -6.09 -7.47
N TRP D 210 41.54 -5.20 -6.92
CA TRP D 210 42.03 -4.17 -6.00
C TRP D 210 42.83 -4.81 -4.86
N GLU D 211 42.23 -5.81 -4.23
CA GLU D 211 42.89 -6.50 -3.13
C GLU D 211 44.15 -7.24 -3.58
N ARG D 212 44.12 -7.76 -4.82
CA ARG D 212 45.28 -8.45 -5.37
C ARG D 212 46.44 -7.48 -5.56
N TRP D 213 46.16 -6.29 -6.08
CA TRP D 213 47.20 -5.25 -6.20
C TRP D 213 47.83 -4.90 -4.86
N ILE D 214 47.00 -4.63 -3.86
CA ILE D 214 47.48 -4.18 -2.57
C ILE D 214 48.28 -5.28 -1.85
N LYS D 215 47.78 -6.51 -1.92
CA LYS D 215 48.43 -7.64 -1.26
C LYS D 215 49.80 -7.91 -1.87
N GLN D 216 49.90 -7.82 -3.20
CA GLN D 216 51.17 -8.06 -3.86
C GLN D 216 52.19 -6.95 -3.55
N LEU D 217 51.73 -5.70 -3.59
CA LEU D 217 52.60 -4.56 -3.31
C LEU D 217 53.08 -4.57 -1.86
N SER D 218 52.21 -5.02 -0.96
CA SER D 218 52.56 -5.10 0.44
C SER D 218 53.63 -6.17 0.65
N LYS D 219 53.47 -7.31 0.00
CA LYS D 219 54.41 -8.42 0.15
C LYS D 219 55.79 -8.08 -0.40
N GLU D 220 55.83 -7.21 -1.41
CA GLU D 220 57.09 -6.76 -1.98
C GLU D 220 57.67 -5.59 -1.19
N GLY D 221 56.91 -5.11 -0.20
CA GLY D 221 57.33 -4.00 0.63
C GLY D 221 57.28 -2.66 -0.10
N LEU D 222 56.29 -2.48 -0.97
CA LEU D 222 56.20 -1.28 -1.79
C LEU D 222 55.09 -0.31 -1.34
N LEU D 223 54.62 -0.47 -0.12
CA LEU D 223 53.66 0.46 0.46
C LEU D 223 54.31 1.25 1.59
N GLU D 224 54.23 2.57 1.51
CA GLU D 224 54.69 3.41 2.60
C GLU D 224 53.73 3.27 3.79
N GLU D 225 54.23 3.51 5.00
CA GLU D 225 53.39 3.52 6.19
C GLU D 225 52.33 4.63 6.09
N GLY D 226 51.07 4.25 6.21
CA GLY D 226 49.98 5.20 6.12
C GLY D 226 49.50 5.39 4.69
N CYS D 227 49.93 4.50 3.80
CA CYS D 227 49.54 4.56 2.39
C CYS D 227 48.01 4.59 2.24
N ILE D 228 47.53 5.54 1.46
CA ILE D 228 46.12 5.65 1.15
C ILE D 228 45.82 4.91 -0.15
N THR D 229 44.81 4.06 -0.15
CA THR D 229 44.33 3.47 -1.40
C THR D 229 42.83 3.72 -1.51
N LEU D 230 42.38 4.08 -2.72
CA LEU D 230 40.99 4.41 -2.97
C LEU D 230 40.48 3.63 -4.18
N ALA D 231 39.22 3.21 -4.13
CA ALA D 231 38.53 2.67 -5.28
C ALA D 231 37.30 3.54 -5.55
N TYR D 232 37.12 3.94 -6.80
CA TYR D 232 36.01 4.81 -7.17
C TYR D 232 34.75 4.01 -7.41
N SER D 233 33.62 4.55 -6.97
CA SER D 233 32.34 3.89 -7.15
C SER D 233 31.23 4.92 -7.33
N TYR D 234 29.99 4.43 -7.37
CA TYR D 234 28.86 5.32 -7.60
C TYR D 234 27.63 4.80 -6.87
N ILE D 235 26.88 5.70 -6.24
CA ILE D 235 25.66 5.30 -5.55
C ILE D 235 24.41 5.68 -6.36
N GLY D 236 24.34 6.92 -6.82
CA GLY D 236 23.28 7.34 -7.73
C GLY D 236 21.95 7.72 -7.07
N PRO D 237 21.00 8.17 -7.89
CA PRO D 237 19.68 8.64 -7.42
C PRO D 237 18.74 7.49 -7.08
N GLU D 238 17.62 7.81 -6.46
CA GLU D 238 16.64 6.79 -6.08
C GLU D 238 16.10 6.08 -7.32
N ALA D 239 15.94 6.82 -8.40
CA ALA D 239 15.37 6.30 -9.64
C ALA D 239 16.11 5.09 -10.20
N THR D 240 17.40 4.98 -9.92
CA THR D 240 18.19 3.88 -10.43
C THR D 240 18.65 2.89 -9.35
N GLN D 241 17.98 2.90 -8.20
CA GLN D 241 18.30 1.99 -7.11
C GLN D 241 18.12 0.52 -7.48
N ALA D 242 17.26 0.26 -8.46
CA ALA D 242 17.01 -1.11 -8.91
C ALA D 242 18.27 -1.78 -9.44
N LEU D 243 19.21 -0.96 -9.89
CA LEU D 243 20.47 -1.48 -10.41
C LEU D 243 21.62 -1.25 -9.43
N TYR D 244 21.76 -0.01 -8.97
CA TYR D 244 22.91 0.40 -8.19
C TYR D 244 22.84 -0.02 -6.73
N ARG D 245 21.64 -0.40 -6.28
CA ARG D 245 21.46 -0.82 -4.90
C ARG D 245 20.99 -2.27 -4.80
N LYS D 246 20.01 -2.64 -5.62
CA LYS D 246 19.42 -3.97 -5.56
C LYS D 246 19.68 -4.78 -6.83
N GLY D 247 20.66 -4.35 -7.61
CA GLY D 247 21.01 -5.06 -8.82
C GLY D 247 22.42 -5.62 -8.80
N THR D 248 22.91 -6.01 -9.97
CA THR D 248 24.23 -6.62 -10.09
C THR D 248 25.34 -5.66 -9.67
N ILE D 249 25.25 -4.41 -10.12
CA ILE D 249 26.21 -3.38 -9.76
C ILE D 249 26.20 -3.17 -8.25
N GLY D 250 25.00 -3.21 -7.66
CA GLY D 250 24.84 -3.04 -6.23
C GLY D 250 25.57 -4.13 -5.46
N LYS D 251 25.45 -5.36 -5.92
CA LYS D 251 26.12 -6.50 -5.28
C LYS D 251 27.63 -6.39 -5.42
N ALA D 252 28.09 -5.89 -6.57
CA ALA D 252 29.51 -5.65 -6.78
C ALA D 252 30.00 -4.54 -5.86
N LYS D 253 29.18 -3.50 -5.68
CA LYS D 253 29.55 -2.40 -4.80
C LYS D 253 29.69 -2.86 -3.36
N GLU D 254 28.82 -3.78 -2.94
CA GLU D 254 28.91 -4.35 -1.60
C GLU D 254 30.20 -5.15 -1.44
N HIS D 255 30.62 -5.83 -2.51
CA HIS D 255 31.88 -6.56 -2.47
C HIS D 255 33.04 -5.58 -2.30
N LEU D 256 33.02 -4.52 -3.10
CA LEU D 256 34.04 -3.47 -3.04
C LEU D 256 34.13 -2.85 -1.65
N GLU D 257 32.99 -2.52 -1.06
CA GLU D 257 32.97 -1.95 0.29
C GLU D 257 33.54 -2.93 1.31
N ALA D 258 33.19 -4.20 1.17
CA ALA D 258 33.70 -5.23 2.08
C ALA D 258 35.20 -5.46 1.90
N THR D 259 35.68 -5.30 0.67
CA THR D 259 37.10 -5.41 0.37
C THR D 259 37.88 -4.30 1.07
N ALA D 260 37.32 -3.09 1.06
CA ALA D 260 37.95 -1.95 1.72
C ALA D 260 38.12 -2.19 3.22
N HIS D 261 37.07 -2.68 3.85
CA HIS D 261 37.09 -2.96 5.29
C HIS D 261 38.10 -4.05 5.61
N ARG D 262 38.20 -5.03 4.71
CA ARG D 262 39.13 -6.14 4.87
C ARG D 262 40.59 -5.69 4.73
N LEU D 263 40.84 -4.83 3.75
CA LEU D 263 42.16 -4.23 3.58
C LEU D 263 42.59 -3.49 4.85
N ASN D 264 41.70 -2.68 5.40
CA ASN D 264 42.01 -1.96 6.64
C ASN D 264 42.23 -2.89 7.83
N LYS D 265 41.44 -3.94 7.91
CA LYS D 265 41.54 -4.88 9.03
C LYS D 265 42.85 -5.68 8.98
N GLU D 266 43.21 -6.16 7.79
CA GLU D 266 44.35 -7.06 7.64
C GLU D 266 45.70 -6.35 7.52
N ASN D 267 45.68 -5.03 7.36
CA ASN D 267 46.90 -4.26 7.24
C ASN D 267 46.76 -2.92 7.96
N PRO D 268 47.15 -2.87 9.24
CA PRO D 268 47.00 -1.67 10.07
C PRO D 268 47.86 -0.49 9.61
N SER D 269 48.73 -0.69 8.62
CA SER D 269 49.57 0.42 8.15
C SER D 269 49.05 1.09 6.88
N ILE D 270 47.86 0.70 6.41
CA ILE D 270 47.25 1.38 5.27
C ILE D 270 45.87 1.96 5.58
N ARG D 271 45.41 2.85 4.71
CA ARG D 271 44.10 3.45 4.87
C ARG D 271 43.31 3.30 3.58
N ALA D 272 42.42 2.32 3.56
CA ALA D 272 41.66 1.99 2.37
C ALA D 272 40.26 2.58 2.44
N PHE D 273 39.80 3.16 1.33
CA PHE D 273 38.47 3.78 1.25
C PHE D 273 37.83 3.47 -0.10
N VAL D 274 36.51 3.31 -0.11
CA VAL D 274 35.76 3.48 -1.33
C VAL D 274 35.45 4.96 -1.42
N SER D 275 35.60 5.53 -2.62
CA SER D 275 35.27 6.93 -2.85
C SER D 275 34.10 7.02 -3.80
N VAL D 276 32.96 7.51 -3.29
CA VAL D 276 31.77 7.60 -4.11
C VAL D 276 31.75 8.93 -4.85
N ASN D 277 31.87 8.87 -6.17
CA ASN D 277 31.92 10.06 -7.00
C ASN D 277 30.57 10.35 -7.66
N LYS D 278 30.48 11.50 -8.32
CA LYS D 278 29.24 11.90 -8.99
C LYS D 278 29.03 11.20 -10.34
N GLY D 279 27.80 11.26 -10.84
CA GLY D 279 27.46 10.64 -12.10
C GLY D 279 28.06 11.36 -13.29
N LEU D 280 28.51 10.59 -14.27
CA LEU D 280 29.08 11.14 -15.49
C LEU D 280 28.77 10.23 -16.65
N VAL D 281 28.94 10.73 -17.87
CA VAL D 281 28.73 9.92 -19.04
C VAL D 281 29.85 8.90 -19.16
N THR D 282 29.47 7.63 -19.22
CA THR D 282 30.43 6.56 -19.44
C THR D 282 29.98 5.74 -20.63
N ARG D 283 30.85 4.85 -21.11
CA ARG D 283 30.55 3.99 -22.23
C ARG D 283 29.27 3.17 -22.06
N ALA D 284 28.94 2.84 -20.81
CA ALA D 284 27.79 2.00 -20.53
C ALA D 284 26.50 2.77 -20.24
N SER D 285 26.58 4.10 -20.23
CA SER D 285 25.43 4.94 -19.88
C SER D 285 24.22 4.66 -20.77
N ALA D 286 24.46 4.48 -22.06
CA ALA D 286 23.37 4.36 -23.04
C ALA D 286 22.54 3.09 -22.92
N VAL D 287 23.10 2.05 -22.32
CA VAL D 287 22.39 0.78 -22.21
C VAL D 287 21.62 0.66 -20.89
N ILE D 288 21.81 1.64 -20.02
CA ILE D 288 21.15 1.62 -18.71
C ILE D 288 19.91 2.48 -18.73
N PRO D 289 18.76 1.89 -18.36
CA PRO D 289 17.50 2.66 -18.28
C PRO D 289 17.64 3.84 -17.32
N VAL D 290 16.99 4.95 -17.67
CA VAL D 290 16.95 6.17 -16.87
C VAL D 290 18.24 7.01 -16.93
N ILE D 291 19.39 6.37 -16.83
CA ILE D 291 20.68 7.07 -16.69
C ILE D 291 20.93 8.26 -17.64
N PRO D 292 20.73 8.08 -18.96
CA PRO D 292 20.99 9.22 -19.83
C PRO D 292 20.04 10.39 -19.59
N LEU D 293 18.79 10.11 -19.27
CA LEU D 293 17.84 11.17 -18.98
C LEU D 293 18.18 11.85 -17.66
N TYR D 294 18.53 11.04 -16.66
CA TYR D 294 18.95 11.56 -15.36
C TYR D 294 20.13 12.53 -15.51
N LEU D 295 21.12 12.11 -16.29
CA LEU D 295 22.36 12.89 -16.43
C LEU D 295 22.16 14.21 -17.14
N ALA D 296 21.42 14.19 -18.25
CA ALA D 296 21.13 15.42 -18.98
C ALA D 296 20.40 16.38 -18.05
N SER D 297 19.48 15.83 -17.27
CA SER D 297 18.69 16.64 -16.34
C SER D 297 19.55 17.14 -15.19
N LEU D 298 20.42 16.28 -14.68
CA LEU D 298 21.34 16.65 -13.61
C LEU D 298 22.27 17.77 -14.05
N PHE D 299 22.89 17.59 -15.21
CA PHE D 299 23.80 18.60 -15.76
C PHE D 299 23.13 19.97 -15.87
N LYS D 300 21.90 19.97 -16.37
CA LYS D 300 21.10 21.21 -16.47
C LYS D 300 20.86 21.84 -15.10
N VAL D 301 20.33 21.07 -14.17
CA VAL D 301 20.03 21.56 -12.84
C VAL D 301 21.28 22.07 -12.12
N MSE D 302 22.34 21.28 -12.12
CA MSE D 302 23.56 21.65 -11.41
C MSE D 302 24.30 22.83 -12.04
O MSE D 302 24.97 23.58 -11.35
CB MSE D 302 24.47 20.44 -11.22
CG MSE D 302 23.89 19.37 -10.29
SE MSE D 302 25.11 17.88 -9.89
CE MSE D 302 26.12 18.65 -8.38
N LYS D 303 24.17 22.99 -13.36
CA LYS D 303 24.79 24.15 -14.01
C LYS D 303 24.07 25.44 -13.64
N GLU D 304 22.74 25.37 -13.54
CA GLU D 304 21.95 26.51 -13.08
C GLU D 304 22.24 26.86 -11.62
N LYS D 305 22.46 25.84 -10.79
CA LYS D 305 22.75 26.06 -9.37
C LYS D 305 24.19 26.50 -9.13
N GLY D 306 25.10 26.07 -9.99
CA GLY D 306 26.49 26.46 -9.88
C GLY D 306 27.38 25.46 -9.18
N ASN D 307 26.88 24.24 -8.97
CA ASN D 307 27.68 23.19 -8.35
C ASN D 307 27.99 22.03 -9.30
N HIS D 308 27.93 22.29 -10.60
CA HIS D 308 28.28 21.26 -11.58
C HIS D 308 29.79 21.00 -11.62
N GLU D 309 30.16 19.74 -11.78
CA GLU D 309 31.56 19.35 -11.82
C GLU D 309 31.82 18.30 -12.91
N GLY D 310 32.95 18.43 -13.59
CA GLY D 310 33.48 17.36 -14.44
C GLY D 310 34.49 16.52 -13.67
N CYS D 311 35.21 15.65 -14.37
CA CYS D 311 36.17 14.76 -13.72
C CYS D 311 37.26 15.49 -12.95
N ILE D 312 37.89 16.47 -13.60
CA ILE D 312 39.00 17.18 -12.97
C ILE D 312 38.55 18.03 -11.78
N GLU D 313 37.36 18.61 -11.86
CA GLU D 313 36.79 19.36 -10.73
C GLU D 313 36.54 18.46 -9.53
N GLN D 314 35.94 17.31 -9.80
CA GLN D 314 35.69 16.30 -8.77
C GLN D 314 36.96 15.85 -8.04
N ILE D 315 37.99 15.53 -8.82
CA ILE D 315 39.18 14.93 -8.25
C ILE D 315 40.07 15.93 -7.53
N THR D 316 40.16 17.15 -8.05
CA THR D 316 40.93 18.18 -7.37
C THR D 316 40.28 18.52 -6.03
N ARG D 317 38.96 18.46 -5.99
CA ARG D 317 38.25 18.65 -4.73
C ARG D 317 38.49 17.47 -3.80
N LEU D 318 38.54 16.26 -4.38
CA LEU D 318 38.86 15.06 -3.61
C LEU D 318 40.21 15.16 -2.91
N TYR D 319 41.24 15.55 -3.65
CA TYR D 319 42.57 15.71 -3.08
C TYR D 319 42.63 16.82 -2.03
N ALA D 320 42.14 18.00 -2.42
CA ALA D 320 42.29 19.19 -1.58
C ALA D 320 41.35 19.19 -0.36
N GLU D 321 40.22 18.52 -0.47
CA GLU D 321 39.19 18.66 0.56
C GLU D 321 38.80 17.34 1.19
N ARG D 322 39.45 16.25 0.78
CA ARG D 322 39.28 14.98 1.48
C ARG D 322 40.61 14.36 1.91
N LEU D 323 41.50 14.15 0.95
CA LEU D 323 42.74 13.40 1.19
C LEU D 323 43.83 14.22 1.84
N TYR D 324 44.03 15.45 1.34
CA TYR D 324 45.14 16.27 1.79
C TYR D 324 44.68 17.61 2.36
N ARG D 325 44.00 17.55 3.49
CA ARG D 325 43.45 18.72 4.16
C ARG D 325 44.41 19.27 5.20
N LYS D 326 44.25 20.54 5.52
CA LYS D 326 45.06 21.19 6.53
C LYS D 326 44.82 20.58 7.92
N ASP D 327 43.62 20.04 8.13
CA ASP D 327 43.29 19.46 9.44
C ASP D 327 43.68 17.99 9.57
N GLY D 328 44.25 17.42 8.51
CA GLY D 328 44.79 16.07 8.55
C GLY D 328 43.76 14.95 8.58
N THR D 329 42.48 15.31 8.53
CA THR D 329 41.42 14.31 8.56
C THR D 329 41.00 13.90 7.14
N ILE D 330 40.43 12.71 7.04
CA ILE D 330 39.76 12.30 5.81
C ILE D 330 38.28 12.09 6.12
N PRO D 331 37.45 13.09 5.83
CA PRO D 331 36.01 13.03 6.12
C PRO D 331 35.34 11.87 5.37
N VAL D 332 34.52 11.11 6.09
CA VAL D 332 33.83 9.95 5.55
C VAL D 332 32.40 9.92 6.06
N ASP D 333 31.54 9.15 5.39
CA ASP D 333 30.17 8.99 5.88
C ASP D 333 30.13 7.92 6.97
N GLU D 334 28.93 7.56 7.41
CA GLU D 334 28.75 6.63 8.51
C GLU D 334 29.20 5.20 8.18
N GLU D 335 29.43 4.92 6.90
CA GLU D 335 29.91 3.62 6.47
C GLU D 335 31.38 3.66 6.09
N ASN D 336 32.08 4.71 6.51
CA ASN D 336 33.50 4.89 6.24
C ASN D 336 33.85 5.04 4.75
N ARG D 337 32.94 5.62 3.97
CA ARG D 337 33.21 5.91 2.56
C ARG D 337 33.47 7.39 2.39
N ILE D 338 34.43 7.73 1.53
CA ILE D 338 34.60 9.12 1.11
C ILE D 338 33.48 9.46 0.13
N ARG D 339 32.84 10.60 0.31
CA ARG D 339 31.72 11.01 -0.54
C ARG D 339 31.98 12.34 -1.23
N ILE D 340 32.14 12.32 -2.55
CA ILE D 340 32.19 13.58 -3.30
C ILE D 340 30.99 13.67 -4.23
N ASP D 341 30.02 12.79 -4.02
CA ASP D 341 28.72 12.89 -4.65
C ASP D 341 27.76 13.66 -3.75
N ASP D 342 28.31 14.35 -2.75
CA ASP D 342 27.49 15.08 -1.78
C ASP D 342 26.71 16.23 -2.40
N TRP D 343 27.26 16.88 -3.43
CA TRP D 343 26.55 17.96 -4.11
C TRP D 343 25.47 17.38 -5.01
N GLU D 344 25.77 16.30 -5.71
CA GLU D 344 24.80 15.66 -6.60
C GLU D 344 23.58 15.17 -5.82
N LEU D 345 23.82 14.59 -4.65
CA LEU D 345 22.73 14.00 -3.88
C LEU D 345 22.12 14.93 -2.82
N GLU D 346 22.46 16.22 -2.88
CA GLU D 346 21.78 17.24 -2.08
C GLU D 346 20.29 17.14 -2.32
N GLU D 347 19.49 17.36 -1.28
CA GLU D 347 18.04 17.31 -1.41
C GLU D 347 17.49 18.24 -2.49
N ASP D 348 17.98 19.47 -2.55
CA ASP D 348 17.48 20.47 -3.49
C ASP D 348 17.83 20.15 -4.95
N VAL D 349 18.94 19.43 -5.15
CA VAL D 349 19.33 19.01 -6.48
C VAL D 349 18.43 17.89 -6.96
N GLN D 350 18.29 16.86 -6.13
CA GLN D 350 17.52 15.68 -6.48
C GLN D 350 16.03 15.95 -6.72
N LYS D 351 15.43 16.80 -5.89
CA LYS D 351 14.03 17.17 -6.11
C LYS D 351 13.86 17.91 -7.43
N ALA D 352 14.80 18.80 -7.72
CA ALA D 352 14.77 19.56 -8.96
C ALA D 352 14.94 18.66 -10.19
N VAL D 353 15.81 17.66 -10.08
CA VAL D 353 16.05 16.74 -11.19
C VAL D 353 14.83 15.85 -11.45
N SER D 354 14.27 15.28 -10.39
CA SER D 354 13.07 14.47 -10.48
C SER D 354 11.90 15.24 -11.10
N ALA D 355 11.73 16.48 -10.66
CA ALA D 355 10.64 17.31 -11.17
C ALA D 355 10.85 17.62 -12.64
N LEU D 356 12.10 17.88 -13.01
CA LEU D 356 12.43 18.17 -14.40
C LEU D 356 12.23 16.95 -15.28
N MSE D 357 12.63 15.78 -14.78
CA MSE D 357 12.54 14.54 -15.55
C MSE D 357 11.11 14.16 -15.95
O MSE D 357 10.90 13.52 -16.98
CB MSE D 357 13.18 13.37 -14.79
CG MSE D 357 14.68 13.23 -14.96
SE MSE D 357 15.41 11.66 -14.06
CE MSE D 357 14.33 10.27 -14.90
N GLU D 358 10.14 14.53 -15.12
CA GLU D 358 8.75 14.19 -15.39
C GLU D 358 8.12 15.16 -16.40
N LYS D 359 8.83 16.23 -16.71
CA LYS D 359 8.34 17.25 -17.63
C LYS D 359 8.83 16.95 -19.04
N VAL D 360 9.81 16.06 -19.15
CA VAL D 360 10.41 15.76 -20.46
C VAL D 360 9.49 14.92 -21.35
N THR D 361 9.30 15.38 -22.58
CA THR D 361 8.46 14.68 -23.53
C THR D 361 9.31 14.25 -24.71
N GLY D 362 8.68 13.92 -25.83
CA GLY D 362 9.41 13.53 -27.01
C GLY D 362 9.79 14.72 -27.88
N GLU D 363 9.50 15.92 -27.41
CA GLU D 363 9.67 17.12 -28.23
C GLU D 363 10.44 18.25 -27.55
N ASN D 364 10.53 18.21 -26.22
CA ASN D 364 11.13 19.32 -25.49
C ASN D 364 12.51 19.04 -24.87
N ALA D 365 13.05 17.85 -25.14
CA ALA D 365 14.27 17.38 -24.48
C ALA D 365 15.46 18.33 -24.60
N GLU D 366 15.69 18.85 -25.81
CA GLU D 366 16.80 19.77 -26.04
C GLU D 366 16.61 21.07 -25.25
N SER D 367 15.35 21.43 -25.03
CA SER D 367 15.01 22.66 -24.34
C SER D 367 15.08 22.54 -22.81
N LEU D 368 14.59 21.42 -22.28
CA LEU D 368 14.47 21.25 -20.83
C LEU D 368 15.72 20.67 -20.18
N THR D 369 16.51 19.90 -20.92
CA THR D 369 17.68 19.27 -20.34
C THR D 369 18.97 19.68 -21.07
N ASP D 370 20.11 19.35 -20.47
CA ASP D 370 21.39 19.74 -21.03
C ASP D 370 21.92 18.68 -21.99
N LEU D 371 21.20 18.48 -23.09
CA LEU D 371 21.63 17.53 -24.11
C LEU D 371 22.95 17.97 -24.72
N ALA D 372 23.15 19.28 -24.82
CA ALA D 372 24.39 19.83 -25.35
C ALA D 372 25.60 19.47 -24.49
N GLY D 373 25.45 19.61 -23.17
CA GLY D 373 26.50 19.26 -22.25
C GLY D 373 26.79 17.78 -22.30
N TYR D 374 25.74 16.97 -22.34
CA TYR D 374 25.87 15.52 -22.46
C TYR D 374 26.62 15.16 -23.74
N ARG D 375 26.21 15.74 -24.86
CA ARG D 375 26.89 15.50 -26.14
C ARG D 375 28.36 15.89 -26.07
N HIS D 376 28.64 17.02 -25.43
CA HIS D 376 30.02 17.50 -25.33
C HIS D 376 30.90 16.52 -24.55
N ASP D 377 30.40 16.04 -23.41
CA ASP D 377 31.17 15.10 -22.59
C ASP D 377 31.41 13.79 -23.33
N PHE D 378 30.36 13.25 -23.93
CA PHE D 378 30.46 12.04 -24.75
C PHE D 378 31.54 12.20 -25.82
N LEU D 379 31.50 13.32 -26.53
CA LEU D 379 32.42 13.56 -27.64
C LEU D 379 33.83 13.90 -27.16
N ALA D 380 33.93 14.75 -26.14
CA ALA D 380 35.24 15.16 -25.62
C ALA D 380 36.07 14.00 -25.09
N SER D 381 35.40 12.93 -24.67
CA SER D 381 36.08 11.73 -24.20
C SER D 381 36.93 11.09 -25.30
N ASN D 382 36.58 11.35 -26.55
CA ASN D 382 37.33 10.82 -27.69
C ASN D 382 38.04 11.92 -28.48
N GLY D 383 38.21 13.09 -27.86
CA GLY D 383 38.96 14.16 -28.46
C GLY D 383 38.16 15.07 -29.36
N PHE D 384 36.84 14.86 -29.41
CA PHE D 384 35.98 15.67 -30.28
C PHE D 384 35.26 16.78 -29.54
N ASP D 385 34.78 17.77 -30.30
CA ASP D 385 34.05 18.93 -29.74
C ASP D 385 34.89 19.68 -28.71
N VAL D 386 36.20 19.55 -28.80
CA VAL D 386 37.09 20.24 -27.87
C VAL D 386 37.39 21.66 -28.34
N GLU D 387 37.12 22.62 -27.47
CA GLU D 387 37.28 24.04 -27.76
C GLU D 387 38.73 24.42 -28.06
N GLY D 388 38.94 25.05 -29.21
CA GLY D 388 40.26 25.50 -29.60
C GLY D 388 40.93 24.59 -30.61
N ILE D 389 40.24 23.53 -31.00
CA ILE D 389 40.76 22.62 -32.02
C ILE D 389 40.06 22.91 -33.35
N ASN D 390 40.82 22.91 -34.43
CA ASN D 390 40.27 23.05 -35.78
C ASN D 390 39.96 21.67 -36.36
N TYR D 391 38.68 21.31 -36.38
CA TYR D 391 38.28 19.99 -36.85
C TYR D 391 38.15 19.91 -38.36
N GLU D 392 38.73 20.89 -39.06
CA GLU D 392 38.75 20.90 -40.51
C GLU D 392 40.13 20.54 -41.04
N ALA D 393 41.17 20.93 -40.29
CA ALA D 393 42.53 20.60 -40.66
C ALA D 393 42.74 19.09 -40.66
N GLU D 394 43.32 18.58 -41.73
CA GLU D 394 43.54 17.14 -41.87
C GLU D 394 44.53 16.59 -40.85
N VAL D 395 44.26 15.37 -40.37
CA VAL D 395 45.19 14.67 -39.49
C VAL D 395 46.07 13.73 -40.31
N GLU D 396 47.38 13.98 -40.30
CA GLU D 396 48.31 13.23 -41.12
C GLU D 396 48.41 11.75 -40.73
N ARG D 397 48.54 11.49 -39.43
CA ARG D 397 48.66 10.12 -38.96
C ARG D 397 48.17 9.95 -37.52
N PHE D 398 48.06 8.69 -37.09
CA PHE D 398 47.46 8.37 -35.80
C PHE D 398 48.42 7.64 -34.87
N ASP D 399 49.72 7.83 -35.06
CA ASP D 399 50.71 7.20 -34.18
C ASP D 399 51.48 8.22 -33.34
N ARG D 400 50.98 9.46 -33.33
CA ARG D 400 51.51 10.49 -32.44
C ARG D 400 50.51 11.65 -32.27
N ILE D 401 50.87 12.62 -31.45
CA ILE D 401 50.02 13.76 -31.17
C ILE D 401 50.59 15.05 -31.76
#